data_8CA0
#
_entry.id   8CA0
#
_cell.length_a   1.000
_cell.length_b   1.000
_cell.length_c   1.000
_cell.angle_alpha   90.00
_cell.angle_beta   90.00
_cell.angle_gamma   90.00
#
_symmetry.space_group_name_H-M   'P 1'
#
loop_
_entity.id
_entity.type
_entity.pdbx_description
1 polymer 'Macrophage migration inhibitory factor'
2 non-polymer 1-ethyl-9-methyl-3,7-dipyrrolidin-1-yl-phenothiazine
#
_entity_poly.entity_id   1
_entity_poly.type   'polypeptide(L)'
_entity_poly.pdbx_seq_one_letter_code
;PMFIVNTNVPRASVPDGFLSELTQQLAQATGKPPQYIAVHVVPDQLMAFGGSSEPCALCSLHSIGKIGGAQNRSYSKLLC
GLLAERLRISPDRVYINYYDMNAANVGWNNSTFA
;
_entity_poly.pdbx_strand_id   A,B,C
#
loop_
_chem_comp.id
_chem_comp.type
_chem_comp.name
_chem_comp.formula
VIU non-polymer 1-ethyl-9-methyl-3,7-dipyrrolidin-1-yl-phenothiazine 'C23 H29 N3 S'
#
# COMPACT_ATOMS: atom_id res chain seq x y z
N PRO A 1 -16.00 4.43 4.77
CA PRO A 1 -14.96 3.42 4.50
C PRO A 1 -14.32 3.68 3.15
N MET A 2 -13.17 3.08 2.91
CA MET A 2 -12.45 3.24 1.65
C MET A 2 -12.04 1.89 1.09
N PHE A 3 -12.31 1.67 -0.20
CA PHE A 3 -11.98 0.43 -0.86
C PHE A 3 -11.17 0.67 -2.13
N ILE A 4 -10.12 -0.10 -2.31
CA ILE A 4 -9.28 0.01 -3.49
C ILE A 4 -9.11 -1.36 -4.15
N VAL A 5 -9.19 -1.38 -5.48
CA VAL A 5 -9.06 -2.62 -6.22
C VAL A 5 -7.82 -2.60 -7.12
N ASN A 6 -6.93 -3.56 -6.88
CA ASN A 6 -5.69 -3.68 -7.65
C ASN A 6 -5.73 -4.98 -8.45
N THR A 7 -5.52 -4.90 -9.75
CA THR A 7 -5.55 -6.10 -10.58
C THR A 7 -4.63 -5.97 -11.80
N ASN A 8 -4.22 -7.12 -12.32
CA ASN A 8 -3.34 -7.17 -13.49
C ASN A 8 -4.12 -7.01 -14.79
N VAL A 9 -5.45 -7.05 -14.67
CA VAL A 9 -6.33 -6.90 -15.82
C VAL A 9 -6.18 -5.52 -16.44
N PRO A 10 -5.98 -5.46 -17.77
CA PRO A 10 -5.82 -4.19 -18.49
C PRO A 10 -7.11 -3.37 -18.47
N ARG A 11 -6.97 -2.05 -18.52
CA ARG A 11 -8.12 -1.14 -18.49
C ARG A 11 -9.08 -1.42 -19.65
N ALA A 12 -8.54 -1.93 -20.74
CA ALA A 12 -9.33 -2.24 -21.92
C ALA A 12 -10.40 -3.31 -21.63
N SER A 13 -10.07 -4.22 -20.74
CA SER A 13 -10.99 -5.29 -20.38
C SER A 13 -11.81 -4.94 -19.14
N VAL A 14 -11.59 -3.76 -18.61
CA VAL A 14 -12.31 -3.29 -17.42
C VAL A 14 -13.55 -2.51 -17.85
N PRO A 15 -14.74 -2.99 -17.48
CA PRO A 15 -16.01 -2.33 -17.82
C PRO A 15 -16.29 -1.12 -16.94
N ASP A 16 -17.49 -0.58 -17.05
CA ASP A 16 -17.89 0.57 -16.27
C ASP A 16 -19.10 0.24 -15.39
N GLY A 17 -19.28 1.00 -14.33
CA GLY A 17 -20.39 0.79 -13.42
C GLY A 17 -19.95 0.10 -12.15
N PHE A 18 -18.71 -0.38 -12.15
CA PHE A 18 -18.15 -1.06 -10.99
C PHE A 18 -18.02 -0.10 -9.82
N LEU A 19 -17.75 1.17 -10.14
CA LEU A 19 -17.61 2.21 -9.13
C LEU A 19 -18.92 2.42 -8.38
N SER A 20 -19.99 2.70 -9.12
CA SER A 20 -21.30 2.92 -8.55
C SER A 20 -21.77 1.71 -7.77
N GLU A 21 -21.66 0.54 -8.39
CA GLU A 21 -22.07 -0.71 -7.76
C GLU A 21 -21.37 -0.90 -6.42
N LEU A 22 -20.04 -0.78 -6.43
CA LEU A 22 -19.26 -0.94 -5.21
C LEU A 22 -19.68 0.07 -4.15
N THR A 23 -19.98 1.30 -4.58
CA THR A 23 -20.40 2.34 -3.65
C THR A 23 -21.70 1.96 -2.94
N GLN A 24 -22.68 1.50 -3.71
CA GLN A 24 -23.98 1.11 -3.17
C GLN A 24 -23.89 -0.17 -2.35
N GLN A 25 -23.20 -1.19 -2.88
CA GLN A 25 -23.06 -2.47 -2.19
C GLN A 25 -22.34 -2.30 -0.86
N LEU A 26 -21.22 -1.59 -0.87
CA LEU A 26 -20.44 -1.37 0.35
C LEU A 26 -21.20 -0.55 1.38
N ALA A 27 -21.95 0.45 0.91
CA ALA A 27 -22.72 1.31 1.81
C ALA A 27 -23.70 0.48 2.64
N GLN A 28 -24.43 -0.40 1.96
CA GLN A 28 -25.42 -1.25 2.61
C GLN A 28 -24.76 -2.42 3.36
N ALA A 29 -23.49 -2.67 3.05
CA ALA A 29 -22.75 -3.76 3.71
C ALA A 29 -22.14 -3.28 5.03
N THR A 30 -21.47 -2.14 4.98
CA THR A 30 -20.81 -1.58 6.17
C THR A 30 -21.81 -0.86 7.08
N GLY A 31 -22.95 -0.47 6.51
CA GLY A 31 -23.96 0.23 7.28
C GLY A 31 -23.68 1.71 7.42
N LYS A 32 -23.10 2.28 6.37
CA LYS A 32 -22.77 3.70 6.35
C LYS A 32 -23.26 4.32 5.05
N PRO A 33 -23.67 5.59 5.08
CA PRO A 33 -24.15 6.31 3.89
C PRO A 33 -23.08 6.34 2.80
N PRO A 34 -23.50 6.28 1.52
CA PRO A 34 -22.59 6.31 0.37
C PRO A 34 -21.71 7.56 0.33
N GLN A 35 -22.12 8.56 1.11
CA GLN A 35 -21.38 9.82 1.20
C GLN A 35 -20.02 9.62 1.87
N TYR A 36 -19.90 8.52 2.62
CA TYR A 36 -18.66 8.21 3.32
C TYR A 36 -17.91 7.07 2.63
N ILE A 37 -18.33 6.73 1.42
CA ILE A 37 -17.70 5.66 0.68
C ILE A 37 -16.67 6.19 -0.31
N ALA A 38 -15.44 5.73 -0.15
CA ALA A 38 -14.36 6.14 -1.03
C ALA A 38 -13.93 4.96 -1.89
N VAL A 39 -13.92 5.16 -3.20
CA VAL A 39 -13.54 4.10 -4.12
C VAL A 39 -12.30 4.48 -4.94
N HIS A 40 -11.32 3.59 -4.92
CA HIS A 40 -10.07 3.79 -5.66
C HIS A 40 -9.88 2.64 -6.65
N VAL A 41 -9.54 2.97 -7.89
CA VAL A 41 -9.35 1.94 -8.90
C VAL A 41 -8.07 2.17 -9.70
N VAL A 42 -7.35 1.09 -9.97
CA VAL A 42 -6.12 1.15 -10.74
C VAL A 42 -5.85 -0.17 -11.48
N PRO A 43 -6.12 -0.20 -12.79
CA PRO A 43 -5.92 -1.38 -13.61
C PRO A 43 -4.52 -1.43 -14.22
N ASP A 44 -4.23 -2.52 -14.94
CA ASP A 44 -2.93 -2.73 -15.58
C ASP A 44 -1.78 -2.69 -14.58
N GLN A 45 -1.65 -3.75 -13.82
CA GLN A 45 -0.61 -3.85 -12.81
C GLN A 45 0.27 -5.07 -13.07
N LEU A 46 1.55 -4.94 -12.79
CA LEU A 46 2.49 -6.04 -13.00
C LEU A 46 2.53 -6.99 -11.81
N MET A 47 1.51 -7.83 -11.71
CA MET A 47 1.42 -8.80 -10.63
C MET A 47 1.28 -10.22 -11.18
N ALA A 48 1.83 -11.18 -10.45
CA ALA A 48 1.77 -12.57 -10.86
C ALA A 48 1.56 -13.49 -9.66
N PHE A 49 0.54 -14.33 -9.73
CA PHE A 49 0.24 -15.24 -8.65
C PHE A 49 0.83 -16.62 -8.93
N GLY A 50 1.44 -17.21 -7.91
CA GLY A 50 2.02 -18.54 -8.06
C GLY A 50 3.24 -18.55 -8.96
N GLY A 51 3.84 -17.38 -9.13
CA GLY A 51 5.03 -17.26 -9.98
C GLY A 51 4.71 -17.50 -11.44
N SER A 52 3.43 -17.42 -11.78
CA SER A 52 2.98 -17.63 -13.16
C SER A 52 2.11 -16.45 -13.59
N SER A 53 1.79 -16.40 -14.89
CA SER A 53 0.96 -15.35 -15.44
C SER A 53 -0.53 -15.60 -15.14
N GLU A 54 -0.81 -15.94 -13.89
CA GLU A 54 -2.17 -16.20 -13.45
C GLU A 54 -2.82 -14.92 -12.96
N PRO A 55 -4.07 -14.67 -13.38
CA PRO A 55 -4.82 -13.47 -12.98
C PRO A 55 -5.01 -13.40 -11.47
N CYS A 56 -4.78 -12.22 -10.91
CA CYS A 56 -4.92 -12.01 -9.48
C CYS A 56 -5.78 -10.79 -9.20
N ALA A 57 -6.40 -10.75 -8.02
CA ALA A 57 -7.23 -9.62 -7.64
C ALA A 57 -6.98 -9.22 -6.20
N LEU A 58 -6.47 -8.01 -6.00
CA LEU A 58 -6.20 -7.51 -4.66
C LEU A 58 -7.29 -6.55 -4.23
N CYS A 59 -8.01 -6.91 -3.18
CA CYS A 59 -9.08 -6.07 -2.68
C CYS A 59 -8.76 -5.59 -1.26
N SER A 60 -8.64 -4.29 -1.09
CA SER A 60 -8.35 -3.73 0.21
C SER A 60 -9.48 -2.85 0.70
N LEU A 61 -9.96 -3.13 1.90
CA LEU A 61 -11.04 -2.36 2.49
C LEU A 61 -10.62 -1.80 3.83
N HIS A 62 -10.90 -0.52 4.04
CA HIS A 62 -10.55 0.13 5.29
C HIS A 62 -11.78 0.73 5.96
N SER A 63 -12.21 0.10 7.05
CA SER A 63 -13.37 0.55 7.79
C SER A 63 -13.17 0.28 9.28
N ILE A 64 -13.70 1.15 10.11
CA ILE A 64 -13.58 1.00 11.55
C ILE A 64 -14.90 0.52 12.17
N GLY A 65 -14.82 -0.58 12.91
CA GLY A 65 -16.01 -1.11 13.56
C GLY A 65 -16.73 -2.12 12.68
N LYS A 66 -17.49 -3.02 13.32
CA LYS A 66 -18.23 -4.06 12.61
C LYS A 66 -17.30 -5.00 11.86
N ILE A 67 -16.20 -5.37 12.51
CA ILE A 67 -15.23 -6.26 11.90
C ILE A 67 -15.04 -7.52 12.75
N GLY A 68 -14.82 -8.64 12.08
CA GLY A 68 -14.63 -9.90 12.76
C GLY A 68 -14.04 -10.94 11.83
N GLY A 69 -13.33 -11.91 12.39
CA GLY A 69 -12.73 -12.96 11.57
C GLY A 69 -13.75 -13.85 10.91
N ALA A 70 -14.77 -14.23 11.67
CA ALA A 70 -15.83 -15.09 11.16
C ALA A 70 -16.72 -14.33 10.17
N GLN A 71 -16.92 -13.04 10.45
CA GLN A 71 -17.76 -12.20 9.59
C GLN A 71 -17.06 -11.91 8.27
N ASN A 72 -15.73 -12.01 8.28
CA ASN A 72 -14.92 -11.75 7.09
C ASN A 72 -15.36 -12.61 5.90
N ARG A 73 -15.79 -13.84 6.17
CA ARG A 73 -16.23 -14.74 5.11
C ARG A 73 -17.49 -14.21 4.45
N SER A 74 -18.46 -13.80 5.26
CA SER A 74 -19.73 -13.27 4.77
C SER A 74 -19.52 -11.96 4.00
N TYR A 75 -18.63 -11.12 4.50
CA TYR A 75 -18.33 -9.84 3.85
C TYR A 75 -17.74 -10.08 2.47
N SER A 76 -16.75 -10.96 2.42
CA SER A 76 -16.07 -11.30 1.18
C SER A 76 -16.98 -12.08 0.23
N LYS A 77 -17.92 -12.83 0.78
CA LYS A 77 -18.85 -13.62 -0.02
C LYS A 77 -19.72 -12.72 -0.89
N LEU A 78 -19.94 -11.49 -0.42
CA LEU A 78 -20.73 -10.52 -1.16
C LEU A 78 -19.88 -9.80 -2.22
N LEU A 79 -18.57 -9.82 -2.01
CA LEU A 79 -17.64 -9.16 -2.90
C LEU A 79 -17.14 -10.12 -3.98
N CYS A 80 -16.91 -11.38 -3.61
CA CYS A 80 -16.41 -12.36 -4.57
C CYS A 80 -17.35 -12.53 -5.76
N GLY A 81 -18.65 -12.47 -5.49
CA GLY A 81 -19.63 -12.61 -6.55
C GLY A 81 -19.52 -11.50 -7.57
N LEU A 82 -19.22 -10.30 -7.08
CA LEU A 82 -19.08 -9.14 -7.95
C LEU A 82 -17.86 -9.27 -8.85
N LEU A 83 -16.71 -9.58 -8.26
CA LEU A 83 -15.48 -9.72 -9.02
C LEU A 83 -15.51 -10.92 -9.96
N ALA A 84 -16.12 -12.01 -9.52
CA ALA A 84 -16.22 -13.22 -10.33
C ALA A 84 -17.15 -13.04 -11.52
N GLU A 85 -18.08 -12.10 -11.38
CA GLU A 85 -19.04 -11.82 -12.44
C GLU A 85 -18.49 -10.76 -13.40
N ARG A 86 -17.84 -9.74 -12.84
CA ARG A 86 -17.30 -8.66 -13.64
C ARG A 86 -15.94 -9.01 -14.27
N LEU A 87 -14.95 -9.30 -13.44
CA LEU A 87 -13.62 -9.63 -13.94
C LEU A 87 -13.46 -11.12 -14.23
N ARG A 88 -14.37 -11.90 -13.65
CA ARG A 88 -14.39 -13.36 -13.83
C ARG A 88 -13.24 -14.07 -13.11
N ILE A 89 -12.53 -13.34 -12.26
CA ILE A 89 -11.43 -13.91 -11.51
C ILE A 89 -11.97 -14.73 -10.34
N SER A 90 -11.31 -15.84 -10.02
CA SER A 90 -11.73 -16.69 -8.93
C SER A 90 -11.26 -16.13 -7.58
N PRO A 91 -12.14 -16.21 -6.55
CA PRO A 91 -11.84 -15.72 -5.19
C PRO A 91 -10.59 -16.36 -4.58
N ASP A 92 -10.17 -17.49 -5.15
CA ASP A 92 -8.98 -18.19 -4.68
C ASP A 92 -7.75 -17.31 -4.84
N ARG A 93 -7.75 -16.47 -5.87
CA ARG A 93 -6.63 -15.58 -6.14
C ARG A 93 -6.91 -14.17 -5.61
N VAL A 94 -7.84 -14.06 -4.68
CA VAL A 94 -8.20 -12.78 -4.12
C VAL A 94 -7.73 -12.65 -2.67
N TYR A 95 -6.99 -11.59 -2.40
CA TYR A 95 -6.50 -11.32 -1.06
C TYR A 95 -7.16 -10.06 -0.52
N ILE A 96 -7.86 -10.19 0.60
CA ILE A 96 -8.55 -9.07 1.21
C ILE A 96 -7.68 -8.41 2.29
N ASN A 97 -7.27 -7.17 2.03
CA ASN A 97 -6.44 -6.42 2.98
C ASN A 97 -7.31 -5.59 3.90
N TYR A 98 -7.05 -5.66 5.20
CA TYR A 98 -7.81 -4.93 6.19
C TYR A 98 -6.92 -4.43 7.32
N TYR A 99 -7.55 -3.81 8.32
CA TYR A 99 -6.85 -3.28 9.48
C TYR A 99 -7.78 -3.33 10.69
N ASP A 100 -7.21 -3.36 11.88
CA ASP A 100 -8.01 -3.41 13.12
C ASP A 100 -7.46 -2.45 14.15
N MET A 101 -6.59 -1.55 13.70
CA MET A 101 -5.97 -0.55 14.58
C MET A 101 -7.03 0.28 15.31
N ASN A 102 -6.68 0.70 16.52
CA ASN A 102 -7.58 1.49 17.37
C ASN A 102 -8.05 2.77 16.67
N ALA A 103 -9.29 3.15 16.94
CA ALA A 103 -9.89 4.33 16.34
C ALA A 103 -9.30 5.63 16.90
N ALA A 104 -8.39 5.50 17.86
CA ALA A 104 -7.72 6.65 18.46
C ALA A 104 -6.95 7.42 17.41
N ASN A 105 -6.39 6.70 16.45
CA ASN A 105 -5.61 7.31 15.39
C ASN A 105 -6.43 7.36 14.10
N VAL A 106 -7.74 7.31 14.25
CA VAL A 106 -8.64 7.35 13.11
C VAL A 106 -9.50 8.62 13.14
N GLY A 107 -9.19 9.56 12.27
CA GLY A 107 -9.93 10.80 12.20
C GLY A 107 -10.16 11.23 10.77
N TRP A 108 -10.85 12.34 10.59
CA TRP A 108 -11.13 12.85 9.26
C TRP A 108 -11.03 14.37 9.24
N ASN A 109 -10.61 14.91 8.10
CA ASN A 109 -10.47 16.36 7.92
C ASN A 109 -9.41 16.96 8.84
N ASN A 110 -8.20 17.16 8.28
CA ASN A 110 -7.07 17.73 9.02
C ASN A 110 -6.51 16.74 10.06
N SER A 111 -6.93 15.49 9.94
CA SER A 111 -6.48 14.45 10.86
C SER A 111 -5.88 13.27 10.08
N THR A 112 -5.57 12.20 10.79
CA THR A 112 -4.99 11.02 10.16
C THR A 112 -5.92 9.83 10.25
N PHE A 113 -5.81 8.94 9.28
CA PHE A 113 -6.58 7.72 9.23
C PHE A 113 -5.65 6.56 9.56
N ALA A 114 -6.21 5.38 9.80
CA ALA A 114 -5.41 4.21 10.11
C ALA A 114 -5.57 3.12 9.06
N PRO B 1 -3.73 2.44 3.64
CA PRO B 1 -3.61 2.16 2.19
C PRO B 1 -3.34 0.67 1.97
N MET B 2 -3.39 0.24 0.72
CA MET B 2 -3.15 -1.16 0.39
C MET B 2 -1.67 -1.45 0.27
N PHE B 3 -1.32 -2.74 0.19
CA PHE B 3 0.07 -3.15 0.06
C PHE B 3 0.48 -3.20 -1.42
N ILE B 4 1.64 -2.64 -1.72
CA ILE B 4 2.14 -2.60 -3.08
C ILE B 4 3.62 -2.21 -3.09
N VAL B 5 4.37 -2.71 -4.05
CA VAL B 5 5.79 -2.41 -4.17
C VAL B 5 6.03 -1.45 -5.33
N ASN B 6 6.61 -0.29 -5.02
CA ASN B 6 6.90 0.71 -6.04
C ASN B 6 8.38 1.05 -6.07
N THR B 7 8.84 1.58 -7.19
CA THR B 7 10.23 1.97 -7.35
C THR B 7 10.39 2.92 -8.54
N ASN B 8 11.42 3.76 -8.49
CA ASN B 8 11.67 4.72 -9.56
C ASN B 8 12.47 4.12 -10.71
N VAL B 9 12.95 2.90 -10.53
CA VAL B 9 13.73 2.24 -11.57
C VAL B 9 12.81 1.80 -12.71
N PRO B 10 13.21 2.09 -13.96
CA PRO B 10 12.41 1.73 -15.15
C PRO B 10 12.25 0.22 -15.32
N ARG B 11 11.20 -0.16 -16.04
CA ARG B 11 10.91 -1.58 -16.29
C ARG B 11 11.98 -2.21 -17.17
N ALA B 12 12.66 -1.38 -17.95
CA ALA B 12 13.72 -1.85 -18.85
C ALA B 12 14.92 -2.43 -18.09
N SER B 13 15.02 -2.11 -16.81
CA SER B 13 16.13 -2.60 -15.99
C SER B 13 15.83 -3.99 -15.42
N VAL B 14 14.60 -4.47 -15.65
CA VAL B 14 14.18 -5.78 -15.15
C VAL B 14 14.49 -6.86 -16.17
N PRO B 15 15.37 -7.82 -15.81
CA PRO B 15 15.76 -8.92 -16.69
C PRO B 15 14.73 -10.05 -16.70
N ASP B 16 14.85 -10.95 -17.66
CA ASP B 16 13.95 -12.08 -17.77
C ASP B 16 14.28 -13.14 -16.73
N GLY B 17 13.25 -13.81 -16.22
CA GLY B 17 13.46 -14.83 -15.23
C GLY B 17 13.57 -14.28 -13.82
N PHE B 18 13.49 -12.96 -13.70
CA PHE B 18 13.58 -12.29 -12.41
C PHE B 18 12.45 -12.75 -11.49
N LEU B 19 11.25 -12.80 -12.04
CA LEU B 19 10.07 -13.22 -11.27
C LEU B 19 10.16 -14.68 -10.84
N SER B 20 10.94 -15.47 -11.58
CA SER B 20 11.09 -16.88 -11.27
C SER B 20 11.95 -17.10 -10.04
N GLU B 21 13.20 -16.62 -10.09
CA GLU B 21 14.13 -16.78 -8.98
C GLU B 21 13.67 -16.01 -7.74
N LEU B 22 13.00 -14.87 -7.96
CA LEU B 22 12.49 -14.06 -6.86
C LEU B 22 11.50 -14.88 -6.03
N THR B 23 10.51 -15.46 -6.71
CA THR B 23 9.50 -16.27 -6.04
C THR B 23 10.12 -17.55 -5.49
N GLN B 24 11.03 -18.13 -6.27
CA GLN B 24 11.70 -19.36 -5.87
C GLN B 24 12.45 -19.18 -4.55
N GLN B 25 13.26 -18.14 -4.47
CA GLN B 25 14.04 -17.86 -3.28
C GLN B 25 13.14 -17.45 -2.12
N LEU B 26 12.11 -16.68 -2.42
CA LEU B 26 11.16 -16.23 -1.40
C LEU B 26 10.46 -17.42 -0.78
N ALA B 27 9.98 -18.32 -1.64
CA ALA B 27 9.28 -19.52 -1.18
C ALA B 27 10.22 -20.44 -0.41
N GLN B 28 11.44 -20.57 -0.91
CA GLN B 28 12.43 -21.43 -0.27
C GLN B 28 12.75 -20.94 1.14
N ALA B 29 12.83 -19.63 1.31
CA ALA B 29 13.14 -19.03 2.60
C ALA B 29 11.94 -19.07 3.54
N THR B 30 10.79 -18.64 3.03
CA THR B 30 9.56 -18.61 3.82
C THR B 30 9.11 -20.03 4.21
N GLY B 31 9.32 -20.98 3.30
CA GLY B 31 8.93 -22.35 3.55
C GLY B 31 7.48 -22.59 3.19
N LYS B 32 6.92 -21.67 2.42
CA LYS B 32 5.54 -21.77 1.99
C LYS B 32 5.45 -21.97 0.49
N PRO B 33 4.44 -22.71 0.02
CA PRO B 33 4.24 -22.98 -1.40
C PRO B 33 4.11 -21.69 -2.23
N PRO B 34 4.85 -21.62 -3.35
CA PRO B 34 4.84 -20.44 -4.24
C PRO B 34 3.47 -20.17 -4.84
N GLN B 35 2.60 -21.18 -4.80
CA GLN B 35 1.27 -21.08 -5.34
C GLN B 35 0.36 -20.23 -4.45
N TYR B 36 0.79 -19.99 -3.22
CA TYR B 36 -0.01 -19.22 -2.27
C TYR B 36 0.48 -17.77 -2.18
N ILE B 37 1.62 -17.49 -2.78
CA ILE B 37 2.19 -16.15 -2.75
C ILE B 37 2.13 -15.50 -4.13
N ALA B 38 2.15 -14.18 -4.16
CA ALA B 38 2.10 -13.44 -5.40
C ALA B 38 3.13 -12.32 -5.41
N VAL B 39 3.67 -12.03 -6.58
CA VAL B 39 4.68 -10.99 -6.72
C VAL B 39 4.07 -9.77 -7.42
N HIS B 40 4.22 -8.61 -6.81
CA HIS B 40 3.69 -7.37 -7.36
C HIS B 40 4.73 -6.27 -7.25
N VAL B 41 5.02 -5.60 -8.36
CA VAL B 41 5.99 -4.52 -8.39
C VAL B 41 5.70 -3.54 -9.52
N VAL B 42 5.53 -2.28 -9.16
CA VAL B 42 5.26 -1.24 -10.13
C VAL B 42 6.45 -0.31 -10.24
N PRO B 43 7.27 -0.48 -11.29
CA PRO B 43 8.46 0.34 -11.52
C PRO B 43 8.14 1.61 -12.30
N ASP B 44 9.18 2.35 -12.66
CA ASP B 44 9.05 3.58 -13.42
C ASP B 44 8.22 4.63 -12.68
N GLN B 45 8.63 4.96 -11.46
CA GLN B 45 7.94 5.95 -10.64
C GLN B 45 8.93 7.05 -10.23
N LEU B 46 8.56 7.83 -9.23
CA LEU B 46 9.42 8.92 -8.75
C LEU B 46 9.59 8.88 -7.24
N MET B 47 10.82 8.73 -6.79
CA MET B 47 11.14 8.68 -5.37
C MET B 47 12.53 9.24 -5.10
N ALA B 48 12.78 9.58 -3.85
CA ALA B 48 14.07 10.11 -3.44
C ALA B 48 14.37 9.75 -2.00
N PHE B 49 15.63 9.91 -1.61
CA PHE B 49 16.04 9.59 -0.25
C PHE B 49 17.20 10.49 0.17
N GLY B 50 16.94 11.36 1.15
CA GLY B 50 17.97 12.26 1.63
C GLY B 50 18.26 13.38 0.66
N GLY B 51 17.28 13.72 -0.16
CA GLY B 51 17.47 14.76 -1.15
C GLY B 51 17.87 14.20 -2.50
N SER B 52 18.64 13.12 -2.45
CA SER B 52 19.12 12.46 -3.64
C SER B 52 18.00 11.74 -4.37
N SER B 53 17.81 12.07 -5.63
CA SER B 53 16.76 11.45 -6.45
C SER B 53 17.25 10.14 -7.06
N GLU B 54 18.17 9.49 -6.37
CA GLU B 54 18.74 8.22 -6.81
C GLU B 54 17.73 7.09 -6.70
N PRO B 55 17.91 6.01 -7.48
CA PRO B 55 17.02 4.85 -7.45
C PRO B 55 16.89 4.27 -6.05
N CYS B 56 15.66 4.10 -5.60
CA CYS B 56 15.39 3.56 -4.28
C CYS B 56 14.39 2.41 -4.39
N ALA B 57 14.15 1.72 -3.27
CA ALA B 57 13.22 0.62 -3.27
C ALA B 57 12.48 0.49 -1.94
N LEU B 58 11.21 0.15 -2.04
CA LEU B 58 10.35 -0.04 -0.88
C LEU B 58 9.60 -1.34 -1.06
N CYS B 59 9.65 -2.22 -0.06
CA CYS B 59 8.97 -3.50 -0.17
C CYS B 59 8.36 -3.96 1.14
N SER B 60 7.18 -4.55 1.05
CA SER B 60 6.47 -5.06 2.21
C SER B 60 6.63 -6.57 2.30
N LEU B 61 7.02 -7.06 3.46
CA LEU B 61 7.20 -8.49 3.64
C LEU B 61 6.08 -9.05 4.50
N HIS B 62 4.94 -9.29 3.89
CA HIS B 62 3.78 -9.83 4.58
C HIS B 62 3.79 -11.35 4.55
N SER B 63 3.77 -11.94 5.73
CA SER B 63 3.77 -13.39 5.85
C SER B 63 3.12 -13.81 7.17
N ILE B 64 3.26 -15.07 7.53
CA ILE B 64 2.70 -15.59 8.76
C ILE B 64 3.66 -16.61 9.39
N GLY B 65 4.34 -16.19 10.44
CA GLY B 65 5.27 -17.07 11.11
C GLY B 65 6.71 -16.81 10.71
N LYS B 66 7.63 -17.45 11.41
CA LYS B 66 9.07 -17.31 11.18
C LYS B 66 9.56 -15.92 11.53
N ILE B 67 8.93 -15.32 12.53
CA ILE B 67 9.31 -13.99 12.98
C ILE B 67 10.30 -14.09 14.14
N GLY B 68 11.39 -13.35 14.01
CA GLY B 68 12.42 -13.37 15.03
C GLY B 68 13.58 -12.48 14.66
N GLY B 69 14.37 -12.07 15.64
CA GLY B 69 15.51 -11.20 15.38
C GLY B 69 16.46 -11.77 14.34
N ALA B 70 16.85 -13.02 14.54
CA ALA B 70 17.77 -13.68 13.62
C ALA B 70 17.09 -13.97 12.28
N GLN B 71 15.86 -14.44 12.35
CA GLN B 71 15.09 -14.77 11.15
C GLN B 71 14.89 -13.55 10.26
N ASN B 72 14.45 -12.45 10.87
CA ASN B 72 14.22 -11.22 10.13
C ASN B 72 15.51 -10.72 9.50
N ARG B 73 16.61 -10.91 10.21
CA ARG B 73 17.92 -10.48 9.74
C ARG B 73 18.32 -11.29 8.50
N SER B 74 17.97 -12.57 8.47
CA SER B 74 18.29 -13.42 7.34
C SER B 74 17.55 -12.97 6.10
N TYR B 75 16.28 -12.62 6.27
CA TYR B 75 15.44 -12.16 5.16
C TYR B 75 15.98 -10.87 4.55
N SER B 76 16.49 -9.99 5.41
CA SER B 76 17.03 -8.71 4.95
C SER B 76 18.18 -8.93 3.96
N LYS B 77 19.07 -9.84 4.29
CA LYS B 77 20.22 -10.14 3.44
C LYS B 77 19.78 -10.82 2.15
N LEU B 78 18.78 -11.69 2.25
CA LEU B 78 18.27 -12.41 1.09
C LEU B 78 17.61 -11.47 0.08
N LEU B 79 16.80 -10.55 0.59
CA LEU B 79 16.10 -9.60 -0.26
C LEU B 79 17.05 -8.60 -0.91
N CYS B 80 17.82 -7.90 -0.08
CA CYS B 80 18.77 -6.91 -0.58
C CYS B 80 19.84 -7.56 -1.46
N GLY B 81 20.20 -8.78 -1.14
CA GLY B 81 21.21 -9.49 -1.90
C GLY B 81 20.75 -9.77 -3.32
N LEU B 82 19.57 -10.35 -3.46
CA LEU B 82 19.02 -10.67 -4.77
C LEU B 82 18.69 -9.40 -5.55
N LEU B 83 18.11 -8.42 -4.86
CA LEU B 83 17.74 -7.16 -5.48
C LEU B 83 18.97 -6.44 -6.05
N ALA B 84 20.07 -6.48 -5.31
CA ALA B 84 21.30 -5.82 -5.72
C ALA B 84 21.95 -6.50 -6.92
N GLU B 85 21.59 -7.76 -7.15
CA GLU B 85 22.16 -8.52 -8.25
C GLU B 85 21.23 -8.57 -9.46
N ARG B 86 19.93 -8.50 -9.24
CA ARG B 86 18.98 -8.53 -10.34
C ARG B 86 18.62 -7.14 -10.83
N LEU B 87 18.24 -6.27 -9.91
CA LEU B 87 17.86 -4.91 -10.26
C LEU B 87 19.01 -3.94 -10.01
N ARG B 88 20.08 -4.46 -9.42
CA ARG B 88 21.29 -3.68 -9.13
C ARG B 88 20.98 -2.49 -8.22
N ILE B 89 20.19 -2.74 -7.18
CA ILE B 89 19.83 -1.69 -6.23
C ILE B 89 20.61 -1.85 -4.93
N SER B 90 21.17 -0.75 -4.44
CA SER B 90 21.95 -0.76 -3.20
C SER B 90 21.08 -1.16 -2.00
N PRO B 91 21.64 -2.01 -1.10
CA PRO B 91 20.93 -2.48 0.10
C PRO B 91 20.59 -1.35 1.06
N ASP B 92 21.33 -0.25 0.95
CA ASP B 92 21.11 0.91 1.80
C ASP B 92 20.08 1.84 1.17
N ARG B 93 19.56 1.46 0.01
CA ARG B 93 18.57 2.26 -0.68
C ARG B 93 17.24 1.53 -0.77
N VAL B 94 17.14 0.42 -0.04
CA VAL B 94 15.93 -0.38 -0.02
C VAL B 94 15.41 -0.55 1.40
N TYR B 95 14.12 -0.34 1.58
CA TYR B 95 13.50 -0.48 2.89
C TYR B 95 12.53 -1.65 2.91
N ILE B 96 12.76 -2.56 3.83
CA ILE B 96 11.91 -3.74 3.98
C ILE B 96 11.10 -3.64 5.27
N ASN B 97 9.78 -3.81 5.16
CA ASN B 97 8.92 -3.76 6.33
C ASN B 97 8.20 -5.09 6.49
N TYR B 98 8.51 -5.80 7.57
CA TYR B 98 7.92 -7.10 7.84
C TYR B 98 6.54 -6.97 8.46
N TYR B 99 5.63 -7.82 8.02
CA TYR B 99 4.26 -7.83 8.52
C TYR B 99 3.82 -9.27 8.79
N ASP B 100 3.46 -9.55 10.03
CA ASP B 100 3.01 -10.88 10.44
C ASP B 100 1.49 -10.92 10.50
N MET B 101 0.91 -12.07 10.19
CA MET B 101 -0.53 -12.24 10.21
C MET B 101 -0.94 -13.32 11.21
N ASN B 102 -2.19 -13.28 11.64
CA ASN B 102 -2.71 -14.25 12.60
C ASN B 102 -2.85 -15.61 11.93
N ALA B 103 -2.70 -16.67 12.73
CA ALA B 103 -2.81 -18.03 12.21
C ALA B 103 -4.21 -18.30 11.68
N ALA B 104 -5.21 -17.72 12.34
CA ALA B 104 -6.60 -17.90 11.92
C ALA B 104 -6.96 -16.89 10.83
N ASN B 105 -6.03 -16.00 10.53
CA ASN B 105 -6.26 -14.98 9.51
C ASN B 105 -5.49 -15.29 8.23
N VAL B 106 -5.57 -16.55 7.81
CA VAL B 106 -4.92 -16.99 6.58
C VAL B 106 -5.75 -16.56 5.39
N GLY B 107 -5.10 -16.20 4.30
CA GLY B 107 -5.80 -15.75 3.12
C GLY B 107 -6.24 -16.90 2.22
N TRP B 108 -6.45 -16.58 0.94
CA TRP B 108 -6.86 -17.55 -0.07
C TRP B 108 -8.34 -17.91 0.03
N ASN B 109 -9.10 -17.45 -0.98
CA ASN B 109 -10.54 -17.71 -1.08
C ASN B 109 -11.35 -17.08 0.06
N ASN B 110 -11.80 -15.85 -0.16
CA ASN B 110 -12.61 -15.12 0.82
C ASN B 110 -11.98 -15.11 2.22
N SER B 111 -10.86 -14.44 2.35
CA SER B 111 -10.15 -14.36 3.62
C SER B 111 -9.33 -13.08 3.71
N THR B 112 -9.19 -12.55 4.92
CA THR B 112 -8.45 -11.33 5.14
C THR B 112 -6.97 -11.61 5.42
N PHE B 113 -6.13 -10.72 4.95
CA PHE B 113 -4.69 -10.85 5.13
C PHE B 113 -4.05 -9.46 5.21
N ALA B 114 -2.81 -9.39 5.69
CA ALA B 114 -2.11 -8.11 5.80
C ALA B 114 -1.76 -7.54 4.42
N PRO C 1 -0.48 -3.88 4.86
CA PRO C 1 -0.71 -2.61 4.14
C PRO C 1 0.62 -1.99 3.73
N MET C 2 0.57 -0.83 3.09
CA MET C 2 1.78 -0.13 2.65
C MET C 2 1.54 1.38 2.68
N PHE C 3 2.55 2.12 3.11
CA PHE C 3 2.46 3.58 3.20
C PHE C 3 2.63 4.24 1.83
N ILE C 4 1.64 4.05 0.97
CA ILE C 4 1.67 4.62 -0.37
C ILE C 4 0.72 5.83 -0.45
N VAL C 5 1.16 6.86 -1.16
CA VAL C 5 0.36 8.07 -1.32
C VAL C 5 -0.33 8.05 -2.69
N ASN C 6 -1.61 8.39 -2.70
CA ASN C 6 -2.37 8.40 -3.95
C ASN C 6 -3.07 9.73 -4.16
N THR C 7 -3.23 10.13 -5.41
CA THR C 7 -3.89 11.39 -5.74
C THR C 7 -4.47 11.33 -7.15
N ASN C 8 -5.55 12.06 -7.38
CA ASN C 8 -6.19 12.10 -8.69
C ASN C 8 -5.48 13.11 -9.58
N VAL C 9 -4.61 13.92 -8.97
CA VAL C 9 -3.85 14.93 -9.70
C VAL C 9 -2.84 14.27 -10.63
N PRO C 10 -2.91 14.59 -11.94
CA PRO C 10 -1.99 14.04 -12.93
C PRO C 10 -0.65 14.76 -12.92
N ARG C 11 0.37 14.10 -13.48
CA ARG C 11 1.71 14.67 -13.55
C ARG C 11 1.75 15.95 -14.37
N ALA C 12 0.68 16.21 -15.11
CA ALA C 12 0.59 17.40 -15.94
C ALA C 12 0.12 18.62 -15.14
N SER C 13 -0.17 18.42 -13.86
CA SER C 13 -0.64 19.52 -13.01
C SER C 13 0.15 19.59 -11.70
N VAL C 14 1.28 18.91 -11.64
CA VAL C 14 2.11 18.91 -10.44
C VAL C 14 3.17 20.01 -10.49
N PRO C 15 3.49 20.59 -9.33
CA PRO C 15 4.50 21.66 -9.22
C PRO C 15 5.92 21.09 -9.21
N ASP C 16 6.87 21.89 -8.76
CA ASP C 16 8.26 21.47 -8.68
C ASP C 16 8.74 21.44 -7.24
N GLY C 17 9.70 20.58 -6.96
CA GLY C 17 10.24 20.45 -5.62
C GLY C 17 9.31 19.65 -4.72
N PHE C 18 8.47 18.82 -5.33
CA PHE C 18 7.50 18.00 -4.60
C PHE C 18 8.17 16.99 -3.68
N LEU C 19 9.36 16.51 -4.07
CA LEU C 19 10.09 15.56 -3.25
C LEU C 19 11.19 16.25 -2.47
N SER C 20 11.16 17.57 -2.44
CA SER C 20 12.15 18.35 -1.75
C SER C 20 11.54 19.17 -0.62
N GLU C 21 10.62 20.07 -0.98
CA GLU C 21 9.96 20.94 -0.01
C GLU C 21 9.13 20.14 0.99
N LEU C 22 8.41 19.15 0.48
CA LEU C 22 7.57 18.31 1.33
C LEU C 22 8.38 17.58 2.38
N THR C 23 9.42 16.88 1.95
CA THR C 23 10.27 16.14 2.86
C THR C 23 10.95 17.06 3.86
N GLN C 24 11.35 18.24 3.39
CA GLN C 24 12.00 19.22 4.24
C GLN C 24 11.07 19.64 5.37
N GLN C 25 9.83 19.97 5.00
CA GLN C 25 8.83 20.39 5.98
C GLN C 25 8.46 19.24 6.93
N LEU C 26 8.32 18.05 6.36
CA LEU C 26 7.97 16.87 7.14
C LEU C 26 9.06 16.58 8.18
N ALA C 27 10.30 16.69 7.74
CA ALA C 27 11.44 16.44 8.61
C ALA C 27 11.49 17.46 9.74
N GLN C 28 11.33 18.73 9.40
CA GLN C 28 11.37 19.80 10.39
C GLN C 28 10.19 19.69 11.36
N ALA C 29 9.03 19.32 10.85
CA ALA C 29 7.83 19.18 11.65
C ALA C 29 7.95 18.06 12.69
N THR C 30 8.53 16.94 12.28
CA THR C 30 8.69 15.80 13.17
C THR C 30 9.91 15.97 14.06
N GLY C 31 10.94 16.61 13.53
CA GLY C 31 12.16 16.80 14.27
C GLY C 31 13.16 15.72 13.94
N LYS C 32 12.91 15.04 12.82
CA LYS C 32 13.78 13.97 12.35
C LYS C 32 14.54 14.42 11.11
N PRO C 33 15.73 13.84 10.87
CA PRO C 33 16.53 14.20 9.70
C PRO C 33 15.89 13.75 8.40
N PRO C 34 15.87 14.63 7.38
CA PRO C 34 15.28 14.32 6.08
C PRO C 34 16.02 13.17 5.38
N GLN C 35 17.22 12.89 5.87
CA GLN C 35 18.03 11.81 5.32
C GLN C 35 17.48 10.45 5.72
N TYR C 36 16.62 10.44 6.74
CA TYR C 36 16.03 9.19 7.23
C TYR C 36 14.55 9.11 6.90
N ILE C 37 14.12 9.89 5.91
CA ILE C 37 12.73 9.89 5.51
C ILE C 37 12.63 9.70 3.99
N ALA C 38 12.10 8.55 3.57
CA ALA C 38 11.94 8.25 2.16
C ALA C 38 10.71 8.99 1.62
N VAL C 39 10.77 9.37 0.35
CA VAL C 39 9.65 10.08 -0.26
C VAL C 39 9.33 9.55 -1.66
N HIS C 40 8.10 9.10 -1.83
CA HIS C 40 7.64 8.55 -3.10
C HIS C 40 6.29 9.17 -3.45
N VAL C 41 5.99 9.29 -4.73
CA VAL C 41 4.72 9.88 -5.18
C VAL C 41 4.05 9.05 -6.28
N VAL C 42 2.74 8.90 -6.18
CA VAL C 42 1.96 8.15 -7.17
C VAL C 42 0.77 8.99 -7.65
N PRO C 43 0.92 9.66 -8.78
CA PRO C 43 -0.12 10.51 -9.36
C PRO C 43 -0.92 9.80 -10.46
N ASP C 44 -1.81 10.56 -11.09
CA ASP C 44 -2.64 10.06 -12.20
C ASP C 44 -3.52 8.88 -11.77
N GLN C 45 -3.96 8.89 -10.52
CA GLN C 45 -4.80 7.81 -10.01
C GLN C 45 -6.29 8.19 -10.05
N LEU C 46 -7.13 7.26 -10.47
CA LEU C 46 -8.56 7.50 -10.53
C LEU C 46 -9.21 7.10 -9.21
N MET C 47 -9.81 8.06 -8.53
CA MET C 47 -10.45 7.80 -7.25
C MET C 47 -11.62 8.74 -7.01
N ALA C 48 -12.67 8.21 -6.40
CA ALA C 48 -13.87 8.98 -6.10
C ALA C 48 -14.22 8.84 -4.62
N PHE C 49 -14.93 9.81 -4.09
CA PHE C 49 -15.33 9.79 -2.68
C PHE C 49 -16.72 10.36 -2.49
N GLY C 50 -17.60 9.58 -1.86
CA GLY C 50 -18.95 10.01 -1.61
C GLY C 50 -19.78 10.04 -2.87
N GLY C 51 -19.33 9.33 -3.89
CA GLY C 51 -20.03 9.29 -5.15
C GLY C 51 -19.54 10.38 -6.10
N SER C 52 -18.78 11.32 -5.56
CA SER C 52 -18.24 12.41 -6.35
C SER C 52 -16.90 12.02 -6.97
N SER C 53 -16.77 12.26 -8.27
CA SER C 53 -15.54 11.93 -9.00
C SER C 53 -14.52 13.06 -8.91
N GLU C 54 -14.69 13.93 -7.92
CA GLU C 54 -13.77 15.04 -7.73
C GLU C 54 -12.37 14.53 -7.39
N PRO C 55 -11.33 15.31 -7.75
CA PRO C 55 -9.93 14.93 -7.50
C PRO C 55 -9.62 14.71 -6.01
N CYS C 56 -9.71 13.47 -5.57
CA CYS C 56 -9.44 13.11 -4.19
C CYS C 56 -7.97 12.74 -4.02
N ALA C 57 -7.54 12.58 -2.77
CA ALA C 57 -6.15 12.23 -2.49
C ALA C 57 -6.02 11.63 -1.09
N LEU C 58 -5.07 10.73 -0.93
CA LEU C 58 -4.82 10.10 0.36
C LEU C 58 -3.31 10.02 0.60
N CYS C 59 -2.87 10.48 1.77
CA CYS C 59 -1.46 10.46 2.11
C CYS C 59 -1.19 9.43 3.19
N SER C 60 0.08 9.05 3.36
CA SER C 60 0.46 8.07 4.38
C SER C 60 1.93 8.25 4.76
N LEU C 61 2.30 7.72 5.92
CA LEU C 61 3.68 7.83 6.41
C LEU C 61 3.92 6.78 7.48
N HIS C 62 5.19 6.64 7.90
CA HIS C 62 5.57 5.68 8.92
C HIS C 62 6.62 6.28 9.86
N SER C 63 6.45 6.04 11.16
CA SER C 63 7.38 6.53 12.16
C SER C 63 7.41 5.60 13.37
N ILE C 64 8.60 5.42 13.94
CA ILE C 64 8.76 4.56 15.09
C ILE C 64 8.80 5.38 16.38
N GLY C 65 7.71 5.35 17.13
CA GLY C 65 7.63 6.10 18.37
C GLY C 65 7.27 7.55 18.11
N LYS C 66 6.96 8.29 19.18
CA LYS C 66 6.59 9.70 19.08
C LYS C 66 5.31 9.89 18.25
N ILE C 67 4.37 8.97 18.39
CA ILE C 67 3.11 9.06 17.66
C ILE C 67 1.92 9.05 18.61
N GLY C 68 0.81 9.60 18.16
CA GLY C 68 -0.38 9.66 18.97
C GLY C 68 -1.34 10.68 18.42
N GLY C 69 -2.51 10.79 19.02
CA GLY C 69 -3.52 11.74 18.57
C GLY C 69 -3.00 13.16 18.48
N ALA C 70 -2.34 13.63 19.54
CA ALA C 70 -1.80 14.97 19.59
C ALA C 70 -0.68 15.16 18.57
N GLN C 71 0.26 14.22 18.57
CA GLN C 71 1.40 14.29 17.65
C GLN C 71 0.94 14.25 16.19
N ASN C 72 0.08 13.30 15.87
CA ASN C 72 -0.43 13.14 14.50
C ASN C 72 -1.16 14.39 14.03
N ARG C 73 -1.98 14.95 14.91
CA ARG C 73 -2.74 16.16 14.58
C ARG C 73 -1.80 17.34 14.32
N SER C 74 -0.71 17.38 15.08
CA SER C 74 0.27 18.45 14.94
C SER C 74 0.97 18.38 13.57
N TYR C 75 0.99 17.18 13.00
CA TYR C 75 1.62 16.98 11.70
C TYR C 75 0.63 17.15 10.56
N SER C 76 -0.55 16.55 10.72
CA SER C 76 -1.58 16.61 9.69
C SER C 76 -2.00 18.05 9.37
N LYS C 77 -2.04 18.90 10.39
CA LYS C 77 -2.42 20.29 10.20
C LYS C 77 -1.47 21.00 9.24
N LEU C 78 -0.18 20.68 9.34
CA LEU C 78 0.82 21.28 8.48
C LEU C 78 0.71 20.73 7.06
N LEU C 79 0.42 19.44 6.96
CA LEU C 79 0.28 18.77 5.67
C LEU C 79 -0.91 19.29 4.88
N CYS C 80 -2.05 19.41 5.55
CA CYS C 80 -3.28 19.87 4.90
C CYS C 80 -3.10 21.26 4.30
N GLY C 81 -2.50 22.16 5.06
CA GLY C 81 -2.29 23.52 4.58
C GLY C 81 -1.32 23.59 3.42
N LEU C 82 -0.19 22.89 3.57
CA LEU C 82 0.84 22.88 2.53
C LEU C 82 0.31 22.29 1.22
N LEU C 83 -0.43 21.18 1.33
CA LEU C 83 -0.98 20.52 0.16
C LEU C 83 -2.01 21.38 -0.55
N ALA C 84 -2.88 22.02 0.23
CA ALA C 84 -3.93 22.86 -0.32
C ALA C 84 -3.36 24.05 -1.09
N GLU C 85 -2.36 24.69 -0.52
CA GLU C 85 -1.73 25.84 -1.14
C GLU C 85 -0.64 25.44 -2.14
N ARG C 86 -0.62 24.18 -2.52
CA ARG C 86 0.38 23.70 -3.46
C ARG C 86 -0.25 23.01 -4.65
N LEU C 87 -1.11 22.02 -4.40
CA LEU C 87 -1.75 21.26 -5.47
C LEU C 87 -3.15 21.77 -5.78
N ARG C 88 -3.54 22.88 -5.14
CA ARG C 88 -4.85 23.47 -5.35
C ARG C 88 -5.97 22.49 -5.02
N ILE C 89 -5.89 21.90 -3.84
CA ILE C 89 -6.88 20.94 -3.39
C ILE C 89 -7.69 21.48 -2.22
N SER C 90 -8.92 21.01 -2.09
CA SER C 90 -9.80 21.44 -1.03
C SER C 90 -9.41 20.76 0.30
N PRO C 91 -9.15 21.57 1.34
CA PRO C 91 -8.73 21.07 2.65
C PRO C 91 -9.88 20.50 3.49
N ASP C 92 -11.07 20.41 2.89
CA ASP C 92 -12.23 19.88 3.59
C ASP C 92 -12.18 18.37 3.71
N ARG C 93 -11.52 17.72 2.76
CA ARG C 93 -11.41 16.26 2.76
C ARG C 93 -9.96 15.81 2.73
N VAL C 94 -9.08 16.58 3.34
CA VAL C 94 -7.66 16.22 3.38
C VAL C 94 -7.37 15.42 4.64
N TYR C 95 -6.75 14.26 4.46
CA TYR C 95 -6.40 13.39 5.57
C TYR C 95 -5.12 12.61 5.26
N ILE C 96 -4.40 12.26 6.31
CA ILE C 96 -3.16 11.51 6.16
C ILE C 96 -3.37 10.12 6.73
N ASN C 97 -2.32 9.31 6.78
CA ASN C 97 -2.41 7.96 7.30
C ASN C 97 -1.08 7.56 7.94
N TYR C 98 -0.84 8.04 9.16
CA TYR C 98 0.38 7.73 9.88
C TYR C 98 0.27 6.36 10.53
N TYR C 99 1.32 5.58 10.44
CA TYR C 99 1.33 4.24 11.02
C TYR C 99 2.66 3.96 11.72
N ASP C 100 2.59 3.17 12.77
CA ASP C 100 3.78 2.80 13.54
C ASP C 100 4.28 1.42 13.12
N MET C 101 5.37 0.98 13.71
CA MET C 101 5.96 -0.32 13.37
C MET C 101 6.91 -0.79 14.46
N ASN C 102 7.50 -1.96 14.26
CA ASN C 102 8.44 -2.54 15.21
C ASN C 102 9.86 -2.44 14.66
N ALA C 103 10.81 -2.09 15.52
CA ALA C 103 12.21 -1.93 15.12
C ALA C 103 12.81 -3.18 14.47
N ALA C 104 12.41 -4.35 14.94
CA ALA C 104 12.92 -5.61 14.40
C ALA C 104 12.25 -5.97 13.08
N ASN C 105 11.19 -5.25 12.75
CA ASN C 105 10.46 -5.49 11.50
C ASN C 105 10.94 -4.58 10.40
N VAL C 106 11.97 -3.80 10.69
CA VAL C 106 12.53 -2.88 9.72
C VAL C 106 13.84 -3.41 9.15
N GLY C 107 13.84 -3.73 7.87
CA GLY C 107 15.03 -4.22 7.22
C GLY C 107 15.68 -3.14 6.37
N TRP C 108 16.93 -2.84 6.66
CA TRP C 108 17.65 -1.80 5.93
C TRP C 108 19.14 -2.10 5.91
N ASN C 109 19.76 -1.91 4.75
CA ASN C 109 21.19 -2.13 4.58
C ASN C 109 21.61 -3.57 4.86
N ASN C 110 20.84 -4.52 4.30
CA ASN C 110 21.11 -5.96 4.46
C ASN C 110 20.99 -6.44 5.90
N SER C 111 20.53 -5.57 6.79
CA SER C 111 20.38 -5.91 8.19
C SER C 111 19.07 -5.35 8.74
N THR C 112 18.79 -5.60 10.00
CA THR C 112 17.58 -5.10 10.62
C THR C 112 17.87 -3.85 11.45
N PHE C 113 16.85 -3.03 11.65
CA PHE C 113 16.99 -1.79 12.41
C PHE C 113 17.03 -2.07 13.92
N ALA C 114 16.76 -3.32 14.29
CA ALA C 114 16.76 -3.72 15.69
C ALA C 114 18.14 -3.62 16.32
C00 VIU D . -13.72 8.84 9.15
C01 VIU D . -13.36 8.25 7.95
C02 VIU D . -13.95 8.65 6.75
N0K VIU D . -13.59 8.08 5.61
C0M VIU D . -12.58 7.02 5.48
C0N VIU D . -12.27 7.07 3.98
C0P VIU D . -14.15 8.43 4.29
C0O VIU D . -13.69 7.24 3.44
C05 VIU D . -14.69 9.84 9.16
C04 VIU D . -15.30 10.24 7.97
C03 VIU D . -14.92 9.64 6.77
S09 VIU D . -16.51 11.50 7.90
N06 VIU D . -15.02 10.39 10.40
C07 VIU D . -15.98 11.40 10.61
C08 VIU D . -16.71 11.96 9.57
C0A VIU D . -17.65 12.96 9.85
C0D VIU D . -16.18 11.83 11.91
C0C VIU D . -17.12 12.82 12.19
C0B VIU D . -17.85 13.39 11.16
N0F VIU D . -18.75 14.34 11.41
C0G VIU D . -19.05 14.87 12.75
C0H VIU D . -20.37 15.59 12.51
C0J VIU D . -19.57 15.01 10.40
C0I VIU D . -20.06 16.24 11.17
C0E VIU D . -15.37 11.21 13.05
C0Q VIU D . -13.01 8.35 10.42
C0R VIU D . -13.79 7.21 11.07
H0S VIU D . -12.59 7.47 7.96
H18 VIU D . -11.65 7.19 6.05
H17 VIU D . -12.99 6.05 5.77
H19 VIU D . -11.75 6.20 3.60
H1A VIU D . -11.68 7.96 3.71
H1D VIU D . -15.24 8.49 4.32
H1E VIU D . -13.75 9.38 3.92
H1B VIU D . -14.31 6.35 3.62
H1C VIU D . -13.70 7.42 2.37
H0T VIU D . -15.41 9.96 5.85
H0U VIU D . -18.21 13.39 9.03
H0V VIU D . -17.27 13.12 13.22
H0Z VIU D . -18.26 15.57 13.06
H10 VIU D . -19.17 14.11 13.53
H11 VIU D . -20.64 16.29 13.31
H12 VIU D . -21.20 14.88 12.39
H16 VIU D . -20.40 14.37 10.06
H15 VIU D . -18.97 15.31 9.53
H14 VIU D . -20.95 16.71 10.75
H13 VIU D . -19.29 17.01 11.25
H0Y VIU D . -14.77 11.98 13.55
H0W VIU D . -14.69 10.45 12.67
H0X VIU D . -16.04 10.74 13.76
H1F VIU D . -12.93 9.19 11.13
H1G VIU D . -11.99 8.04 10.22
H1J VIU D . -14.70 6.98 10.50
H1H VIU D . -14.09 7.48 12.09
H1I VIU D . -13.18 6.32 11.11
N PRO A 1 -15.49 4.92 4.94
CA PRO A 1 -14.61 3.79 4.62
C PRO A 1 -14.03 3.95 3.22
N MET A 2 -12.88 3.36 2.98
CA MET A 2 -12.22 3.43 1.70
C MET A 2 -11.90 2.05 1.17
N PHE A 3 -12.15 1.83 -0.12
CA PHE A 3 -11.90 0.55 -0.75
C PHE A 3 -11.06 0.72 -2.00
N ILE A 4 -9.93 0.02 -2.05
CA ILE A 4 -9.05 0.09 -3.20
C ILE A 4 -8.74 -1.31 -3.71
N VAL A 5 -9.00 -1.54 -4.99
CA VAL A 5 -8.76 -2.84 -5.59
C VAL A 5 -7.71 -2.76 -6.69
N ASN A 6 -6.76 -3.69 -6.66
CA ASN A 6 -5.69 -3.75 -7.65
C ASN A 6 -5.74 -5.10 -8.36
N THR A 7 -5.44 -5.12 -9.64
CA THR A 7 -5.46 -6.35 -10.41
C THR A 7 -4.54 -6.25 -11.62
N ASN A 8 -4.25 -7.40 -12.22
CA ASN A 8 -3.38 -7.47 -13.39
C ASN A 8 -4.19 -7.33 -14.67
N VAL A 9 -5.51 -7.41 -14.53
CA VAL A 9 -6.41 -7.28 -15.66
C VAL A 9 -6.20 -5.94 -16.37
N PRO A 10 -5.97 -5.99 -17.69
CA PRO A 10 -5.75 -4.78 -18.50
C PRO A 10 -6.91 -3.79 -18.40
N ARG A 11 -6.57 -2.50 -18.48
CA ARG A 11 -7.56 -1.43 -18.39
C ARG A 11 -8.66 -1.57 -19.43
N ALA A 12 -8.29 -2.06 -20.62
CA ALA A 12 -9.24 -2.24 -21.71
C ALA A 12 -10.31 -3.28 -21.38
N SER A 13 -9.97 -4.24 -20.54
CA SER A 13 -10.90 -5.30 -20.16
C SER A 13 -11.70 -4.93 -18.92
N VAL A 14 -11.43 -3.76 -18.35
CA VAL A 14 -12.13 -3.31 -17.16
C VAL A 14 -13.49 -2.70 -17.53
N PRO A 15 -14.58 -3.29 -17.01
CA PRO A 15 -15.94 -2.81 -17.29
C PRO A 15 -16.22 -1.46 -16.66
N ASP A 16 -16.92 -0.60 -17.40
CA ASP A 16 -17.27 0.73 -16.92
C ASP A 16 -18.51 0.69 -16.03
N GLY A 17 -18.47 1.45 -14.95
CA GLY A 17 -19.60 1.48 -14.03
C GLY A 17 -19.40 0.56 -12.84
N PHE A 18 -18.22 -0.02 -12.74
CA PHE A 18 -17.89 -0.94 -11.67
C PHE A 18 -17.92 -0.21 -10.32
N LEU A 19 -17.24 0.93 -10.26
CA LEU A 19 -17.17 1.72 -9.04
C LEU A 19 -18.52 2.34 -8.67
N SER A 20 -19.33 2.62 -9.69
CA SER A 20 -20.64 3.21 -9.49
C SER A 20 -21.52 2.31 -8.63
N GLU A 21 -21.57 1.03 -8.97
CA GLU A 21 -22.35 0.06 -8.22
C GLU A 21 -21.66 -0.32 -6.92
N LEU A 22 -20.32 -0.28 -6.93
CA LEU A 22 -19.53 -0.62 -5.75
C LEU A 22 -19.96 0.21 -4.53
N THR A 23 -20.19 1.50 -4.76
CA THR A 23 -20.60 2.41 -3.70
C THR A 23 -21.90 1.91 -3.03
N GLN A 24 -22.85 1.48 -3.85
CA GLN A 24 -24.13 0.99 -3.35
C GLN A 24 -23.99 -0.41 -2.75
N GLN A 25 -23.16 -1.23 -3.39
CA GLN A 25 -22.93 -2.61 -2.93
C GLN A 25 -22.44 -2.64 -1.49
N LEU A 26 -21.49 -1.77 -1.18
CA LEU A 26 -20.92 -1.71 0.17
C LEU A 26 -21.90 -1.04 1.15
N ALA A 27 -22.51 0.05 0.71
CA ALA A 27 -23.46 0.79 1.53
C ALA A 27 -24.60 -0.11 2.01
N GLN A 28 -25.21 -0.82 1.07
CA GLN A 28 -26.32 -1.70 1.39
C GLN A 28 -25.84 -3.08 1.84
N ALA A 29 -24.69 -3.12 2.51
CA ALA A 29 -24.13 -4.35 3.02
C ALA A 29 -23.53 -4.13 4.40
N THR A 30 -22.61 -3.18 4.49
CA THR A 30 -21.96 -2.87 5.75
C THR A 30 -22.86 -1.96 6.61
N GLY A 31 -23.75 -1.23 5.96
CA GLY A 31 -24.63 -0.34 6.66
C GLY A 31 -23.94 0.98 6.94
N LYS A 32 -23.35 1.55 5.91
CA LYS A 32 -22.64 2.82 6.03
C LYS A 32 -23.04 3.74 4.89
N PRO A 33 -23.28 5.02 5.18
CA PRO A 33 -23.67 6.01 4.17
C PRO A 33 -22.66 6.09 3.02
N PRO A 34 -23.16 6.04 1.78
CA PRO A 34 -22.30 6.07 0.57
C PRO A 34 -21.51 7.38 0.45
N GLN A 35 -21.96 8.40 1.16
CA GLN A 35 -21.29 9.70 1.13
C GLN A 35 -19.92 9.63 1.79
N TYR A 36 -19.69 8.57 2.55
CA TYR A 36 -18.41 8.39 3.24
C TYR A 36 -17.65 7.22 2.61
N ILE A 37 -18.07 6.82 1.42
CA ILE A 37 -17.42 5.71 0.72
C ILE A 37 -16.44 6.23 -0.33
N ALA A 38 -15.20 5.79 -0.23
CA ALA A 38 -14.16 6.19 -1.18
C ALA A 38 -13.70 4.96 -1.95
N VAL A 39 -13.87 4.97 -3.26
CA VAL A 39 -13.49 3.84 -4.09
C VAL A 39 -12.28 4.14 -4.97
N HIS A 40 -11.46 3.12 -5.18
CA HIS A 40 -10.28 3.24 -6.00
C HIS A 40 -10.03 1.94 -6.76
N VAL A 41 -9.88 2.04 -8.07
CA VAL A 41 -9.63 0.89 -8.90
C VAL A 41 -8.37 1.10 -9.74
N VAL A 42 -7.38 0.27 -9.52
CA VAL A 42 -6.12 0.37 -10.26
C VAL A 42 -5.74 -0.97 -10.89
N PRO A 43 -6.09 -1.13 -12.17
CA PRO A 43 -5.79 -2.34 -12.92
C PRO A 43 -4.52 -2.19 -13.77
N ASP A 44 -4.27 -3.19 -14.61
CA ASP A 44 -3.11 -3.22 -15.51
C ASP A 44 -1.80 -3.01 -14.76
N GLN A 45 -1.49 -3.94 -13.86
CA GLN A 45 -0.26 -3.87 -13.08
C GLN A 45 0.54 -5.15 -13.22
N LEU A 46 1.84 -5.05 -12.96
CA LEU A 46 2.74 -6.19 -13.07
C LEU A 46 2.78 -7.05 -11.82
N MET A 47 1.93 -8.07 -11.78
CA MET A 47 1.87 -8.99 -10.65
C MET A 47 1.96 -10.43 -11.15
N ALA A 48 2.46 -11.32 -10.30
CA ALA A 48 2.60 -12.72 -10.67
C ALA A 48 2.31 -13.63 -9.47
N PHE A 49 1.26 -14.43 -9.58
CA PHE A 49 0.88 -15.35 -8.52
C PHE A 49 1.61 -16.69 -8.69
N GLY A 50 2.56 -16.95 -7.80
CA GLY A 50 3.31 -18.19 -7.89
C GLY A 50 4.17 -18.27 -9.13
N GLY A 51 4.64 -17.11 -9.58
CA GLY A 51 5.47 -17.05 -10.76
C GLY A 51 4.70 -17.22 -12.06
N SER A 52 3.36 -17.22 -11.97
CA SER A 52 2.52 -17.38 -13.14
C SER A 52 1.65 -16.15 -13.36
N SER A 53 1.49 -15.76 -14.61
CA SER A 53 0.69 -14.60 -14.96
C SER A 53 -0.79 -14.99 -15.05
N GLU A 54 -1.49 -14.86 -13.93
CA GLU A 54 -2.91 -15.20 -13.88
C GLU A 54 -3.70 -14.09 -13.18
N PRO A 55 -4.97 -13.90 -13.56
CA PRO A 55 -5.83 -12.87 -12.97
C PRO A 55 -6.00 -13.01 -11.45
N CYS A 56 -5.53 -12.00 -10.73
CA CYS A 56 -5.63 -11.97 -9.28
C CYS A 56 -6.42 -10.75 -8.84
N ALA A 57 -6.89 -10.74 -7.61
CA ALA A 57 -7.67 -9.61 -7.10
C ALA A 57 -7.25 -9.21 -5.69
N LEU A 58 -6.65 -8.03 -5.58
CA LEU A 58 -6.20 -7.51 -4.29
C LEU A 58 -7.18 -6.44 -3.83
N CYS A 59 -8.07 -6.83 -2.93
CA CYS A 59 -9.08 -5.91 -2.43
C CYS A 59 -8.73 -5.40 -1.04
N SER A 60 -8.39 -4.13 -0.96
CA SER A 60 -8.04 -3.51 0.31
C SER A 60 -9.18 -2.63 0.83
N LEU A 61 -9.71 -2.97 1.99
CA LEU A 61 -10.79 -2.23 2.59
C LEU A 61 -10.33 -1.65 3.92
N HIS A 62 -10.48 -0.35 4.09
CA HIS A 62 -10.07 0.30 5.32
C HIS A 62 -11.23 1.03 5.99
N SER A 63 -11.74 0.42 7.05
CA SER A 63 -12.84 0.96 7.81
C SER A 63 -12.57 0.77 9.30
N ILE A 64 -13.33 1.44 10.15
CA ILE A 64 -13.16 1.31 11.58
C ILE A 64 -14.33 0.53 12.20
N GLY A 65 -14.02 -0.62 12.76
CA GLY A 65 -15.04 -1.44 13.38
C GLY A 65 -15.56 -2.50 12.42
N LYS A 66 -16.27 -3.49 12.97
CA LYS A 66 -16.83 -4.57 12.17
C LYS A 66 -15.74 -5.37 11.44
N ILE A 67 -15.08 -6.24 12.20
CA ILE A 67 -14.01 -7.06 11.64
C ILE A 67 -14.00 -8.44 12.30
N GLY A 68 -13.97 -9.48 11.48
CA GLY A 68 -13.96 -10.83 11.98
C GLY A 68 -14.06 -11.83 10.86
N GLY A 69 -13.84 -13.11 11.17
CA GLY A 69 -13.90 -14.14 10.15
C GLY A 69 -15.27 -14.27 9.51
N ALA A 70 -16.29 -14.35 10.35
CA ALA A 70 -17.66 -14.49 9.87
C ALA A 70 -18.10 -13.26 9.09
N GLN A 71 -17.85 -12.08 9.65
CA GLN A 71 -18.21 -10.84 8.98
C GLN A 71 -17.50 -10.70 7.65
N ASN A 72 -16.20 -10.99 7.65
CA ASN A 72 -15.39 -10.91 6.43
C ASN A 72 -15.95 -11.82 5.34
N ARG A 73 -16.26 -13.05 5.71
CA ARG A 73 -16.79 -14.01 4.75
C ARG A 73 -18.18 -13.61 4.26
N SER A 74 -18.99 -13.08 5.15
CA SER A 74 -20.34 -12.65 4.81
C SER A 74 -20.31 -11.53 3.79
N TYR A 75 -19.39 -10.60 3.97
CA TYR A 75 -19.25 -9.47 3.06
C TYR A 75 -18.56 -9.88 1.77
N SER A 76 -17.52 -10.69 1.89
CA SER A 76 -16.76 -11.15 0.75
C SER A 76 -17.59 -12.00 -0.21
N LYS A 77 -18.60 -12.69 0.31
CA LYS A 77 -19.47 -13.52 -0.53
C LYS A 77 -20.03 -12.76 -1.72
N LEU A 78 -20.47 -11.53 -1.48
CA LEU A 78 -21.02 -10.70 -2.54
C LEU A 78 -19.90 -9.89 -3.20
N LEU A 79 -18.89 -9.54 -2.42
CA LEU A 79 -17.76 -8.76 -2.89
C LEU A 79 -17.00 -9.48 -4.00
N CYS A 80 -16.65 -10.75 -3.74
CA CYS A 80 -15.91 -11.53 -4.72
C CYS A 80 -16.78 -11.85 -5.92
N GLY A 81 -18.08 -12.02 -5.68
CA GLY A 81 -19.01 -12.33 -6.75
C GLY A 81 -19.02 -11.27 -7.83
N LEU A 82 -18.82 -10.02 -7.42
CA LEU A 82 -18.79 -8.92 -8.36
C LEU A 82 -17.61 -9.03 -9.32
N LEU A 83 -16.41 -9.13 -8.76
CA LEU A 83 -15.20 -9.22 -9.57
C LEU A 83 -15.12 -10.55 -10.32
N ALA A 84 -15.64 -11.61 -9.71
CA ALA A 84 -15.63 -12.93 -10.31
C ALA A 84 -16.53 -13.00 -11.54
N GLU A 85 -17.68 -12.34 -11.46
CA GLU A 85 -18.64 -12.34 -12.55
C GLU A 85 -18.35 -11.25 -13.58
N ARG A 86 -18.01 -10.05 -13.12
CA ARG A 86 -17.75 -8.93 -14.01
C ARG A 86 -16.38 -9.04 -14.68
N LEU A 87 -15.33 -9.24 -13.88
CA LEU A 87 -13.98 -9.32 -14.41
C LEU A 87 -13.56 -10.75 -14.73
N ARG A 88 -14.41 -11.71 -14.40
CA ARG A 88 -14.14 -13.12 -14.67
C ARG A 88 -12.95 -13.66 -13.88
N ILE A 89 -12.67 -13.04 -12.73
CA ILE A 89 -11.53 -13.45 -11.91
C ILE A 89 -11.95 -14.52 -10.90
N SER A 90 -11.13 -15.55 -10.74
CA SER A 90 -11.42 -16.62 -9.81
C SER A 90 -11.23 -16.15 -8.37
N PRO A 91 -12.21 -16.44 -7.49
CA PRO A 91 -12.17 -16.05 -6.07
C PRO A 91 -10.98 -16.67 -5.32
N ASP A 92 -10.35 -17.66 -5.94
CA ASP A 92 -9.20 -18.32 -5.33
C ASP A 92 -7.98 -17.41 -5.36
N ARG A 93 -7.99 -16.44 -6.25
CA ARG A 93 -6.87 -15.52 -6.37
C ARG A 93 -7.21 -14.17 -5.75
N VAL A 94 -8.19 -14.18 -4.86
CA VAL A 94 -8.63 -12.97 -4.19
C VAL A 94 -8.03 -12.83 -2.81
N TYR A 95 -7.44 -11.69 -2.55
CA TYR A 95 -6.83 -11.40 -1.26
C TYR A 95 -7.45 -10.17 -0.65
N ILE A 96 -7.90 -10.27 0.59
CA ILE A 96 -8.51 -9.14 1.26
C ILE A 96 -7.52 -8.49 2.23
N ASN A 97 -7.47 -7.18 2.22
CA ASN A 97 -6.57 -6.43 3.10
C ASN A 97 -7.37 -5.54 4.05
N TYR A 98 -7.24 -5.82 5.34
CA TYR A 98 -7.94 -5.06 6.36
C TYR A 98 -6.96 -4.70 7.48
N TYR A 99 -7.41 -3.96 8.47
CA TYR A 99 -6.57 -3.56 9.58
C TYR A 99 -7.40 -3.37 10.86
N ASP A 100 -6.75 -3.53 12.00
CA ASP A 100 -7.39 -3.36 13.29
C ASP A 100 -6.55 -2.42 14.16
N MET A 101 -7.20 -1.44 14.77
CA MET A 101 -6.51 -0.47 15.61
C MET A 101 -7.52 0.37 16.40
N ASN A 102 -7.06 0.99 17.47
CA ASN A 102 -7.90 1.84 18.31
C ASN A 102 -8.28 3.13 17.58
N ALA A 103 -9.48 3.62 17.83
CA ALA A 103 -9.98 4.83 17.19
C ALA A 103 -9.21 6.09 17.59
N ALA A 104 -8.35 5.97 18.61
CA ALA A 104 -7.55 7.11 19.07
C ALA A 104 -6.54 7.54 18.01
N ASN A 105 -6.26 6.66 17.05
CA ASN A 105 -5.32 6.96 15.99
C ASN A 105 -6.01 6.89 14.64
N VAL A 106 -7.32 7.06 14.64
CA VAL A 106 -8.10 7.02 13.41
C VAL A 106 -8.96 8.28 13.26
N GLY A 107 -8.57 9.16 12.35
CA GLY A 107 -9.32 10.38 12.14
C GLY A 107 -9.36 10.79 10.67
N TRP A 108 -10.34 11.60 10.32
CA TRP A 108 -10.49 12.08 8.95
C TRP A 108 -10.61 13.60 8.95
N ASN A 109 -10.15 14.26 7.88
CA ASN A 109 -10.19 15.72 7.75
C ASN A 109 -9.30 16.40 8.79
N ASN A 110 -8.09 16.77 8.35
CA ASN A 110 -7.11 17.44 9.22
C ASN A 110 -6.58 16.47 10.29
N SER A 111 -6.91 15.20 10.13
CA SER A 111 -6.49 14.17 11.05
C SER A 111 -5.76 13.08 10.27
N THR A 112 -5.52 11.95 10.90
CA THR A 112 -4.81 10.86 10.26
C THR A 112 -5.30 9.51 10.75
N PHE A 113 -5.15 8.49 9.92
CA PHE A 113 -5.53 7.14 10.27
C PHE A 113 -4.29 6.39 10.76
N ALA A 114 -4.45 5.12 11.08
CA ALA A 114 -3.35 4.32 11.58
C ALA A 114 -2.85 3.36 10.51
N PRO B 1 -3.88 1.97 3.37
CA PRO B 1 -3.50 1.82 1.95
C PRO B 1 -3.46 0.34 1.56
N MET B 2 -3.07 0.05 0.33
CA MET B 2 -2.99 -1.32 -0.16
C MET B 2 -1.62 -1.95 0.16
N PHE B 3 -1.24 -2.94 -0.63
CA PHE B 3 0.05 -3.62 -0.45
C PHE B 3 0.70 -3.92 -1.79
N ILE B 4 1.64 -3.08 -2.20
CA ILE B 4 2.33 -3.26 -3.47
C ILE B 4 3.75 -2.72 -3.40
N VAL B 5 4.66 -3.34 -4.13
CA VAL B 5 6.05 -2.92 -4.16
C VAL B 5 6.29 -2.07 -5.41
N ASN B 6 6.91 -0.91 -5.22
CA ASN B 6 7.18 -0.01 -6.34
C ASN B 6 8.63 0.46 -6.33
N THR B 7 8.95 1.37 -7.24
CA THR B 7 10.30 1.92 -7.37
C THR B 7 10.33 2.97 -8.48
N ASN B 8 11.28 3.90 -8.40
CA ASN B 8 11.42 4.94 -9.40
C ASN B 8 12.27 4.44 -10.57
N VAL B 9 12.84 3.26 -10.41
CA VAL B 9 13.65 2.64 -11.45
C VAL B 9 12.78 2.36 -12.67
N PRO B 10 13.21 2.82 -13.85
CA PRO B 10 12.46 2.60 -15.11
C PRO B 10 12.32 1.12 -15.45
N ARG B 11 11.26 0.80 -16.19
CA ARG B 11 10.99 -0.58 -16.59
C ARG B 11 12.13 -1.17 -17.42
N ALA B 12 12.83 -0.31 -18.16
CA ALA B 12 13.94 -0.76 -19.00
C ALA B 12 15.07 -1.35 -18.16
N SER B 13 15.19 -0.91 -16.92
CA SER B 13 16.23 -1.40 -16.03
C SER B 13 15.77 -2.66 -15.28
N VAL B 14 14.54 -3.07 -15.56
CA VAL B 14 13.96 -4.25 -14.93
C VAL B 14 14.13 -5.46 -15.84
N PRO B 15 14.80 -6.51 -15.35
CA PRO B 15 15.02 -7.73 -16.12
C PRO B 15 13.83 -8.70 -16.04
N ASP B 16 13.75 -9.60 -17.01
CA ASP B 16 12.69 -10.59 -17.04
C ASP B 16 13.07 -11.82 -16.23
N GLY B 17 12.08 -12.49 -15.67
CA GLY B 17 12.33 -13.66 -14.86
C GLY B 17 12.70 -13.30 -13.43
N PHE B 18 12.71 -11.99 -13.17
CA PHE B 18 13.04 -11.46 -11.85
C PHE B 18 12.04 -11.95 -10.80
N LEU B 19 10.76 -11.90 -11.13
CA LEU B 19 9.73 -12.33 -10.21
C LEU B 19 9.72 -13.84 -9.99
N SER B 20 10.15 -14.58 -11.01
CA SER B 20 10.19 -16.03 -10.93
C SER B 20 11.17 -16.51 -9.88
N GLU B 21 12.41 -16.02 -9.95
CA GLU B 21 13.44 -16.41 -8.99
C GLU B 21 13.18 -15.81 -7.61
N LEU B 22 12.46 -14.70 -7.58
CA LEU B 22 12.12 -14.04 -6.32
C LEU B 22 11.13 -14.90 -5.55
N THR B 23 10.09 -15.35 -6.23
CA THR B 23 9.07 -16.19 -5.62
C THR B 23 9.68 -17.48 -5.07
N GLN B 24 10.57 -18.08 -5.84
CA GLN B 24 11.23 -19.31 -5.43
C GLN B 24 12.10 -19.10 -4.19
N GLN B 25 12.80 -17.97 -4.16
CA GLN B 25 13.67 -17.64 -3.03
C GLN B 25 12.88 -17.53 -1.73
N LEU B 26 11.78 -16.79 -1.78
CA LEU B 26 10.93 -16.61 -0.61
C LEU B 26 10.31 -17.94 -0.20
N ALA B 27 9.83 -18.70 -1.17
CA ALA B 27 9.20 -19.98 -0.91
C ALA B 27 10.17 -20.95 -0.24
N GLN B 28 11.41 -20.95 -0.73
CA GLN B 28 12.45 -21.82 -0.20
C GLN B 28 12.77 -21.49 1.25
N ALA B 29 12.85 -20.20 1.56
CA ALA B 29 13.16 -19.76 2.91
C ALA B 29 12.00 -19.99 3.87
N THR B 30 10.78 -19.63 3.45
CA THR B 30 9.60 -19.77 4.28
C THR B 30 9.15 -21.24 4.41
N GLY B 31 9.62 -22.08 3.49
CA GLY B 31 9.25 -23.48 3.51
C GLY B 31 7.80 -23.69 3.16
N LYS B 32 7.34 -22.94 2.17
CA LYS B 32 5.95 -23.03 1.73
C LYS B 32 5.88 -22.98 0.21
N PRO B 33 4.84 -23.60 -0.39
CA PRO B 33 4.66 -23.62 -1.84
C PRO B 33 4.63 -22.21 -2.42
N PRO B 34 5.43 -21.96 -3.47
CA PRO B 34 5.51 -20.65 -4.13
C PRO B 34 4.19 -20.23 -4.76
N GLN B 35 3.29 -21.19 -4.93
CA GLN B 35 1.99 -20.92 -5.55
C GLN B 35 1.06 -20.18 -4.58
N TYR B 36 1.43 -20.15 -3.30
CA TYR B 36 0.63 -19.49 -2.28
C TYR B 36 0.97 -18.01 -2.17
N ILE B 37 2.14 -17.64 -2.65
CA ILE B 37 2.57 -16.25 -2.58
C ILE B 37 2.49 -15.55 -3.93
N ALA B 38 2.14 -14.29 -3.89
CA ALA B 38 2.02 -13.49 -5.10
C ALA B 38 2.96 -12.30 -5.05
N VAL B 39 3.81 -12.17 -6.05
CA VAL B 39 4.76 -11.07 -6.11
C VAL B 39 4.18 -9.92 -6.93
N HIS B 40 4.38 -8.72 -6.46
CA HIS B 40 3.88 -7.53 -7.13
C HIS B 40 4.95 -6.44 -7.13
N VAL B 41 5.27 -5.95 -8.32
CA VAL B 41 6.29 -4.91 -8.45
C VAL B 41 6.04 -4.05 -9.68
N VAL B 42 5.81 -2.77 -9.45
CA VAL B 42 5.57 -1.83 -10.54
C VAL B 42 6.57 -0.68 -10.50
N PRO B 43 7.45 -0.61 -11.49
CA PRO B 43 8.47 0.43 -11.59
C PRO B 43 7.97 1.65 -12.36
N ASP B 44 8.86 2.61 -12.58
CA ASP B 44 8.56 3.84 -13.33
C ASP B 44 7.58 4.75 -12.58
N GLN B 45 8.10 5.51 -11.62
CA GLN B 45 7.29 6.44 -10.83
C GLN B 45 8.16 7.50 -10.15
N LEU B 46 7.55 8.32 -9.31
CA LEU B 46 8.26 9.39 -8.61
C LEU B 46 8.51 9.06 -7.14
N MET B 47 9.78 8.90 -6.77
CA MET B 47 10.14 8.60 -5.39
C MET B 47 11.42 9.32 -4.98
N ALA B 48 11.55 9.60 -3.69
CA ALA B 48 12.73 10.28 -3.17
C ALA B 48 13.11 9.72 -1.80
N PHE B 49 14.40 9.63 -1.55
CA PHE B 49 14.91 9.12 -0.29
C PHE B 49 16.04 10.01 0.22
N GLY B 50 15.74 10.81 1.23
CA GLY B 50 16.74 11.71 1.77
C GLY B 50 17.00 12.88 0.85
N GLY B 51 15.95 13.27 0.12
CA GLY B 51 16.06 14.36 -0.82
C GLY B 51 16.57 13.91 -2.17
N SER B 52 17.45 12.93 -2.15
CA SER B 52 18.02 12.39 -3.38
C SER B 52 16.95 11.65 -4.20
N SER B 53 16.89 11.96 -5.48
CA SER B 53 15.93 11.36 -6.38
C SER B 53 16.59 10.24 -7.21
N GLU B 54 17.51 9.53 -6.58
CA GLU B 54 18.21 8.44 -7.23
C GLU B 54 17.40 7.16 -7.12
N PRO B 55 17.75 6.10 -7.88
CA PRO B 55 17.04 4.82 -7.83
C PRO B 55 16.97 4.26 -6.40
N CYS B 56 15.76 4.21 -5.87
CA CYS B 56 15.53 3.70 -4.52
C CYS B 56 14.49 2.59 -4.54
N ALA B 57 14.11 2.10 -3.36
CA ALA B 57 13.14 1.03 -3.27
C ALA B 57 12.45 0.98 -1.91
N LEU B 58 11.18 0.64 -1.92
CA LEU B 58 10.39 0.51 -0.71
C LEU B 58 9.57 -0.77 -0.79
N CYS B 59 9.86 -1.72 0.08
CA CYS B 59 9.17 -2.99 0.06
C CYS B 59 8.55 -3.34 1.41
N SER B 60 7.76 -4.41 1.43
CA SER B 60 7.11 -4.87 2.64
C SER B 60 6.91 -6.37 2.58
N LEU B 61 7.16 -7.05 3.69
CA LEU B 61 7.00 -8.49 3.77
C LEU B 61 5.91 -8.85 4.77
N HIS B 62 4.76 -9.25 4.25
CA HIS B 62 3.62 -9.62 5.09
C HIS B 62 3.40 -11.13 5.06
N SER B 63 3.55 -11.76 6.20
CA SER B 63 3.38 -13.21 6.31
C SER B 63 2.98 -13.59 7.72
N ILE B 64 2.63 -14.85 7.93
CA ILE B 64 2.24 -15.34 9.24
C ILE B 64 3.41 -15.99 9.97
N GLY B 65 3.86 -15.34 11.04
CA GLY B 65 4.95 -15.87 11.84
C GLY B 65 6.31 -15.78 11.15
N LYS B 66 7.25 -16.58 11.66
CA LYS B 66 8.61 -16.62 11.13
C LYS B 66 9.33 -15.28 11.28
N ILE B 67 8.92 -14.52 12.28
CA ILE B 67 9.51 -13.22 12.55
C ILE B 67 10.26 -13.26 13.89
N GLY B 68 11.50 -12.80 13.89
CA GLY B 68 12.30 -12.79 15.10
C GLY B 68 13.62 -12.09 14.88
N GLY B 69 14.46 -12.09 15.90
CA GLY B 69 15.75 -11.44 15.79
C GLY B 69 16.64 -12.06 14.73
N ALA B 70 16.84 -13.36 14.83
CA ALA B 70 17.68 -14.08 13.89
C ALA B 70 16.98 -14.25 12.55
N GLN B 71 15.69 -14.55 12.60
CA GLN B 71 14.90 -14.78 11.39
C GLN B 71 14.88 -13.54 10.48
N ASN B 72 14.59 -12.38 11.07
CA ASN B 72 14.50 -11.13 10.30
C ASN B 72 15.86 -10.75 9.72
N ARG B 73 16.93 -11.06 10.44
CA ARG B 73 18.28 -10.74 9.99
C ARG B 73 18.62 -11.52 8.72
N SER B 74 18.22 -12.79 8.69
CA SER B 74 18.48 -13.63 7.53
C SER B 74 17.63 -13.19 6.34
N TYR B 75 16.38 -12.82 6.60
CA TYR B 75 15.47 -12.38 5.55
C TYR B 75 15.98 -11.11 4.86
N SER B 76 16.44 -10.14 5.65
CA SER B 76 16.97 -8.90 5.11
C SER B 76 18.16 -9.16 4.19
N LYS B 77 18.94 -10.17 4.54
CA LYS B 77 20.12 -10.54 3.76
C LYS B 77 19.71 -11.12 2.40
N LEU B 78 18.76 -12.04 2.42
CA LEU B 78 18.29 -12.68 1.20
C LEU B 78 17.62 -11.66 0.28
N LEU B 79 16.80 -10.81 0.87
CA LEU B 79 16.10 -9.78 0.13
C LEU B 79 17.05 -8.83 -0.58
N CYS B 80 17.93 -8.19 0.19
CA CYS B 80 18.88 -7.25 -0.38
C CYS B 80 19.80 -7.92 -1.40
N GLY B 81 20.19 -9.16 -1.10
CA GLY B 81 21.06 -9.89 -1.99
C GLY B 81 20.46 -10.11 -3.38
N LEU B 82 19.24 -10.60 -3.42
CA LEU B 82 18.57 -10.86 -4.69
C LEU B 82 18.19 -9.56 -5.40
N LEU B 83 17.75 -8.58 -4.64
CA LEU B 83 17.35 -7.30 -5.19
C LEU B 83 18.55 -6.58 -5.82
N ALA B 84 19.70 -6.67 -5.17
CA ALA B 84 20.91 -6.03 -5.67
C ALA B 84 21.41 -6.71 -6.93
N GLU B 85 21.04 -7.98 -7.09
CA GLU B 85 21.46 -8.74 -8.26
C GLU B 85 20.59 -8.47 -9.47
N ARG B 86 19.28 -8.66 -9.34
CA ARG B 86 18.37 -8.46 -10.46
C ARG B 86 18.03 -6.98 -10.71
N LEU B 87 17.47 -6.32 -9.70
CA LEU B 87 17.09 -4.91 -9.85
C LEU B 87 18.29 -3.98 -9.74
N ARG B 88 19.42 -4.54 -9.30
CA ARG B 88 20.66 -3.79 -9.13
C ARG B 88 20.51 -2.67 -8.12
N ILE B 89 19.61 -2.85 -7.17
CA ILE B 89 19.36 -1.84 -6.14
C ILE B 89 20.36 -1.98 -5.01
N SER B 90 20.54 -0.92 -4.24
CA SER B 90 21.47 -0.95 -3.13
C SER B 90 20.73 -1.17 -1.82
N PRO B 91 21.25 -2.07 -0.95
CA PRO B 91 20.64 -2.39 0.34
C PRO B 91 20.49 -1.18 1.27
N ASP B 92 21.23 -0.11 0.99
CA ASP B 92 21.16 1.10 1.80
C ASP B 92 20.06 2.03 1.31
N ARG B 93 19.53 1.75 0.12
CA ARG B 93 18.48 2.58 -0.44
C ARG B 93 17.14 1.86 -0.39
N VAL B 94 17.14 0.61 0.03
CA VAL B 94 15.92 -0.17 0.10
C VAL B 94 15.42 -0.30 1.55
N TYR B 95 14.16 -0.01 1.75
CA TYR B 95 13.56 -0.11 3.07
C TYR B 95 12.67 -1.34 3.15
N ILE B 96 12.99 -2.23 4.08
CA ILE B 96 12.21 -3.46 4.26
C ILE B 96 11.40 -3.38 5.54
N ASN B 97 10.15 -3.78 5.47
CA ASN B 97 9.27 -3.77 6.63
C ASN B 97 8.55 -5.10 6.76
N TYR B 98 8.50 -5.64 7.96
CA TYR B 98 7.84 -6.92 8.19
C TYR B 98 6.48 -6.73 8.83
N TYR B 99 5.52 -7.55 8.41
CA TYR B 99 4.16 -7.50 8.95
C TYR B 99 3.70 -8.91 9.31
N ASP B 100 3.22 -9.07 10.54
CA ASP B 100 2.75 -10.38 11.01
C ASP B 100 1.22 -10.42 10.99
N MET B 101 0.66 -11.61 10.96
CA MET B 101 -0.79 -11.77 10.94
C MET B 101 -1.19 -13.06 11.67
N ASN B 102 -2.44 -13.10 12.12
CA ASN B 102 -2.95 -14.27 12.85
C ASN B 102 -3.30 -15.41 11.92
N ALA B 103 -3.49 -16.59 12.51
CA ALA B 103 -3.84 -17.80 11.76
C ALA B 103 -5.23 -17.67 11.16
N ALA B 104 -6.13 -17.01 11.87
CA ALA B 104 -7.49 -16.81 11.39
C ALA B 104 -7.57 -15.57 10.51
N ASN B 105 -6.42 -14.96 10.28
CA ASN B 105 -6.34 -13.76 9.46
C ASN B 105 -5.42 -13.98 8.28
N VAL B 106 -5.50 -15.16 7.69
CA VAL B 106 -4.67 -15.51 6.54
C VAL B 106 -5.30 -15.02 5.25
N GLY B 107 -4.74 -15.43 4.12
CA GLY B 107 -5.26 -15.04 2.83
C GLY B 107 -5.76 -16.22 2.03
N TRP B 108 -6.12 -15.97 0.77
CA TRP B 108 -6.62 -17.01 -0.14
C TRP B 108 -8.04 -17.44 0.22
N ASN B 109 -8.93 -17.36 -0.75
CA ASN B 109 -10.33 -17.75 -0.59
C ASN B 109 -11.09 -16.90 0.43
N ASN B 110 -11.27 -15.62 0.09
CA ASN B 110 -12.01 -14.66 0.93
C ASN B 110 -11.56 -14.65 2.39
N SER B 111 -10.41 -14.03 2.65
CA SER B 111 -9.89 -13.94 4.01
C SER B 111 -9.17 -12.61 4.22
N THR B 112 -9.35 -12.03 5.40
CA THR B 112 -8.73 -10.76 5.74
C THR B 112 -7.26 -10.93 6.15
N PHE B 113 -6.36 -10.68 5.20
CA PHE B 113 -4.93 -10.80 5.45
C PHE B 113 -4.34 -9.41 5.70
N ALA B 114 -3.06 -9.37 6.07
CA ALA B 114 -2.38 -8.12 6.33
C ALA B 114 -2.20 -7.31 5.04
N PRO C 1 -1.35 -3.94 5.89
CA PRO C 1 -1.22 -3.00 4.75
C PRO C 1 0.16 -2.34 4.77
N MET C 2 0.45 -1.53 3.77
CA MET C 2 1.73 -0.83 3.70
C MET C 2 1.55 0.64 3.33
N PHE C 3 2.64 1.38 3.36
CA PHE C 3 2.63 2.81 3.06
C PHE C 3 2.71 3.10 1.56
N ILE C 4 1.92 4.06 1.12
CA ILE C 4 1.91 4.48 -0.28
C ILE C 4 1.08 5.76 -0.44
N VAL C 5 1.56 6.66 -1.29
CA VAL C 5 0.87 7.92 -1.53
C VAL C 5 0.28 7.94 -2.94
N ASN C 6 -1.03 8.08 -3.04
CA ASN C 6 -1.70 8.10 -4.34
C ASN C 6 -2.52 9.38 -4.47
N THR C 7 -2.68 9.86 -5.70
CA THR C 7 -3.45 11.07 -5.92
C THR C 7 -4.19 11.02 -7.26
N ASN C 8 -5.30 11.73 -7.34
CA ASN C 8 -6.10 11.78 -8.56
C ASN C 8 -5.53 12.84 -9.49
N VAL C 9 -4.61 13.65 -8.97
CA VAL C 9 -3.98 14.71 -9.76
C VAL C 9 -3.12 14.09 -10.85
N PRO C 10 -3.35 14.50 -12.11
CA PRO C 10 -2.58 14.00 -13.26
C PRO C 10 -1.10 14.32 -13.14
N ARG C 11 -0.26 13.46 -13.68
CA ARG C 11 1.19 13.62 -13.66
C ARG C 11 1.63 14.85 -14.42
N ALA C 12 0.84 15.26 -15.41
CA ALA C 12 1.15 16.42 -16.23
C ALA C 12 0.81 17.72 -15.50
N SER C 13 0.20 17.61 -14.33
CA SER C 13 -0.16 18.79 -13.56
C SER C 13 0.46 18.76 -12.17
N VAL C 14 1.71 18.31 -12.08
CA VAL C 14 2.41 18.26 -10.81
C VAL C 14 3.37 19.44 -10.67
N PRO C 15 3.42 20.06 -9.49
CA PRO C 15 4.30 21.21 -9.22
C PRO C 15 5.76 20.78 -9.09
N ASP C 16 6.66 21.72 -9.34
CA ASP C 16 8.09 21.45 -9.25
C ASP C 16 8.56 21.55 -7.80
N GLY C 17 9.52 20.72 -7.44
CA GLY C 17 10.04 20.73 -6.08
C GLY C 17 9.03 20.16 -5.10
N PHE C 18 8.11 19.34 -5.61
CA PHE C 18 7.08 18.73 -4.78
C PHE C 18 7.68 17.83 -3.70
N LEU C 19 8.78 17.18 -4.01
CA LEU C 19 9.43 16.29 -3.07
C LEU C 19 10.31 17.07 -2.09
N SER C 20 10.90 18.15 -2.57
CA SER C 20 11.77 18.98 -1.76
C SER C 20 10.96 19.74 -0.70
N GLU C 21 9.88 20.38 -1.15
CA GLU C 21 9.02 21.14 -0.25
C GLU C 21 8.37 20.25 0.79
N LEU C 22 8.07 19.02 0.39
CA LEU C 22 7.45 18.06 1.29
C LEU C 22 8.42 17.59 2.37
N THR C 23 9.55 17.06 1.96
CA THR C 23 10.57 16.56 2.90
C THR C 23 11.04 17.66 3.86
N GLN C 24 11.22 18.87 3.33
CA GLN C 24 11.66 20.00 4.13
C GLN C 24 10.74 20.26 5.32
N GLN C 25 9.44 20.28 5.07
CA GLN C 25 8.48 20.53 6.14
C GLN C 25 8.21 19.28 6.97
N LEU C 26 8.25 18.11 6.31
CA LEU C 26 8.01 16.85 6.97
C LEU C 26 9.05 16.58 8.06
N ALA C 27 10.31 16.69 7.70
CA ALA C 27 11.40 16.45 8.64
C ALA C 27 11.51 17.54 9.69
N GLN C 28 11.09 18.74 9.34
CA GLN C 28 11.15 19.88 10.25
C GLN C 28 10.20 19.72 11.43
N ALA C 29 8.93 19.50 11.14
CA ALA C 29 7.91 19.35 12.18
C ALA C 29 8.11 18.11 13.04
N THR C 30 8.58 17.03 12.43
CA THR C 30 8.80 15.78 13.16
C THR C 30 10.07 15.83 14.00
N GLY C 31 11.16 16.25 13.39
CA GLY C 31 12.42 16.33 14.10
C GLY C 31 13.29 15.13 13.82
N LYS C 32 13.03 14.45 12.70
CA LYS C 32 13.80 13.28 12.31
C LYS C 32 14.65 13.58 11.09
N PRO C 33 15.79 12.89 10.95
CA PRO C 33 16.70 13.10 9.81
C PRO C 33 16.03 12.79 8.48
N PRO C 34 16.01 13.77 7.55
CA PRO C 34 15.39 13.62 6.23
C PRO C 34 16.00 12.47 5.42
N GLN C 35 17.25 12.14 5.74
CA GLN C 35 17.95 11.07 5.03
C GLN C 35 17.34 9.70 5.32
N TYR C 36 16.48 9.64 6.33
CA TYR C 36 15.82 8.40 6.68
C TYR C 36 14.33 8.49 6.35
N ILE C 37 13.98 9.50 5.56
CA ILE C 37 12.60 9.71 5.15
C ILE C 37 12.45 9.46 3.66
N ALA C 38 11.64 8.48 3.32
CA ALA C 38 11.39 8.13 1.93
C ALA C 38 9.95 8.50 1.55
N VAL C 39 9.73 8.79 0.28
CA VAL C 39 8.41 9.16 -0.20
C VAL C 39 8.19 8.75 -1.65
N HIS C 40 7.22 7.89 -1.87
CA HIS C 40 6.87 7.42 -3.20
C HIS C 40 5.41 7.78 -3.51
N VAL C 41 5.20 8.53 -4.59
CA VAL C 41 3.87 8.95 -4.96
C VAL C 41 3.46 8.38 -6.31
N VAL C 42 2.18 8.02 -6.42
CA VAL C 42 1.63 7.49 -7.67
C VAL C 42 0.49 8.39 -8.13
N PRO C 43 0.79 9.33 -9.04
CA PRO C 43 -0.22 10.26 -9.58
C PRO C 43 -0.99 9.65 -10.74
N ASP C 44 -1.92 10.44 -11.29
CA ASP C 44 -2.74 10.02 -12.42
C ASP C 44 -3.62 8.81 -12.06
N GLN C 45 -3.92 8.66 -10.77
CA GLN C 45 -4.73 7.55 -10.30
C GLN C 45 -6.22 7.90 -10.28
N LEU C 46 -7.03 6.99 -10.76
CA LEU C 46 -8.47 7.20 -10.79
C LEU C 46 -9.10 6.83 -9.46
N MET C 47 -9.56 7.84 -8.73
CA MET C 47 -10.17 7.62 -7.42
C MET C 47 -11.32 8.59 -7.22
N ALA C 48 -12.34 8.15 -6.49
CA ALA C 48 -13.51 8.99 -6.23
C ALA C 48 -14.06 8.76 -4.83
N PHE C 49 -14.31 9.84 -4.12
CA PHE C 49 -14.86 9.77 -2.78
C PHE C 49 -16.29 10.29 -2.77
N GLY C 50 -17.19 9.53 -2.14
CA GLY C 50 -18.59 9.93 -2.08
C GLY C 50 -19.34 9.53 -3.32
N GLY C 51 -18.67 8.82 -4.21
CA GLY C 51 -19.29 8.38 -5.44
C GLY C 51 -19.24 9.43 -6.53
N SER C 52 -18.77 10.61 -6.16
CA SER C 52 -18.67 11.73 -7.09
C SER C 52 -17.25 11.87 -7.62
N SER C 53 -17.12 12.30 -8.88
CA SER C 53 -15.82 12.46 -9.51
C SER C 53 -15.16 13.78 -9.07
N GLU C 54 -14.80 13.84 -7.80
CA GLU C 54 -14.16 15.01 -7.24
C GLU C 54 -12.68 14.75 -7.04
N PRO C 55 -11.82 15.78 -7.18
CA PRO C 55 -10.37 15.64 -7.03
C PRO C 55 -9.98 15.21 -5.61
N CYS C 56 -9.64 13.93 -5.46
CA CYS C 56 -9.26 13.39 -4.17
C CYS C 56 -7.79 12.95 -4.16
N ALA C 57 -7.31 12.53 -2.99
CA ALA C 57 -5.93 12.08 -2.83
C ALA C 57 -5.75 11.44 -1.46
N LEU C 58 -4.78 10.54 -1.34
CA LEU C 58 -4.52 9.88 -0.08
C LEU C 58 -3.03 9.97 0.26
N CYS C 59 -2.73 10.18 1.52
CA CYS C 59 -1.35 10.30 1.96
C CYS C 59 -1.03 9.24 3.01
N SER C 60 0.25 8.92 3.16
CA SER C 60 0.67 7.92 4.13
C SER C 60 2.11 8.15 4.54
N LEU C 61 2.41 7.94 5.81
CA LEU C 61 3.75 8.14 6.35
C LEU C 61 4.04 7.14 7.45
N HIS C 62 5.21 6.52 7.39
CA HIS C 62 5.62 5.56 8.40
C HIS C 62 6.70 6.13 9.30
N SER C 63 6.54 5.93 10.61
CA SER C 63 7.49 6.44 11.58
C SER C 63 7.84 5.36 12.59
N ILE C 64 9.11 5.33 13.00
CA ILE C 64 9.58 4.35 13.98
C ILE C 64 9.51 4.93 15.40
N GLY C 65 8.90 6.11 15.49
CA GLY C 65 8.75 6.79 16.76
C GLY C 65 8.35 8.23 16.56
N LYS C 66 8.36 9.02 17.62
CA LYS C 66 8.00 10.44 17.55
C LYS C 66 6.54 10.63 17.14
N ILE C 67 5.70 9.67 17.50
CA ILE C 67 4.28 9.73 17.18
C ILE C 67 3.42 9.81 18.43
N GLY C 68 2.14 10.12 18.26
CA GLY C 68 1.23 10.22 19.38
C GLY C 68 -0.10 10.78 18.93
N GLY C 69 -1.14 10.59 19.73
CA GLY C 69 -2.47 11.09 19.38
C GLY C 69 -2.48 12.58 19.12
N ALA C 70 -1.98 13.36 20.07
CA ALA C 70 -1.95 14.80 19.92
C ALA C 70 -0.90 15.22 18.90
N GLN C 71 0.22 14.52 18.90
CA GLN C 71 1.32 14.82 18.00
C GLN C 71 0.91 14.62 16.54
N ASN C 72 0.22 13.52 16.25
CA ASN C 72 -0.23 13.21 14.90
C ASN C 72 -1.15 14.29 14.37
N ARG C 73 -2.08 14.75 15.21
CA ARG C 73 -3.02 15.79 14.81
C ARG C 73 -2.30 17.10 14.55
N SER C 74 -1.16 17.27 15.18
CA SER C 74 -0.35 18.47 15.02
C SER C 74 0.45 18.40 13.72
N TYR C 75 0.75 17.18 13.28
CA TYR C 75 1.49 16.98 12.05
C TYR C 75 0.57 17.01 10.83
N SER C 76 -0.61 16.42 10.98
CA SER C 76 -1.59 16.37 9.89
C SER C 76 -1.97 17.77 9.42
N LYS C 77 -2.06 18.70 10.37
CA LYS C 77 -2.40 20.08 10.06
C LYS C 77 -1.40 20.67 9.06
N LEU C 78 -0.12 20.40 9.30
CA LEU C 78 0.94 20.90 8.43
C LEU C 78 0.80 20.33 7.02
N LEU C 79 0.49 19.03 6.94
CA LEU C 79 0.34 18.36 5.66
C LEU C 79 -0.87 18.91 4.89
N CYS C 80 -1.97 19.13 5.60
CA CYS C 80 -3.18 19.65 4.98
C CYS C 80 -2.94 21.01 4.34
N GLY C 81 -2.29 21.91 5.09
CA GLY C 81 -2.01 23.24 4.58
C GLY C 81 -1.00 23.21 3.45
N LEU C 82 0.05 22.41 3.62
CA LEU C 82 1.10 22.30 2.60
C LEU C 82 0.52 21.84 1.26
N LEU C 83 -0.34 20.84 1.32
CA LEU C 83 -0.97 20.30 0.12
C LEU C 83 -1.98 21.27 -0.48
N ALA C 84 -2.83 21.85 0.36
CA ALA C 84 -3.85 22.78 -0.12
C ALA C 84 -3.24 24.02 -0.78
N GLU C 85 -2.13 24.48 -0.24
CA GLU C 85 -1.44 25.66 -0.74
C GLU C 85 -0.69 25.38 -2.04
N ARG C 86 -0.39 24.12 -2.31
CA ARG C 86 0.36 23.76 -3.52
C ARG C 86 -0.49 23.08 -4.59
N LEU C 87 -1.46 22.28 -4.18
CA LEU C 87 -2.30 21.56 -5.12
C LEU C 87 -3.68 22.19 -5.30
N ARG C 88 -3.92 23.28 -4.56
CA ARG C 88 -5.21 23.98 -4.64
C ARG C 88 -6.37 23.05 -4.27
N ILE C 89 -6.12 22.14 -3.34
CA ILE C 89 -7.14 21.20 -2.91
C ILE C 89 -7.80 21.66 -1.62
N SER C 90 -8.87 20.97 -1.23
CA SER C 90 -9.59 21.30 -0.01
C SER C 90 -9.14 20.41 1.15
N PRO C 91 -8.69 21.02 2.25
CA PRO C 91 -8.22 20.29 3.43
C PRO C 91 -9.34 19.57 4.17
N ASP C 92 -10.58 19.96 3.88
CA ASP C 92 -11.75 19.36 4.53
C ASP C 92 -11.94 17.89 4.14
N ARG C 93 -11.25 17.46 3.09
CA ARG C 93 -11.33 16.09 2.64
C ARG C 93 -9.95 15.43 2.64
N VAL C 94 -9.01 16.05 3.34
CA VAL C 94 -7.66 15.53 3.41
C VAL C 94 -7.51 14.49 4.51
N TYR C 95 -6.97 13.33 4.15
CA TYR C 95 -6.77 12.25 5.10
C TYR C 95 -5.38 11.63 4.91
N ILE C 96 -4.67 11.48 6.02
CA ILE C 96 -3.34 10.90 6.00
C ILE C 96 -3.39 9.56 6.72
N ASN C 97 -2.44 8.68 6.40
CA ASN C 97 -2.38 7.37 7.04
C ASN C 97 -1.01 7.17 7.69
N TYR C 98 -0.94 7.40 8.99
CA TYR C 98 0.30 7.24 9.73
C TYR C 98 0.46 5.82 10.23
N TYR C 99 1.66 5.27 10.08
CA TYR C 99 1.93 3.92 10.53
C TYR C 99 3.18 3.88 11.40
N ASP C 100 3.04 3.39 12.63
CA ASP C 100 4.17 3.31 13.53
C ASP C 100 4.78 1.91 13.45
N MET C 101 6.10 1.83 13.50
CA MET C 101 6.79 0.56 13.39
C MET C 101 7.86 0.41 14.47
N ASN C 102 8.32 -0.82 14.66
CA ASN C 102 9.36 -1.12 15.65
C ASN C 102 10.64 -1.49 14.91
N ALA C 103 11.79 -1.13 15.47
CA ALA C 103 13.08 -1.42 14.85
C ALA C 103 13.30 -2.90 14.60
N ALA C 104 12.71 -3.75 15.44
CA ALA C 104 12.85 -5.19 15.31
C ALA C 104 12.11 -5.74 14.09
N ASN C 105 11.27 -4.90 13.49
CA ASN C 105 10.50 -5.32 12.32
C ASN C 105 10.87 -4.53 11.07
N VAL C 106 12.01 -3.85 11.14
CA VAL C 106 12.50 -3.07 10.02
C VAL C 106 13.82 -3.63 9.52
N GLY C 107 13.91 -3.86 8.22
CA GLY C 107 15.13 -4.38 7.63
C GLY C 107 15.81 -3.35 6.75
N TRP C 108 17.10 -3.17 6.95
CA TRP C 108 17.86 -2.21 6.17
C TRP C 108 19.32 -2.64 6.07
N ASN C 109 19.86 -2.62 4.86
CA ASN C 109 21.25 -2.99 4.60
C ASN C 109 21.60 -4.40 5.08
N ASN C 110 20.80 -5.37 4.66
CA ASN C 110 21.00 -6.79 5.00
C ASN C 110 20.88 -7.11 6.50
N SER C 111 20.35 -6.18 7.29
CA SER C 111 20.21 -6.42 8.71
C SER C 111 19.00 -5.69 9.31
N THR C 112 18.60 -6.12 10.50
CA THR C 112 17.47 -5.51 11.19
C THR C 112 17.90 -4.17 11.79
N PHE C 113 16.98 -3.23 11.84
CA PHE C 113 17.25 -1.89 12.38
C PHE C 113 17.37 -1.93 13.91
N ALA C 114 16.90 -3.01 14.49
CA ALA C 114 16.97 -3.19 15.95
C ALA C 114 18.41 -3.42 16.39
C00 VIU D . -13.37 8.39 8.81
C01 VIU D . -12.94 7.99 7.56
C02 VIU D . -13.49 8.54 6.40
N0K VIU D . -13.04 8.17 5.21
C0M VIU D . -11.96 7.20 4.97
C0N VIU D . -11.60 7.49 3.51
C0P VIU D . -13.56 8.68 3.94
C0O VIU D . -13.00 7.66 2.94
C05 VIU D . -14.39 9.34 8.91
C04 VIU D . -14.94 9.89 7.77
C03 VIU D . -14.50 9.49 6.52
S09 VIU D . -16.21 11.09 7.81
N06 VIU D . -14.78 9.71 10.21
C07 VIU D . -15.76 10.65 10.50
C08 VIU D . -16.49 11.34 9.53
C0A VIU D . -17.46 12.25 9.91
C0D VIU D . -16.03 10.90 11.86
C0C VIU D . -17.01 11.81 12.23
C0B VIU D . -17.72 12.49 11.25
N0F VIU D . -18.66 13.38 11.59
C0G VIU D . -19.47 14.16 10.65
C0H VIU D . -20.60 14.64 11.54
C0J VIU D . -19.02 13.71 12.98
C0I VIU D . -19.80 15.01 12.79
C0E VIU D . -15.24 10.16 12.93
C0Q VIU D . -12.72 7.73 10.03
C0R VIU D . -12.81 6.21 9.94
H0S VIU D . -12.15 7.24 7.49
H18 VIU D . -11.08 7.32 5.60
H17 VIU D . -12.34 6.18 5.09
H19 VIU D . -11.01 6.71 3.04
H1A VIU D . -11.05 8.43 3.41
H1D VIU D . -14.66 8.69 3.92
H1E VIU D . -13.20 9.70 3.73
H1B VIU D . -13.57 6.72 2.95
H1C VIU D . -12.96 8.01 1.90
H0T VIU D . -14.95 9.92 5.64
H0U VIU D . -18.01 12.79 9.13
H0V VIU D . -17.21 11.96 13.29
H0Z VIU D . -19.85 13.50 9.85
H10 VIU D . -18.97 15.01 10.20
H11 VIU D . -21.39 13.90 11.72
H12 VIU D . -21.09 15.54 11.15
H16 VIU D . -18.14 13.84 13.62
H15 VIU D . -19.66 12.94 13.43
H14 VIU D . -19.17 15.89 12.61
H13 VIU D . -20.44 15.24 13.64
H0Y VIU D . -14.69 10.87 13.56
H0W VIU D . -14.50 9.48 12.49
H0X VIU D . -15.92 9.56 13.55
H1F VIU D . -13.23 8.07 10.95
H1G VIU D . -11.67 8.04 10.14
H1J VIU D . -13.33 5.88 9.04
H1H VIU D . -13.36 5.81 10.80
H1I VIU D . -11.81 5.77 9.93
N PRO A 1 -15.48 4.83 4.88
CA PRO A 1 -14.60 3.69 4.49
C PRO A 1 -14.16 3.85 3.05
N MET A 2 -13.00 3.30 2.73
CA MET A 2 -12.47 3.38 1.38
C MET A 2 -12.00 2.02 0.88
N PHE A 3 -12.32 1.73 -0.38
CA PHE A 3 -11.96 0.46 -1.00
C PHE A 3 -11.12 0.68 -2.25
N ILE A 4 -10.03 -0.06 -2.33
CA ILE A 4 -9.13 0.04 -3.48
C ILE A 4 -8.86 -1.36 -4.05
N VAL A 5 -8.96 -1.48 -5.37
CA VAL A 5 -8.73 -2.75 -6.04
C VAL A 5 -7.59 -2.64 -7.06
N ASN A 6 -6.62 -3.54 -6.93
CA ASN A 6 -5.47 -3.56 -7.83
C ASN A 6 -5.40 -4.92 -8.52
N THR A 7 -4.98 -4.94 -9.78
CA THR A 7 -4.88 -6.19 -10.52
C THR A 7 -3.91 -6.06 -11.70
N ASN A 8 -3.42 -7.19 -12.18
CA ASN A 8 -2.50 -7.23 -13.31
C ASN A 8 -3.29 -7.20 -14.62
N VAL A 9 -4.60 -7.34 -14.51
CA VAL A 9 -5.48 -7.33 -15.67
C VAL A 9 -5.47 -5.93 -16.30
N PRO A 10 -5.24 -5.87 -17.64
CA PRO A 10 -5.21 -4.62 -18.41
C PRO A 10 -6.45 -3.76 -18.20
N ARG A 11 -6.26 -2.46 -18.30
CA ARG A 11 -7.34 -1.49 -18.14
C ARG A 11 -8.42 -1.70 -19.20
N ALA A 12 -8.01 -2.16 -20.37
CA ALA A 12 -8.92 -2.41 -21.47
C ALA A 12 -9.95 -3.49 -21.13
N SER A 13 -9.59 -4.36 -20.21
CA SER A 13 -10.47 -5.45 -19.80
C SER A 13 -11.37 -5.05 -18.63
N VAL A 14 -11.20 -3.82 -18.16
CA VAL A 14 -11.99 -3.31 -17.04
C VAL A 14 -13.25 -2.61 -17.55
N PRO A 15 -14.42 -3.08 -17.11
CA PRO A 15 -15.70 -2.49 -17.51
C PRO A 15 -16.03 -1.24 -16.70
N ASP A 16 -17.21 -0.69 -16.94
CA ASP A 16 -17.65 0.51 -16.24
C ASP A 16 -18.95 0.25 -15.48
N GLY A 17 -19.25 1.12 -14.52
CA GLY A 17 -20.46 0.97 -13.73
C GLY A 17 -20.26 0.02 -12.56
N PHE A 18 -19.04 -0.48 -12.42
CA PHE A 18 -18.72 -1.39 -11.33
C PHE A 18 -18.51 -0.62 -10.03
N LEU A 19 -17.85 0.53 -10.14
CA LEU A 19 -17.60 1.36 -8.96
C LEU A 19 -18.90 1.87 -8.36
N SER A 20 -19.87 2.14 -9.23
CA SER A 20 -21.17 2.63 -8.80
C SER A 20 -21.86 1.57 -7.93
N GLU A 21 -21.79 0.32 -8.39
CA GLU A 21 -22.37 -0.79 -7.65
C GLU A 21 -21.61 -1.02 -6.35
N LEU A 22 -20.29 -1.00 -6.45
CA LEU A 22 -19.42 -1.22 -5.30
C LEU A 22 -19.72 -0.22 -4.18
N THR A 23 -19.97 1.03 -4.56
CA THR A 23 -20.28 2.08 -3.60
C THR A 23 -21.53 1.73 -2.79
N GLN A 24 -22.61 1.38 -3.48
CA GLN A 24 -23.85 1.02 -2.81
C GLN A 24 -23.70 -0.28 -2.03
N GLN A 25 -23.00 -1.23 -2.62
CA GLN A 25 -22.78 -2.53 -1.99
C GLN A 25 -22.04 -2.38 -0.66
N LEU A 26 -20.90 -1.70 -0.69
CA LEU A 26 -20.09 -1.50 0.51
C LEU A 26 -20.85 -0.68 1.56
N ALA A 27 -21.48 0.40 1.10
CA ALA A 27 -22.24 1.28 1.99
C ALA A 27 -23.32 0.52 2.77
N GLN A 28 -24.09 -0.28 2.05
CA GLN A 28 -25.18 -1.02 2.67
C GLN A 28 -24.67 -2.22 3.47
N ALA A 29 -23.60 -2.85 2.99
CA ALA A 29 -23.04 -4.02 3.66
C ALA A 29 -22.41 -3.66 5.00
N THR A 30 -21.64 -2.58 5.03
CA THR A 30 -20.99 -2.15 6.26
C THR A 30 -21.93 -1.31 7.13
N GLY A 31 -23.01 -0.80 6.53
CA GLY A 31 -23.96 0.00 7.27
C GLY A 31 -23.47 1.42 7.47
N LYS A 32 -23.00 2.02 6.39
CA LYS A 32 -22.49 3.39 6.42
C LYS A 32 -23.02 4.18 5.22
N PRO A 33 -23.18 5.50 5.37
CA PRO A 33 -23.67 6.35 4.28
C PRO A 33 -22.67 6.41 3.12
N PRO A 34 -23.17 6.41 1.87
CA PRO A 34 -22.34 6.46 0.67
C PRO A 34 -21.49 7.72 0.60
N GLN A 35 -21.86 8.72 1.41
CA GLN A 35 -21.14 9.98 1.47
C GLN A 35 -19.73 9.80 2.02
N TYR A 36 -19.51 8.67 2.70
CA TYR A 36 -18.21 8.37 3.28
C TYR A 36 -17.55 7.19 2.59
N ILE A 37 -18.04 6.86 1.41
CA ILE A 37 -17.49 5.74 0.64
C ILE A 37 -16.60 6.23 -0.49
N ALA A 38 -15.36 5.77 -0.48
CA ALA A 38 -14.39 6.14 -1.50
C ALA A 38 -13.95 4.90 -2.26
N VAL A 39 -14.07 4.93 -3.57
CA VAL A 39 -13.69 3.79 -4.40
C VAL A 39 -12.49 4.15 -5.27
N HIS A 40 -11.59 3.19 -5.41
CA HIS A 40 -10.39 3.38 -6.21
C HIS A 40 -10.10 2.13 -7.03
N VAL A 41 -9.93 2.30 -8.33
CA VAL A 41 -9.65 1.18 -9.21
C VAL A 41 -8.31 1.42 -9.91
N VAL A 42 -7.35 0.56 -9.63
CA VAL A 42 -6.02 0.68 -10.22
C VAL A 42 -5.55 -0.65 -10.84
N PRO A 43 -5.91 -0.88 -12.11
CA PRO A 43 -5.53 -2.07 -12.84
C PRO A 43 -4.36 -1.80 -13.79
N ASP A 44 -4.15 -2.71 -14.74
CA ASP A 44 -3.08 -2.56 -15.73
C ASP A 44 -1.71 -2.54 -15.06
N GLN A 45 -1.53 -3.40 -14.07
CA GLN A 45 -0.26 -3.48 -13.34
C GLN A 45 0.50 -4.75 -13.70
N LEU A 46 1.68 -4.92 -13.11
CA LEU A 46 2.51 -6.10 -13.38
C LEU A 46 2.68 -6.93 -12.12
N MET A 47 2.26 -8.20 -12.19
CA MET A 47 2.39 -9.11 -11.06
C MET A 47 2.35 -10.56 -11.54
N ALA A 48 3.04 -11.42 -10.82
CA ALA A 48 3.09 -12.83 -11.17
C ALA A 48 2.72 -13.71 -9.99
N PHE A 49 2.03 -14.80 -10.26
CA PHE A 49 1.60 -15.71 -9.22
C PHE A 49 2.31 -17.06 -9.38
N GLY A 50 3.10 -17.42 -8.38
CA GLY A 50 3.84 -18.68 -8.45
C GLY A 50 4.87 -18.67 -9.56
N GLY A 51 5.20 -17.49 -10.05
CA GLY A 51 6.16 -17.36 -11.12
C GLY A 51 5.49 -17.48 -12.48
N SER A 52 4.17 -17.56 -12.48
CA SER A 52 3.40 -17.67 -13.71
C SER A 52 2.53 -16.43 -13.90
N SER A 53 2.14 -16.17 -15.14
CA SER A 53 1.31 -15.02 -15.46
C SER A 53 -0.16 -15.31 -15.14
N GLU A 54 -0.44 -15.50 -13.86
CA GLU A 54 -1.80 -15.77 -13.40
C GLU A 54 -2.52 -14.49 -12.98
N PRO A 55 -3.72 -14.26 -13.51
CA PRO A 55 -4.51 -13.08 -13.19
C PRO A 55 -4.93 -13.08 -11.71
N CYS A 56 -4.39 -12.13 -10.94
CA CYS A 56 -4.70 -12.02 -9.53
C CYS A 56 -5.16 -10.61 -9.19
N ALA A 57 -5.80 -10.44 -8.03
CA ALA A 57 -6.28 -9.13 -7.62
C ALA A 57 -6.10 -8.91 -6.13
N LEU A 58 -5.89 -7.67 -5.76
CA LEU A 58 -5.73 -7.29 -4.37
C LEU A 58 -6.81 -6.30 -3.99
N CYS A 59 -7.66 -6.68 -3.05
CA CYS A 59 -8.74 -5.81 -2.60
C CYS A 59 -8.51 -5.38 -1.16
N SER A 60 -8.40 -4.08 -0.95
CA SER A 60 -8.16 -3.55 0.39
C SER A 60 -9.34 -2.75 0.90
N LEU A 61 -9.79 -3.11 2.10
CA LEU A 61 -10.91 -2.43 2.75
C LEU A 61 -10.39 -1.55 3.87
N HIS A 62 -11.03 -0.41 4.08
CA HIS A 62 -10.62 0.50 5.14
C HIS A 62 -11.81 0.97 5.95
N SER A 63 -12.37 0.05 6.71
CA SER A 63 -13.52 0.34 7.55
C SER A 63 -13.07 0.41 9.01
N ILE A 64 -14.02 0.57 9.92
CA ILE A 64 -13.71 0.66 11.34
C ILE A 64 -14.39 -0.46 12.12
N GLY A 65 -13.58 -1.37 12.66
CA GLY A 65 -14.11 -2.47 13.43
C GLY A 65 -14.84 -3.49 12.56
N LYS A 66 -15.80 -4.18 13.16
CA LYS A 66 -16.62 -5.17 12.48
C LYS A 66 -15.77 -6.27 11.84
N ILE A 67 -14.66 -6.59 12.48
CA ILE A 67 -13.77 -7.61 11.98
C ILE A 67 -13.98 -8.92 12.76
N GLY A 68 -13.91 -10.04 12.06
CA GLY A 68 -14.10 -11.33 12.70
C GLY A 68 -14.07 -12.47 11.71
N GLY A 69 -13.93 -13.69 12.22
CA GLY A 69 -13.87 -14.87 11.37
C GLY A 69 -15.09 -15.03 10.48
N ALA A 70 -16.23 -14.59 10.98
CA ALA A 70 -17.47 -14.68 10.21
C ALA A 70 -17.71 -13.42 9.40
N GLN A 71 -17.51 -12.27 10.04
CA GLN A 71 -17.72 -10.98 9.40
C GLN A 71 -16.83 -10.79 8.18
N ASN A 72 -15.55 -11.11 8.32
CA ASN A 72 -14.60 -10.96 7.20
C ASN A 72 -14.97 -11.86 6.02
N ARG A 73 -15.57 -13.00 6.31
CA ARG A 73 -15.98 -13.93 5.27
C ARG A 73 -17.24 -13.45 4.59
N SER A 74 -18.20 -12.97 5.38
CA SER A 74 -19.46 -12.47 4.85
C SER A 74 -19.23 -11.23 3.99
N TYR A 75 -18.32 -10.37 4.44
CA TYR A 75 -17.99 -9.16 3.71
C TYR A 75 -17.40 -9.49 2.34
N SER A 76 -16.48 -10.44 2.33
CA SER A 76 -15.84 -10.88 1.10
C SER A 76 -16.82 -11.64 0.22
N LYS A 77 -17.73 -12.39 0.85
CA LYS A 77 -18.73 -13.17 0.13
C LYS A 77 -19.62 -12.25 -0.68
N LEU A 78 -19.90 -11.07 -0.15
CA LEU A 78 -20.74 -10.10 -0.82
C LEU A 78 -19.97 -9.33 -1.89
N LEU A 79 -18.69 -9.66 -2.06
CA LEU A 79 -17.86 -8.99 -3.05
C LEU A 79 -17.32 -9.98 -4.09
N CYS A 80 -17.10 -11.21 -3.66
CA CYS A 80 -16.56 -12.26 -4.53
C CYS A 80 -17.38 -12.44 -5.81
N GLY A 81 -18.70 -12.45 -5.68
CA GLY A 81 -19.55 -12.64 -6.83
C GLY A 81 -19.42 -11.51 -7.83
N LEU A 82 -19.24 -10.30 -7.32
CA LEU A 82 -19.11 -9.12 -8.16
C LEU A 82 -17.82 -9.14 -8.96
N LEU A 83 -16.69 -9.29 -8.27
CA LEU A 83 -15.39 -9.30 -8.92
C LEU A 83 -15.23 -10.47 -9.89
N ALA A 84 -15.76 -11.62 -9.52
CA ALA A 84 -15.66 -12.81 -10.35
C ALA A 84 -16.46 -12.68 -11.64
N GLU A 85 -17.52 -11.88 -11.61
CA GLU A 85 -18.36 -11.69 -12.78
C GLU A 85 -17.89 -10.54 -13.66
N ARG A 86 -17.17 -9.59 -13.08
CA ARG A 86 -16.68 -8.45 -13.83
C ARG A 86 -15.23 -8.63 -14.28
N LEU A 87 -14.35 -8.92 -13.34
CA LEU A 87 -12.93 -9.11 -13.66
C LEU A 87 -12.63 -10.55 -14.05
N ARG A 88 -13.56 -11.46 -13.70
CA ARG A 88 -13.42 -12.88 -13.99
C ARG A 88 -12.27 -13.52 -13.21
N ILE A 89 -11.84 -12.85 -12.15
CA ILE A 89 -10.76 -13.34 -11.32
C ILE A 89 -11.31 -14.23 -10.20
N SER A 90 -10.64 -15.35 -9.97
CA SER A 90 -11.06 -16.29 -8.94
C SER A 90 -10.75 -15.73 -7.56
N PRO A 91 -11.70 -15.88 -6.60
CA PRO A 91 -11.52 -15.40 -5.22
C PRO A 91 -10.35 -16.09 -4.54
N ASP A 92 -9.90 -17.19 -5.14
CA ASP A 92 -8.77 -17.96 -4.63
C ASP A 92 -7.47 -17.23 -4.90
N ARG A 93 -7.49 -16.35 -5.89
CA ARG A 93 -6.32 -15.59 -6.29
C ARG A 93 -6.50 -14.12 -5.90
N VAL A 94 -7.42 -13.86 -4.98
CA VAL A 94 -7.68 -12.51 -4.53
C VAL A 94 -7.36 -12.34 -3.05
N TYR A 95 -6.43 -11.44 -2.74
CA TYR A 95 -6.04 -11.18 -1.37
C TYR A 95 -6.78 -9.95 -0.85
N ILE A 96 -7.40 -10.08 0.31
CA ILE A 96 -8.14 -8.99 0.92
C ILE A 96 -7.31 -8.38 2.06
N ASN A 97 -7.32 -7.05 2.14
CA ASN A 97 -6.58 -6.34 3.18
C ASN A 97 -7.55 -5.67 4.15
N TYR A 98 -7.43 -5.99 5.42
CA TYR A 98 -8.29 -5.42 6.45
C TYR A 98 -7.52 -5.24 7.75
N TYR A 99 -7.83 -4.19 8.49
CA TYR A 99 -7.15 -3.91 9.76
C TYR A 99 -8.17 -3.79 10.90
N ASP A 100 -7.70 -3.94 12.13
CA ASP A 100 -8.58 -3.85 13.29
C ASP A 100 -8.09 -2.79 14.27
N MET A 101 -7.27 -1.87 13.77
CA MET A 101 -6.71 -0.79 14.58
C MET A 101 -7.81 -0.02 15.33
N ASN A 102 -7.52 0.35 16.57
CA ASN A 102 -8.46 1.09 17.42
C ASN A 102 -8.71 2.50 16.87
N ALA A 103 -9.87 3.06 17.20
CA ALA A 103 -10.26 4.40 16.73
C ALA A 103 -9.33 5.49 17.28
N ALA A 104 -8.49 5.13 18.24
CA ALA A 104 -7.56 6.07 18.85
C ALA A 104 -6.61 6.66 17.80
N ASN A 105 -6.26 5.84 16.81
CA ASN A 105 -5.38 6.27 15.72
C ASN A 105 -6.16 6.53 14.44
N VAL A 106 -7.47 6.65 14.56
CA VAL A 106 -8.33 6.89 13.41
C VAL A 106 -9.03 8.24 13.50
N GLY A 107 -8.67 9.15 12.62
CA GLY A 107 -9.26 10.46 12.61
C GLY A 107 -9.47 10.96 11.20
N TRP A 108 -10.35 11.93 11.03
CA TRP A 108 -10.63 12.49 9.72
C TRP A 108 -10.52 14.01 9.75
N ASN A 109 -10.10 14.60 8.63
CA ASN A 109 -9.94 16.06 8.51
C ASN A 109 -8.81 16.59 9.39
N ASN A 110 -7.64 16.75 8.77
CA ASN A 110 -6.45 17.26 9.48
C ASN A 110 -6.07 16.35 10.64
N SER A 111 -6.32 15.06 10.48
CA SER A 111 -6.02 14.09 11.53
C SER A 111 -5.32 12.87 10.94
N THR A 112 -4.88 11.98 11.82
CA THR A 112 -4.18 10.78 11.41
C THR A 112 -5.15 9.64 11.12
N PHE A 113 -4.92 8.96 10.02
CA PHE A 113 -5.75 7.85 9.62
C PHE A 113 -5.03 6.53 9.89
N ALA A 114 -5.75 5.42 9.82
CA ALA A 114 -5.16 4.10 10.06
C ALA A 114 -5.55 3.12 8.96
N PRO B 1 -4.64 2.99 2.60
CA PRO B 1 -3.58 2.64 1.64
C PRO B 1 -3.43 1.13 1.53
N MET B 2 -3.27 0.64 0.30
CA MET B 2 -3.13 -0.80 0.08
C MET B 2 -1.67 -1.21 0.12
N PHE B 3 -1.41 -2.49 -0.13
CA PHE B 3 -0.04 -3.01 -0.14
C PHE B 3 0.43 -3.24 -1.57
N ILE B 4 1.51 -2.57 -1.95
CA ILE B 4 2.07 -2.69 -3.28
C ILE B 4 3.54 -2.27 -3.28
N VAL B 5 4.32 -2.90 -4.15
CA VAL B 5 5.74 -2.60 -4.25
C VAL B 5 6.01 -1.78 -5.51
N ASN B 6 6.64 -0.64 -5.34
CA ASN B 6 6.97 0.24 -6.45
C ASN B 6 8.44 0.63 -6.41
N THR B 7 8.90 1.28 -7.47
CA THR B 7 10.28 1.74 -7.56
C THR B 7 10.41 2.75 -8.70
N ASN B 8 11.40 3.63 -8.59
CA ASN B 8 11.61 4.65 -9.62
C ASN B 8 12.44 4.11 -10.78
N VAL B 9 12.84 2.85 -10.68
CA VAL B 9 13.61 2.22 -11.73
C VAL B 9 12.68 1.92 -12.91
N PRO B 10 13.02 2.40 -14.11
CA PRO B 10 12.21 2.19 -15.32
C PRO B 10 12.00 0.71 -15.65
N ARG B 11 10.83 0.41 -16.20
CA ARG B 11 10.46 -0.95 -16.57
C ARG B 11 11.43 -1.51 -17.61
N ALA B 12 11.92 -0.63 -18.47
CA ALA B 12 12.86 -1.02 -19.52
C ALA B 12 14.19 -1.50 -18.94
N SER B 13 14.50 -1.09 -17.71
CA SER B 13 15.73 -1.47 -17.06
C SER B 13 15.53 -2.71 -16.19
N VAL B 14 14.36 -3.33 -16.31
CA VAL B 14 14.04 -4.52 -15.54
C VAL B 14 14.06 -5.74 -16.45
N PRO B 15 15.09 -6.58 -16.34
CA PRO B 15 15.22 -7.79 -17.17
C PRO B 15 14.28 -8.89 -16.71
N ASP B 16 13.94 -9.78 -17.63
CA ASP B 16 13.03 -10.89 -17.35
C ASP B 16 13.72 -11.97 -16.54
N GLY B 17 12.93 -12.79 -15.86
CA GLY B 17 13.48 -13.85 -15.04
C GLY B 17 13.51 -13.50 -13.57
N PHE B 18 13.22 -12.23 -13.28
CA PHE B 18 13.21 -11.74 -11.89
C PHE B 18 12.20 -12.50 -11.05
N LEU B 19 10.97 -12.61 -11.54
CA LEU B 19 9.91 -13.30 -10.82
C LEU B 19 10.17 -14.81 -10.70
N SER B 20 11.00 -15.35 -11.59
CA SER B 20 11.30 -16.77 -11.58
C SER B 20 12.15 -17.13 -10.36
N GLU B 21 13.28 -16.46 -10.21
CA GLU B 21 14.16 -16.72 -9.07
C GLU B 21 13.61 -16.14 -7.77
N LEU B 22 12.86 -15.06 -7.88
CA LEU B 22 12.26 -14.41 -6.71
C LEU B 22 11.31 -15.38 -6.02
N THR B 23 10.30 -15.86 -6.75
CA THR B 23 9.32 -16.79 -6.21
C THR B 23 9.99 -18.06 -5.72
N GLN B 24 11.03 -18.48 -6.43
CA GLN B 24 11.76 -19.69 -6.07
C GLN B 24 12.38 -19.56 -4.68
N GLN B 25 13.08 -18.45 -4.45
CA GLN B 25 13.72 -18.19 -3.17
C GLN B 25 12.68 -17.88 -2.10
N LEU B 26 11.69 -17.05 -2.45
CA LEU B 26 10.64 -16.67 -1.52
C LEU B 26 9.90 -17.89 -0.96
N ALA B 27 9.54 -18.82 -1.83
CA ALA B 27 8.82 -20.01 -1.40
C ALA B 27 9.65 -20.86 -0.45
N GLN B 28 10.94 -21.00 -0.77
CA GLN B 28 11.85 -21.79 0.05
C GLN B 28 12.16 -21.11 1.38
N ALA B 29 12.18 -19.78 1.36
CA ALA B 29 12.46 -19.00 2.56
C ALA B 29 11.25 -18.96 3.50
N THR B 30 10.07 -18.76 2.94
CA THR B 30 8.84 -18.70 3.72
C THR B 30 8.41 -20.09 4.18
N GLY B 31 8.83 -21.12 3.46
CA GLY B 31 8.48 -22.47 3.80
C GLY B 31 7.02 -22.76 3.52
N LYS B 32 6.54 -22.24 2.40
CA LYS B 32 5.16 -22.43 1.98
C LYS B 32 5.10 -22.69 0.48
N PRO B 33 4.03 -23.37 -0.01
CA PRO B 33 3.86 -23.68 -1.44
C PRO B 33 4.06 -22.46 -2.33
N PRO B 34 4.93 -22.59 -3.35
CA PRO B 34 5.23 -21.50 -4.29
C PRO B 34 4.00 -21.05 -5.08
N GLN B 35 3.02 -21.93 -5.19
CA GLN B 35 1.80 -21.62 -5.93
C GLN B 35 0.79 -20.92 -5.03
N TYR B 36 1.24 -20.44 -3.88
CA TYR B 36 0.37 -19.75 -2.94
C TYR B 36 0.92 -18.37 -2.61
N ILE B 37 1.87 -17.90 -3.41
CA ILE B 37 2.48 -16.60 -3.22
C ILE B 37 2.55 -15.84 -4.54
N ALA B 38 2.48 -14.52 -4.47
CA ALA B 38 2.53 -13.69 -5.66
C ALA B 38 3.48 -12.51 -5.47
N VAL B 39 4.13 -12.11 -6.55
CA VAL B 39 5.06 -11.00 -6.53
C VAL B 39 4.48 -9.80 -7.29
N HIS B 40 4.44 -8.66 -6.63
CA HIS B 40 3.90 -7.46 -7.23
C HIS B 40 4.95 -6.36 -7.20
N VAL B 41 5.23 -5.79 -8.35
CA VAL B 41 6.21 -4.71 -8.46
C VAL B 41 5.92 -3.81 -9.65
N VAL B 42 5.63 -2.55 -9.36
CA VAL B 42 5.35 -1.57 -10.40
C VAL B 42 6.49 -0.57 -10.49
N PRO B 43 7.33 -0.70 -11.52
CA PRO B 43 8.46 0.19 -11.73
C PRO B 43 8.06 1.44 -12.51
N ASP B 44 9.05 2.24 -12.90
CA ASP B 44 8.82 3.47 -13.68
C ASP B 44 8.08 4.52 -12.84
N GLN B 45 8.17 4.40 -11.52
CA GLN B 45 7.52 5.35 -10.63
C GLN B 45 8.44 6.53 -10.30
N LEU B 46 8.04 7.35 -9.35
CA LEU B 46 8.83 8.52 -8.95
C LEU B 46 9.08 8.50 -7.44
N MET B 47 10.34 8.39 -7.04
CA MET B 47 10.69 8.34 -5.64
C MET B 47 12.10 8.84 -5.36
N ALA B 48 12.36 9.20 -4.11
CA ALA B 48 13.67 9.68 -3.69
C ALA B 48 13.88 9.34 -2.22
N PHE B 49 15.12 9.38 -1.76
CA PHE B 49 15.43 9.04 -0.37
C PHE B 49 16.40 10.03 0.27
N GLY B 50 15.89 10.83 1.20
CA GLY B 50 16.71 11.81 1.89
C GLY B 50 17.29 12.87 0.97
N GLY B 51 16.49 13.32 0.01
CA GLY B 51 16.95 14.32 -0.93
C GLY B 51 17.60 13.71 -2.15
N SER B 52 18.27 12.58 -1.95
CA SER B 52 18.94 11.87 -3.03
C SER B 52 17.92 11.36 -4.04
N SER B 53 18.03 11.83 -5.27
CA SER B 53 17.11 11.43 -6.33
C SER B 53 17.53 10.12 -6.99
N GLU B 54 18.50 9.45 -6.37
CA GLU B 54 19.01 8.19 -6.87
C GLU B 54 17.96 7.09 -6.77
N PRO B 55 18.02 6.09 -7.66
CA PRO B 55 17.07 4.97 -7.66
C PRO B 55 16.98 4.30 -6.30
N CYS B 56 15.75 4.17 -5.79
CA CYS B 56 15.52 3.56 -4.50
C CYS B 56 14.45 2.49 -4.61
N ALA B 57 14.19 1.79 -3.52
CA ALA B 57 13.18 0.74 -3.53
C ALA B 57 12.58 0.53 -2.15
N LEU B 58 11.30 0.18 -2.12
CA LEU B 58 10.58 -0.07 -0.88
C LEU B 58 9.76 -1.35 -1.05
N CYS B 59 9.82 -2.24 -0.07
CA CYS B 59 9.10 -3.51 -0.16
C CYS B 59 8.31 -3.81 1.11
N SER B 60 7.17 -4.47 0.92
CA SER B 60 6.31 -4.84 2.04
C SER B 60 6.28 -6.36 2.17
N LEU B 61 7.04 -6.87 3.13
CA LEU B 61 7.11 -8.31 3.35
C LEU B 61 6.06 -8.79 4.33
N HIS B 62 4.94 -9.25 3.82
CA HIS B 62 3.86 -9.76 4.65
C HIS B 62 3.96 -11.27 4.75
N SER B 63 4.13 -11.77 5.96
CA SER B 63 4.25 -13.19 6.19
C SER B 63 3.44 -13.62 7.40
N ILE B 64 2.63 -14.65 7.24
CA ILE B 64 1.83 -15.17 8.33
C ILE B 64 2.64 -16.18 9.13
N GLY B 65 3.32 -15.69 10.17
CA GLY B 65 4.14 -16.56 10.99
C GLY B 65 5.54 -16.72 10.44
N LYS B 66 6.34 -17.55 11.11
CA LYS B 66 7.72 -17.82 10.71
C LYS B 66 8.63 -16.60 10.86
N ILE B 67 8.04 -15.50 11.35
CA ILE B 67 8.78 -14.27 11.56
C ILE B 67 9.44 -14.28 12.93
N GLY B 68 10.68 -13.83 13.00
CA GLY B 68 11.40 -13.79 14.26
C GLY B 68 12.49 -12.74 14.23
N GLY B 69 13.05 -12.43 15.39
CA GLY B 69 14.08 -11.42 15.47
C GLY B 69 15.28 -11.77 14.60
N ALA B 70 15.81 -12.97 14.78
CA ALA B 70 16.95 -13.44 14.00
C ALA B 70 16.56 -13.64 12.55
N GLN B 71 15.33 -14.11 12.33
CA GLN B 71 14.82 -14.35 11.00
C GLN B 71 14.79 -13.07 10.18
N ASN B 72 14.26 -12.01 10.79
CA ASN B 72 14.15 -10.72 10.14
C ASN B 72 15.50 -10.21 9.65
N ARG B 73 16.54 -10.44 10.45
CA ARG B 73 17.89 -10.01 10.09
C ARG B 73 18.40 -10.79 8.89
N SER B 74 18.15 -12.10 8.88
CA SER B 74 18.56 -12.96 7.79
C SER B 74 17.78 -12.64 6.52
N TYR B 75 16.49 -12.33 6.69
CA TYR B 75 15.63 -11.99 5.58
C TYR B 75 16.13 -10.75 4.86
N SER B 76 16.58 -9.76 5.64
CA SER B 76 17.09 -8.52 5.06
C SER B 76 18.29 -8.80 4.17
N LYS B 77 19.20 -9.63 4.66
CA LYS B 77 20.40 -9.98 3.90
C LYS B 77 20.04 -10.65 2.58
N LEU B 78 19.16 -11.64 2.65
CA LEU B 78 18.74 -12.37 1.46
C LEU B 78 17.97 -11.46 0.51
N LEU B 79 17.10 -10.64 1.07
CA LEU B 79 16.29 -9.71 0.29
C LEU B 79 17.17 -8.70 -0.45
N CYS B 80 18.01 -8.00 0.30
CA CYS B 80 18.90 -7.01 -0.28
C CYS B 80 19.85 -7.64 -1.30
N GLY B 81 20.31 -8.85 -1.00
CA GLY B 81 21.21 -9.54 -1.89
C GLY B 81 20.63 -9.78 -3.27
N LEU B 82 19.42 -10.33 -3.31
CA LEU B 82 18.75 -10.62 -4.57
C LEU B 82 18.38 -9.32 -5.28
N LEU B 83 17.92 -8.34 -4.52
CA LEU B 83 17.53 -7.05 -5.08
C LEU B 83 18.71 -6.31 -5.70
N ALA B 84 19.87 -6.39 -5.04
CA ALA B 84 21.08 -5.71 -5.51
C ALA B 84 21.63 -6.35 -6.79
N GLU B 85 21.22 -7.57 -7.08
CA GLU B 85 21.69 -8.26 -8.27
C GLU B 85 20.76 -8.07 -9.47
N ARG B 86 19.45 -8.11 -9.23
CA ARG B 86 18.47 -7.97 -10.30
C ARG B 86 18.05 -6.52 -10.53
N LEU B 87 17.76 -5.79 -9.45
CA LEU B 87 17.33 -4.40 -9.57
C LEU B 87 18.51 -3.46 -9.42
N ARG B 88 19.64 -4.00 -8.98
CA ARG B 88 20.87 -3.24 -8.78
C ARG B 88 20.69 -2.17 -7.71
N ILE B 89 19.76 -2.41 -6.79
CA ILE B 89 19.50 -1.46 -5.72
C ILE B 89 20.36 -1.75 -4.49
N SER B 90 21.06 -0.72 -4.03
CA SER B 90 21.93 -0.83 -2.88
C SER B 90 21.14 -1.21 -1.62
N PRO B 91 21.67 -2.13 -0.81
CA PRO B 91 21.02 -2.59 0.43
C PRO B 91 20.77 -1.48 1.42
N ASP B 92 21.56 -0.42 1.32
CA ASP B 92 21.43 0.73 2.21
C ASP B 92 20.48 1.78 1.64
N ARG B 93 20.01 1.57 0.43
CA ARG B 93 19.10 2.51 -0.20
C ARG B 93 17.71 1.89 -0.39
N VAL B 94 17.56 0.67 0.10
CA VAL B 94 16.29 -0.05 0.00
C VAL B 94 15.63 -0.12 1.38
N TYR B 95 14.31 0.00 1.40
CA TYR B 95 13.56 -0.05 2.65
C TYR B 95 12.69 -1.30 2.71
N ILE B 96 12.89 -2.11 3.74
CA ILE B 96 12.12 -3.34 3.92
C ILE B 96 11.22 -3.23 5.15
N ASN B 97 9.96 -3.56 4.97
CA ASN B 97 9.00 -3.53 6.07
C ASN B 97 8.36 -4.90 6.25
N TYR B 98 8.37 -5.40 7.47
CA TYR B 98 7.79 -6.71 7.75
C TYR B 98 6.39 -6.61 8.37
N TYR B 99 5.52 -7.53 8.00
CA TYR B 99 4.15 -7.57 8.51
C TYR B 99 3.75 -8.99 8.87
N ASP B 100 3.18 -9.16 10.06
CA ASP B 100 2.73 -10.46 10.52
C ASP B 100 1.23 -10.43 10.77
N MET B 101 0.53 -11.52 10.49
CA MET B 101 -0.91 -11.58 10.67
C MET B 101 -1.33 -12.83 11.45
N ASN B 102 -2.56 -12.81 11.96
CA ASN B 102 -3.12 -13.93 12.71
C ASN B 102 -3.12 -15.21 11.88
N ALA B 103 -2.86 -16.34 12.51
CA ALA B 103 -2.81 -17.63 11.82
C ALA B 103 -4.13 -17.97 11.14
N ALA B 104 -5.24 -17.51 11.71
CA ALA B 104 -6.55 -17.78 11.14
C ALA B 104 -6.96 -16.70 10.14
N ASN B 105 -6.11 -15.70 9.97
CA ASN B 105 -6.40 -14.61 9.05
C ASN B 105 -5.49 -14.66 7.83
N VAL B 106 -5.79 -15.58 6.93
CA VAL B 106 -5.00 -15.72 5.69
C VAL B 106 -5.60 -14.87 4.58
N GLY B 107 -5.28 -15.19 3.35
CA GLY B 107 -5.81 -14.44 2.23
C GLY B 107 -6.10 -15.35 1.05
N TRP B 108 -6.83 -16.43 1.30
CA TRP B 108 -7.16 -17.38 0.25
C TRP B 108 -8.63 -17.76 0.32
N ASN B 109 -9.38 -17.32 -0.68
CA ASN B 109 -10.81 -17.62 -0.79
C ASN B 109 -11.60 -17.00 0.36
N ASN B 110 -11.90 -15.72 0.22
CA ASN B 110 -12.67 -14.98 1.22
C ASN B 110 -11.96 -14.94 2.58
N SER B 111 -10.78 -14.33 2.60
CA SER B 111 -10.01 -14.20 3.82
C SER B 111 -9.30 -12.86 3.87
N THR B 112 -9.39 -12.18 5.01
CA THR B 112 -8.75 -10.88 5.16
C THR B 112 -7.37 -10.98 5.81
N PHE B 113 -6.38 -10.40 5.14
CA PHE B 113 -5.00 -10.40 5.61
C PHE B 113 -4.61 -8.95 5.95
N ALA B 114 -3.46 -8.80 6.60
CA ALA B 114 -2.97 -7.46 6.97
C ALA B 114 -2.27 -6.82 5.78
N PRO C 1 -1.25 -3.06 6.04
CA PRO C 1 -1.25 -2.31 4.76
C PRO C 1 0.13 -1.71 4.53
N MET C 2 0.29 -0.93 3.47
CA MET C 2 1.57 -0.30 3.14
C MET C 2 1.41 1.22 3.14
N PHE C 3 2.46 1.93 3.57
CA PHE C 3 2.43 3.39 3.62
C PHE C 3 2.65 4.02 2.24
N ILE C 4 1.57 4.23 1.51
CA ILE C 4 1.66 4.82 0.19
C ILE C 4 0.57 5.89 -0.01
N VAL C 5 0.86 6.87 -0.84
CA VAL C 5 -0.09 7.94 -1.12
C VAL C 5 -0.61 7.82 -2.54
N ASN C 6 -1.83 8.29 -2.77
CA ASN C 6 -2.43 8.25 -4.10
C ASN C 6 -3.23 9.51 -4.31
N THR C 7 -3.32 9.96 -5.55
CA THR C 7 -4.08 11.17 -5.86
C THR C 7 -4.80 11.04 -7.20
N ASN C 8 -5.98 11.65 -7.27
CA ASN C 8 -6.79 11.64 -8.48
C ASN C 8 -6.24 12.67 -9.47
N VAL C 9 -5.33 13.50 -8.98
CA VAL C 9 -4.72 14.54 -9.80
C VAL C 9 -3.78 13.91 -10.82
N PRO C 10 -3.94 14.26 -12.11
CA PRO C 10 -3.10 13.73 -13.18
C PRO C 10 -1.63 14.12 -13.00
N ARG C 11 -0.73 13.34 -13.60
CA ARG C 11 0.71 13.58 -13.51
C ARG C 11 1.10 14.92 -14.14
N ALA C 12 0.29 15.40 -15.07
CA ALA C 12 0.56 16.66 -15.75
C ALA C 12 0.14 17.87 -14.91
N SER C 13 -0.49 17.62 -13.77
CA SER C 13 -0.93 18.70 -12.90
C SER C 13 -0.22 18.69 -11.55
N VAL C 14 0.88 17.95 -11.46
CA VAL C 14 1.64 17.88 -10.22
C VAL C 14 2.63 19.04 -10.13
N PRO C 15 2.95 19.50 -8.92
CA PRO C 15 3.91 20.59 -8.70
C PRO C 15 5.34 20.15 -8.94
N ASP C 16 6.27 21.06 -8.78
CA ASP C 16 7.69 20.76 -8.96
C ASP C 16 8.42 20.88 -7.64
N GLY C 17 9.47 20.08 -7.47
CA GLY C 17 10.23 20.11 -6.23
C GLY C 17 9.51 19.39 -5.11
N PHE C 18 8.55 18.57 -5.49
CA PHE C 18 7.75 17.81 -4.53
C PHE C 18 8.59 16.82 -3.75
N LEU C 19 9.65 16.32 -4.36
CA LEU C 19 10.53 15.35 -3.71
C LEU C 19 11.67 16.05 -2.98
N SER C 20 11.66 17.38 -2.99
CA SER C 20 12.70 18.15 -2.33
C SER C 20 12.15 18.86 -1.09
N GLU C 21 11.09 19.65 -1.28
CA GLU C 21 10.49 20.40 -0.19
C GLU C 21 9.87 19.48 0.87
N LEU C 22 9.41 18.30 0.45
CA LEU C 22 8.78 17.37 1.38
C LEU C 22 9.76 16.87 2.44
N THR C 23 10.94 16.44 2.00
CA THR C 23 11.95 15.93 2.91
C THR C 23 12.42 17.01 3.89
N GLN C 24 12.59 18.21 3.38
CA GLN C 24 13.05 19.34 4.19
C GLN C 24 11.99 19.76 5.21
N GLN C 25 10.74 19.89 4.76
CA GLN C 25 9.64 20.32 5.63
C GLN C 25 9.24 19.26 6.63
N LEU C 26 9.14 18.01 6.19
CA LEU C 26 8.74 16.91 7.06
C LEU C 26 9.77 16.67 8.17
N ALA C 27 11.05 16.84 7.83
CA ALA C 27 12.13 16.64 8.79
C ALA C 27 11.99 17.58 9.98
N GLN C 28 11.75 18.86 9.68
CA GLN C 28 11.61 19.87 10.73
C GLN C 28 10.29 19.70 11.48
N ALA C 29 9.26 19.26 10.76
CA ALA C 29 7.94 19.06 11.36
C ALA C 29 7.97 17.95 12.39
N THR C 30 8.64 16.85 12.08
CA THR C 30 8.71 15.71 12.98
C THR C 30 9.85 15.84 13.98
N GLY C 31 11.01 16.24 13.49
CA GLY C 31 12.17 16.37 14.35
C GLY C 31 13.11 15.20 14.16
N LYS C 32 13.09 14.66 12.96
CA LYS C 32 13.92 13.51 12.60
C LYS C 32 14.80 13.86 11.40
N PRO C 33 15.91 13.13 11.20
CA PRO C 33 16.82 13.37 10.07
C PRO C 33 16.15 13.15 8.72
N PRO C 34 16.25 14.14 7.81
CA PRO C 34 15.64 14.07 6.48
C PRO C 34 16.24 12.94 5.63
N GLN C 35 17.45 12.52 5.98
CA GLN C 35 18.14 11.47 5.25
C GLN C 35 17.46 10.11 5.40
N TYR C 36 16.60 9.98 6.41
CA TYR C 36 15.89 8.73 6.65
C TYR C 36 14.45 8.82 6.15
N ILE C 37 14.10 9.96 5.57
CA ILE C 37 12.76 10.18 5.06
C ILE C 37 12.69 9.85 3.58
N ALA C 38 11.71 9.05 3.19
CA ALA C 38 11.53 8.66 1.80
C ALA C 38 10.31 9.33 1.20
N VAL C 39 10.43 9.74 -0.06
CA VAL C 39 9.33 10.40 -0.75
C VAL C 39 8.89 9.58 -1.96
N HIS C 40 7.60 9.29 -2.02
CA HIS C 40 7.03 8.51 -3.12
C HIS C 40 5.59 8.96 -3.35
N VAL C 41 5.28 9.32 -4.58
CA VAL C 41 3.93 9.79 -4.93
C VAL C 41 3.38 9.01 -6.12
N VAL C 42 2.08 8.76 -6.10
CA VAL C 42 1.41 8.03 -7.17
C VAL C 42 0.23 8.83 -7.71
N PRO C 43 0.46 9.65 -8.74
CA PRO C 43 -0.57 10.46 -9.37
C PRO C 43 -1.22 9.75 -10.55
N ASP C 44 -2.12 10.48 -11.24
CA ASP C 44 -2.83 9.94 -12.41
C ASP C 44 -3.61 8.69 -12.03
N GLN C 45 -4.29 8.75 -10.90
CA GLN C 45 -5.08 7.63 -10.42
C GLN C 45 -6.57 7.92 -10.55
N LEU C 46 -7.38 6.88 -10.63
CA LEU C 46 -8.82 7.04 -10.75
C LEU C 46 -9.52 6.67 -9.45
N MET C 47 -10.11 7.64 -8.78
CA MET C 47 -10.80 7.41 -7.53
C MET C 47 -12.01 8.33 -7.42
N ALA C 48 -13.04 7.85 -6.73
CA ALA C 48 -14.25 8.62 -6.53
C ALA C 48 -14.68 8.57 -5.06
N PHE C 49 -15.05 9.71 -4.51
CA PHE C 49 -15.47 9.79 -3.12
C PHE C 49 -16.91 10.30 -3.01
N GLY C 50 -17.76 9.54 -2.34
CA GLY C 50 -19.14 9.93 -2.18
C GLY C 50 -19.90 9.94 -3.49
N GLY C 51 -19.58 8.98 -4.35
CA GLY C 51 -20.23 8.90 -5.65
C GLY C 51 -19.90 10.06 -6.55
N SER C 52 -18.82 10.75 -6.24
CA SER C 52 -18.39 11.90 -7.02
C SER C 52 -16.93 11.79 -7.42
N SER C 53 -16.64 12.08 -8.68
CA SER C 53 -15.28 12.00 -9.18
C SER C 53 -14.53 13.32 -8.94
N GLU C 54 -14.79 13.93 -7.80
CA GLU C 54 -14.13 15.18 -7.43
C GLU C 54 -12.67 14.93 -7.12
N PRO C 55 -11.80 15.93 -7.34
CA PRO C 55 -10.36 15.80 -7.07
C PRO C 55 -10.07 15.43 -5.62
N CYS C 56 -9.83 14.14 -5.39
CA CYS C 56 -9.54 13.62 -4.07
C CYS C 56 -8.14 13.03 -4.01
N ALA C 57 -7.62 12.84 -2.80
CA ALA C 57 -6.29 12.29 -2.62
C ALA C 57 -6.12 11.77 -1.21
N LEU C 58 -5.24 10.80 -1.04
CA LEU C 58 -4.97 10.22 0.27
C LEU C 58 -3.49 10.29 0.57
N CYS C 59 -3.15 10.72 1.79
CA CYS C 59 -1.77 10.85 2.21
C CYS C 59 -1.46 9.85 3.32
N SER C 60 -0.28 9.25 3.26
CA SER C 60 0.14 8.26 4.25
C SER C 60 1.64 8.38 4.49
N LEU C 61 2.05 8.10 5.73
CA LEU C 61 3.46 8.18 6.11
C LEU C 61 3.73 7.22 7.26
N HIS C 62 4.94 6.71 7.36
CA HIS C 62 5.29 5.80 8.44
C HIS C 62 5.77 6.60 9.66
N SER C 63 5.36 6.18 10.84
CA SER C 63 5.74 6.86 12.06
C SER C 63 6.34 5.91 13.08
N ILE C 64 7.66 5.99 13.24
CA ILE C 64 8.36 5.15 14.20
C ILE C 64 8.81 6.00 15.38
N GLY C 65 7.93 6.12 16.37
CA GLY C 65 8.24 6.89 17.55
C GLY C 65 7.61 8.27 17.48
N LYS C 66 7.31 8.85 18.64
CA LYS C 66 6.69 10.17 18.73
C LYS C 66 5.29 10.19 18.12
N ILE C 67 4.42 9.31 18.60
CA ILE C 67 3.05 9.25 18.08
C ILE C 67 2.03 9.52 19.17
N GLY C 68 0.86 9.99 18.77
CA GLY C 68 -0.20 10.29 19.71
C GLY C 68 -1.37 10.95 19.02
N GLY C 69 -2.52 10.93 19.68
CA GLY C 69 -3.73 11.52 19.10
C GLY C 69 -3.54 12.99 18.79
N ALA C 70 -2.97 13.73 19.73
CA ALA C 70 -2.74 15.16 19.54
C ALA C 70 -1.44 15.40 18.79
N GLN C 71 -0.47 14.54 19.03
CA GLN C 71 0.84 14.66 18.38
C GLN C 71 0.74 14.47 16.87
N ASN C 72 0.06 13.41 16.46
CA ASN C 72 -0.11 13.11 15.04
C ASN C 72 -0.95 14.18 14.36
N ARG C 73 -1.84 14.78 15.13
CA ARG C 73 -2.71 15.83 14.60
C ARG C 73 -1.90 17.03 14.13
N SER C 74 -0.92 17.44 14.93
CA SER C 74 -0.06 18.58 14.59
C SER C 74 0.72 18.28 13.31
N TYR C 75 1.13 17.03 13.15
CA TYR C 75 1.86 16.61 11.97
C TYR C 75 0.96 16.65 10.76
N SER C 76 -0.28 16.19 10.95
CA SER C 76 -1.26 16.17 9.87
C SER C 76 -1.64 17.58 9.44
N LYS C 77 -1.71 18.49 10.41
CA LYS C 77 -2.05 19.89 10.17
C LYS C 77 -1.11 20.51 9.13
N LEU C 78 0.18 20.33 9.31
CA LEU C 78 1.18 20.89 8.40
C LEU C 78 1.07 20.28 7.01
N LEU C 79 0.88 18.96 6.95
CA LEU C 79 0.78 18.25 5.68
C LEU C 79 -0.43 18.72 4.87
N CYS C 80 -1.59 18.79 5.52
CA CYS C 80 -2.82 19.21 4.85
C CYS C 80 -2.70 20.62 4.27
N GLY C 81 -2.06 21.51 5.02
CA GLY C 81 -1.90 22.87 4.57
C GLY C 81 -0.94 23.00 3.40
N LEU C 82 0.12 22.22 3.42
CA LEU C 82 1.12 22.24 2.36
C LEU C 82 0.56 21.72 1.04
N LEU C 83 -0.12 20.58 1.11
CA LEU C 83 -0.70 19.96 -0.08
C LEU C 83 -1.81 20.80 -0.70
N ALA C 84 -2.61 21.44 0.15
CA ALA C 84 -3.70 22.28 -0.32
C ALA C 84 -3.20 23.46 -1.14
N GLU C 85 -2.12 24.07 -0.69
CA GLU C 85 -1.55 25.22 -1.37
C GLU C 85 -0.80 24.83 -2.65
N ARG C 86 -0.42 23.57 -2.76
CA ARG C 86 0.30 23.09 -3.92
C ARG C 86 -0.61 22.48 -4.98
N LEU C 87 -1.44 21.53 -4.58
CA LEU C 87 -2.34 20.85 -5.50
C LEU C 87 -3.68 21.59 -5.69
N ARG C 88 -3.88 22.65 -4.92
CA ARG C 88 -5.11 23.45 -5.00
C ARG C 88 -6.33 22.61 -4.67
N ILE C 89 -6.34 22.04 -3.47
CA ILE C 89 -7.44 21.19 -3.03
C ILE C 89 -7.98 21.65 -1.68
N SER C 90 -9.16 21.16 -1.33
CA SER C 90 -9.79 21.54 -0.08
C SER C 90 -9.38 20.59 1.04
N PRO C 91 -8.91 21.13 2.18
CA PRO C 91 -8.46 20.36 3.34
C PRO C 91 -9.62 19.76 4.15
N ASP C 92 -10.86 19.98 3.68
CA ASP C 92 -12.04 19.45 4.37
C ASP C 92 -12.11 17.93 4.28
N ARG C 93 -11.46 17.37 3.26
CA ARG C 93 -11.45 15.94 3.07
C ARG C 93 -10.02 15.40 2.98
N VAL C 94 -9.12 15.99 3.74
CA VAL C 94 -7.73 15.57 3.75
C VAL C 94 -7.34 14.96 5.09
N TYR C 95 -6.77 13.76 5.03
CA TYR C 95 -6.33 13.05 6.23
C TYR C 95 -4.97 12.40 5.96
N ILE C 96 -4.14 12.30 6.98
CA ILE C 96 -2.82 11.72 6.83
C ILE C 96 -2.71 10.40 7.60
N ASN C 97 -2.52 9.32 6.87
CA ASN C 97 -2.41 7.99 7.47
C ASN C 97 -1.01 7.76 8.06
N TYR C 98 -0.86 8.03 9.35
CA TYR C 98 0.41 7.83 10.03
C TYR C 98 0.47 6.43 10.61
N TYR C 99 1.09 5.52 9.87
CA TYR C 99 1.20 4.14 10.28
C TYR C 99 2.38 3.93 11.23
N ASP C 100 2.07 3.54 12.46
CA ASP C 100 3.08 3.29 13.48
C ASP C 100 3.64 1.88 13.34
N MET C 101 4.89 1.68 13.73
CA MET C 101 5.53 0.38 13.64
C MET C 101 6.70 0.25 14.59
N ASN C 102 7.18 -0.97 14.75
CA ASN C 102 8.31 -1.27 15.63
C ASN C 102 9.60 -1.37 14.82
N ALA C 103 10.73 -1.02 15.45
CA ALA C 103 12.03 -1.06 14.79
C ALA C 103 12.41 -2.47 14.34
N ALA C 104 11.88 -3.48 15.01
CA ALA C 104 12.19 -4.87 14.68
C ALA C 104 11.56 -5.29 13.34
N ASN C 105 10.55 -4.56 12.91
CA ASN C 105 9.87 -4.87 11.65
C ASN C 105 10.43 -4.03 10.51
N VAL C 106 11.54 -3.35 10.78
CA VAL C 106 12.19 -2.52 9.77
C VAL C 106 13.53 -3.11 9.36
N GLY C 107 13.68 -3.38 8.07
CA GLY C 107 14.92 -3.92 7.56
C GLY C 107 15.67 -2.90 6.73
N TRP C 108 16.96 -2.75 7.01
CA TRP C 108 17.80 -1.80 6.30
C TRP C 108 19.26 -2.24 6.31
N ASN C 109 19.86 -2.26 5.11
CA ASN C 109 21.26 -2.65 4.93
C ASN C 109 21.60 -4.01 5.53
N ASN C 110 20.88 -5.04 5.09
CA ASN C 110 21.11 -6.42 5.54
C ASN C 110 20.85 -6.63 7.03
N SER C 111 20.43 -5.59 7.74
CA SER C 111 20.19 -5.71 9.18
C SER C 111 18.86 -5.08 9.58
N THR C 112 18.44 -5.37 10.79
CA THR C 112 17.19 -4.81 11.30
C THR C 112 17.45 -3.46 11.96
N PHE C 113 16.42 -2.64 12.06
CA PHE C 113 16.55 -1.32 12.67
C PHE C 113 16.57 -1.40 14.19
N ALA C 114 16.40 -2.60 14.72
CA ALA C 114 16.39 -2.83 16.16
C ALA C 114 17.82 -2.79 16.70
C00 VIU D . -13.87 8.25 8.48
C01 VIU D . -13.37 7.81 7.25
C02 VIU D . -13.67 8.48 6.08
N0K VIU D . -13.19 8.04 4.92
C0M VIU D . -12.32 6.86 4.76
C0N VIU D . -11.76 7.07 3.35
C0P VIU D . -13.44 8.68 3.61
C0O VIU D . -13.03 7.56 2.65
C05 VIU D . -14.69 9.38 8.51
C04 VIU D . -14.99 10.05 7.33
C03 VIU D . -14.48 9.61 6.12
S09 VIU D . -16.00 11.48 7.30
N06 VIU D . -15.17 9.77 9.76
C07 VIU D . -16.00 10.87 9.98
C08 VIU D . -16.46 11.70 8.97
C0A VIU D . -17.30 12.76 9.27
C0D VIU D . -16.39 11.12 11.29
C0C VIU D . -17.23 12.18 11.61
C0B VIU D . -17.69 13.01 10.58
N0F VIU D . -18.50 14.03 10.86
C0G VIU D . -18.98 14.37 12.20
C0H VIU D . -20.16 15.30 11.88
C0J VIU D . -19.05 14.95 9.85
C0I VIU D . -19.52 16.11 10.74
C0E VIU D . -15.88 10.21 12.42
C0Q VIU D . -13.48 7.45 9.72
C0R VIU D . -14.32 6.16 9.83
H0S VIU D . -12.73 6.92 7.25
H18 VIU D . -11.50 6.79 5.47
H17 VIU D . -12.93 5.95 4.82
H19 VIU D . -11.33 6.17 2.91
H1A VIU D . -11.00 7.86 3.33
H1D VIU D . -14.50 8.93 3.49
H1E VIU D . -12.84 9.58 3.49
H1B VIU D . -13.80 6.78 2.58
H1C VIU D . -12.82 7.90 1.64
H0T VIU D . -14.72 10.14 5.21
H0U VIU D . -17.65 13.40 8.46
H0V VIU D . -17.53 12.35 12.64
H0Z VIU D . -18.20 14.90 12.75
H10 VIU D . -19.34 13.53 12.81
H11 VIU D . -20.49 15.91 12.72
H12 VIU D . -21.03 14.75 11.51
H16 VIU D . -19.87 14.51 9.28
H15 VIU D . -18.27 15.30 9.16
H14 VIU D . -20.26 16.77 10.27
H13 VIU D . -18.70 16.74 11.08
H0Y VIU D . -15.30 10.79 13.14
H0W VIU D . -15.23 9.43 12.03
H0X VIU D . -16.73 9.74 12.93
H1F VIU D . -13.66 8.07 10.61
H1G VIU D . -12.42 7.22 9.75
H1J VIU D . -15.02 6.08 9.00
H1H VIU D . -14.89 6.15 10.76
H1I VIU D . -13.66 5.30 9.81
N PRO A 1 -15.86 4.49 4.96
CA PRO A 1 -15.21 3.28 4.43
C PRO A 1 -14.55 3.55 3.09
N MET A 2 -13.47 2.83 2.81
CA MET A 2 -12.73 3.01 1.56
C MET A 2 -12.46 1.66 0.89
N PHE A 3 -12.56 1.61 -0.42
CA PHE A 3 -12.32 0.40 -1.17
C PHE A 3 -11.29 0.64 -2.28
N ILE A 4 -10.37 -0.29 -2.44
CA ILE A 4 -9.33 -0.19 -3.46
C ILE A 4 -9.01 -1.58 -4.00
N VAL A 5 -8.79 -1.68 -5.30
CA VAL A 5 -8.47 -2.96 -5.92
C VAL A 5 -7.35 -2.84 -6.95
N ASN A 6 -6.33 -3.69 -6.79
CA ASN A 6 -5.19 -3.72 -7.69
C ASN A 6 -5.25 -5.01 -8.49
N THR A 7 -5.17 -4.92 -9.81
CA THR A 7 -5.22 -6.11 -10.64
C THR A 7 -4.43 -5.95 -11.93
N ASN A 8 -4.02 -7.07 -12.51
CA ASN A 8 -3.25 -7.08 -13.75
C ASN A 8 -4.17 -7.05 -14.95
N VAL A 9 -5.48 -7.20 -14.71
CA VAL A 9 -6.47 -7.17 -15.77
C VAL A 9 -6.41 -5.86 -16.54
N PRO A 10 -6.33 -5.95 -17.88
CA PRO A 10 -6.25 -4.78 -18.75
C PRO A 10 -7.43 -3.82 -18.54
N ARG A 11 -7.14 -2.53 -18.59
CA ARG A 11 -8.13 -1.48 -18.39
C ARG A 11 -9.29 -1.62 -19.38
N ALA A 12 -9.00 -2.12 -20.58
CA ALA A 12 -10.02 -2.29 -21.61
C ALA A 12 -11.08 -3.32 -21.20
N SER A 13 -10.67 -4.31 -20.43
CA SER A 13 -11.57 -5.36 -19.98
C SER A 13 -12.29 -4.99 -18.69
N VAL A 14 -12.04 -3.78 -18.20
CA VAL A 14 -12.67 -3.31 -16.98
C VAL A 14 -14.08 -2.79 -17.26
N PRO A 15 -15.09 -3.41 -16.63
CA PRO A 15 -16.49 -3.03 -16.80
C PRO A 15 -16.86 -1.77 -16.02
N ASP A 16 -17.81 -1.01 -16.55
CA ASP A 16 -18.26 0.21 -15.90
C ASP A 16 -19.45 -0.09 -15.00
N GLY A 17 -19.76 0.84 -14.10
CA GLY A 17 -20.86 0.65 -13.19
C GLY A 17 -20.42 -0.09 -11.95
N PHE A 18 -19.17 -0.52 -11.93
CA PHE A 18 -18.60 -1.27 -10.82
C PHE A 18 -18.47 -0.36 -9.60
N LEU A 19 -17.98 0.85 -9.81
CA LEU A 19 -17.81 1.80 -8.73
C LEU A 19 -19.17 2.27 -8.20
N SER A 20 -20.15 2.35 -9.10
CA SER A 20 -21.48 2.77 -8.74
C SER A 20 -22.10 1.75 -7.80
N GLU A 21 -22.01 0.48 -8.19
CA GLU A 21 -22.53 -0.61 -7.38
C GLU A 21 -21.77 -0.73 -6.07
N LEU A 22 -20.44 -0.60 -6.14
CA LEU A 22 -19.60 -0.69 -4.96
C LEU A 22 -19.98 0.36 -3.91
N THR A 23 -20.20 1.59 -4.37
CA THR A 23 -20.58 2.67 -3.46
C THR A 23 -21.89 2.37 -2.74
N GLN A 24 -22.76 1.64 -3.43
CA GLN A 24 -24.05 1.27 -2.86
C GLN A 24 -23.93 0.03 -1.96
N GLN A 25 -23.32 -1.01 -2.49
CA GLN A 25 -23.15 -2.26 -1.76
C GLN A 25 -22.33 -2.10 -0.48
N LEU A 26 -21.16 -1.48 -0.61
CA LEU A 26 -20.27 -1.29 0.54
C LEU A 26 -20.97 -0.51 1.65
N ALA A 27 -21.74 0.50 1.25
CA ALA A 27 -22.47 1.32 2.20
C ALA A 27 -23.44 0.48 3.01
N GLN A 28 -24.20 -0.37 2.32
CA GLN A 28 -25.18 -1.24 2.97
C GLN A 28 -24.51 -2.41 3.70
N ALA A 29 -23.29 -2.72 3.31
CA ALA A 29 -22.54 -3.81 3.93
C ALA A 29 -22.01 -3.41 5.30
N THR A 30 -21.44 -2.22 5.38
CA THR A 30 -20.89 -1.72 6.62
C THR A 30 -21.95 -1.00 7.47
N GLY A 31 -23.01 -0.55 6.82
CA GLY A 31 -24.07 0.15 7.52
C GLY A 31 -23.77 1.64 7.68
N LYS A 32 -23.29 2.24 6.61
CA LYS A 32 -22.95 3.66 6.61
C LYS A 32 -23.41 4.30 5.31
N PRO A 33 -23.67 5.61 5.32
CA PRO A 33 -24.12 6.32 4.11
C PRO A 33 -23.04 6.33 3.03
N PRO A 34 -23.45 6.33 1.74
CA PRO A 34 -22.52 6.32 0.60
C PRO A 34 -21.65 7.58 0.53
N GLN A 35 -21.97 8.57 1.36
CA GLN A 35 -21.21 9.81 1.38
C GLN A 35 -19.82 9.61 2.00
N TYR A 36 -19.67 8.53 2.75
CA TYR A 36 -18.40 8.22 3.39
C TYR A 36 -17.74 7.03 2.69
N ILE A 37 -18.15 6.77 1.46
CA ILE A 37 -17.59 5.67 0.68
C ILE A 37 -16.59 6.16 -0.35
N ALA A 38 -15.41 5.57 -0.35
CA ALA A 38 -14.38 5.95 -1.30
C ALA A 38 -14.00 4.73 -2.15
N VAL A 39 -13.87 4.94 -3.46
CA VAL A 39 -13.53 3.85 -4.37
C VAL A 39 -12.30 4.18 -5.23
N HIS A 40 -11.35 3.26 -5.24
CA HIS A 40 -10.13 3.41 -6.02
C HIS A 40 -9.86 2.13 -6.82
N VAL A 41 -9.55 2.29 -8.09
CA VAL A 41 -9.27 1.15 -8.95
C VAL A 41 -8.05 1.42 -9.83
N VAL A 42 -7.27 0.38 -10.07
CA VAL A 42 -6.09 0.49 -10.90
C VAL A 42 -5.77 -0.84 -11.58
N PRO A 43 -6.04 -0.90 -12.89
CA PRO A 43 -5.81 -2.10 -13.70
C PRO A 43 -4.48 -2.06 -14.45
N ASP A 44 -4.25 -3.07 -15.29
CA ASP A 44 -3.04 -3.18 -16.10
C ASP A 44 -1.75 -3.16 -15.27
N GLN A 45 -1.83 -3.72 -14.06
CA GLN A 45 -0.67 -3.76 -13.18
C GLN A 45 0.23 -4.95 -13.48
N LEU A 46 1.53 -4.81 -13.23
CA LEU A 46 2.49 -5.87 -13.49
C LEU A 46 2.63 -6.81 -12.29
N MET A 47 1.72 -7.76 -12.19
CA MET A 47 1.75 -8.73 -11.10
C MET A 47 1.71 -10.16 -11.64
N ALA A 48 2.30 -11.09 -10.90
CA ALA A 48 2.35 -12.48 -11.29
C ALA A 48 2.08 -13.39 -10.09
N PHE A 49 1.69 -14.62 -10.36
CA PHE A 49 1.38 -15.57 -9.30
C PHE A 49 2.30 -16.77 -9.40
N GLY A 50 3.19 -16.92 -8.42
CA GLY A 50 4.13 -18.03 -8.42
C GLY A 50 5.20 -17.88 -9.48
N GLY A 51 5.23 -16.70 -10.11
CA GLY A 51 6.19 -16.44 -11.16
C GLY A 51 5.52 -16.37 -12.51
N SER A 52 4.47 -17.17 -12.67
CA SER A 52 3.72 -17.22 -13.92
C SER A 52 2.71 -16.08 -13.97
N SER A 53 2.41 -15.61 -15.16
CA SER A 53 1.46 -14.52 -15.33
C SER A 53 0.02 -14.99 -15.15
N GLU A 54 -0.44 -14.94 -13.91
CA GLU A 54 -1.79 -15.36 -13.57
C GLU A 54 -2.62 -14.16 -13.15
N PRO A 55 -3.89 -14.07 -13.59
CA PRO A 55 -4.77 -12.97 -13.23
C PRO A 55 -5.13 -12.98 -11.75
N CYS A 56 -4.56 -12.07 -10.99
CA CYS A 56 -4.80 -11.98 -9.56
C CYS A 56 -5.61 -10.73 -9.22
N ALA A 57 -6.27 -10.75 -8.07
CA ALA A 57 -7.07 -9.63 -7.63
C ALA A 57 -6.74 -9.25 -6.19
N LEU A 58 -6.05 -8.14 -6.02
CA LEU A 58 -5.68 -7.67 -4.70
C LEU A 58 -6.65 -6.60 -4.24
N CYS A 59 -7.60 -6.98 -3.39
CA CYS A 59 -8.59 -6.05 -2.89
C CYS A 59 -8.30 -5.64 -1.45
N SER A 60 -8.58 -4.39 -1.12
CA SER A 60 -8.36 -3.90 0.23
C SER A 60 -9.54 -3.05 0.68
N LEU A 61 -9.98 -3.28 1.92
CA LEU A 61 -11.10 -2.54 2.48
C LEU A 61 -10.64 -1.72 3.67
N HIS A 62 -11.20 -0.53 3.81
CA HIS A 62 -10.84 0.35 4.91
C HIS A 62 -12.09 0.75 5.71
N SER A 63 -12.39 -0.04 6.71
CA SER A 63 -13.53 0.21 7.57
C SER A 63 -13.11 0.07 9.02
N ILE A 64 -13.62 0.95 9.87
CA ILE A 64 -13.29 0.91 11.28
C ILE A 64 -14.27 0.02 12.05
N GLY A 65 -13.75 -1.03 12.64
CA GLY A 65 -14.57 -1.96 13.40
C GLY A 65 -15.25 -2.96 12.50
N LYS A 66 -16.27 -3.63 13.04
CA LYS A 66 -17.05 -4.63 12.30
C LYS A 66 -16.16 -5.77 11.80
N ILE A 67 -15.07 -6.03 12.52
CA ILE A 67 -14.14 -7.08 12.15
C ILE A 67 -14.51 -8.41 12.80
N GLY A 68 -14.27 -9.50 12.08
CA GLY A 68 -14.58 -10.82 12.58
C GLY A 68 -14.43 -11.87 11.50
N GLY A 69 -14.22 -13.12 11.91
CA GLY A 69 -14.07 -14.20 10.95
C GLY A 69 -15.35 -14.44 10.17
N ALA A 70 -16.46 -14.51 10.88
CA ALA A 70 -17.76 -14.72 10.25
C ALA A 70 -18.20 -13.45 9.53
N GLN A 71 -17.88 -12.31 10.12
CA GLN A 71 -18.23 -11.02 9.55
C GLN A 71 -17.55 -10.83 8.20
N ASN A 72 -16.28 -11.20 8.12
CA ASN A 72 -15.51 -11.07 6.88
C ASN A 72 -16.16 -11.82 5.73
N ARG A 73 -16.71 -12.99 6.02
CA ARG A 73 -17.36 -13.80 5.01
C ARG A 73 -18.71 -13.20 4.58
N SER A 74 -19.12 -12.17 5.29
CA SER A 74 -20.36 -11.48 4.98
C SER A 74 -20.07 -10.28 4.08
N TYR A 75 -18.78 -9.97 3.93
CA TYR A 75 -18.37 -8.85 3.10
C TYR A 75 -17.65 -9.34 1.85
N SER A 76 -16.69 -10.24 2.04
CA SER A 76 -15.90 -10.78 0.94
C SER A 76 -16.74 -11.58 -0.06
N LYS A 77 -17.71 -12.34 0.44
CA LYS A 77 -18.59 -13.13 -0.42
C LYS A 77 -19.44 -12.23 -1.31
N LEU A 78 -19.70 -11.03 -0.81
CA LEU A 78 -20.50 -10.05 -1.53
C LEU A 78 -19.59 -9.14 -2.36
N LEU A 79 -18.34 -9.55 -2.52
CA LEU A 79 -17.37 -8.79 -3.29
C LEU A 79 -16.75 -9.66 -4.38
N CYS A 80 -16.32 -10.86 -3.99
CA CYS A 80 -15.71 -11.79 -4.93
C CYS A 80 -16.66 -12.14 -6.06
N GLY A 81 -17.93 -12.32 -5.72
CA GLY A 81 -18.93 -12.66 -6.72
C GLY A 81 -19.13 -11.55 -7.72
N LEU A 82 -19.01 -10.30 -7.26
CA LEU A 82 -19.18 -9.14 -8.12
C LEU A 82 -18.06 -9.07 -9.15
N LEU A 83 -16.82 -9.20 -8.68
CA LEU A 83 -15.67 -9.14 -9.58
C LEU A 83 -15.60 -10.38 -10.47
N ALA A 84 -16.11 -11.49 -9.98
CA ALA A 84 -16.11 -12.74 -10.74
C ALA A 84 -17.10 -12.66 -11.90
N GLU A 85 -18.21 -11.96 -11.67
CA GLU A 85 -19.23 -11.82 -12.70
C GLU A 85 -18.89 -10.67 -13.65
N ARG A 86 -18.12 -9.71 -13.15
CA ARG A 86 -17.74 -8.56 -13.94
C ARG A 86 -16.44 -8.78 -14.72
N LEU A 87 -15.33 -8.90 -14.00
CA LEU A 87 -14.02 -9.07 -14.63
C LEU A 87 -13.67 -10.54 -14.83
N ARG A 88 -14.54 -11.42 -14.36
CA ARG A 88 -14.35 -12.87 -14.48
C ARG A 88 -13.11 -13.36 -13.75
N ILE A 89 -12.85 -12.78 -12.59
CA ILE A 89 -11.68 -13.18 -11.79
C ILE A 89 -12.09 -14.25 -10.78
N SER A 90 -11.22 -15.21 -10.55
CA SER A 90 -11.50 -16.29 -9.61
C SER A 90 -11.31 -15.82 -8.16
N PRO A 91 -12.26 -16.15 -7.27
CA PRO A 91 -12.19 -15.76 -5.85
C PRO A 91 -10.96 -16.34 -5.16
N ASP A 92 -10.42 -17.42 -5.72
CA ASP A 92 -9.24 -18.08 -5.16
C ASP A 92 -7.97 -17.30 -5.49
N ARG A 93 -8.14 -16.20 -6.22
CA ARG A 93 -7.02 -15.33 -6.58
C ARG A 93 -7.24 -13.95 -6.00
N VAL A 94 -8.18 -13.85 -5.07
CA VAL A 94 -8.52 -12.57 -4.45
C VAL A 94 -7.99 -12.49 -3.02
N TYR A 95 -7.14 -11.50 -2.78
CA TYR A 95 -6.57 -11.28 -1.47
C TYR A 95 -7.33 -10.13 -0.80
N ILE A 96 -7.72 -10.32 0.45
CA ILE A 96 -8.46 -9.29 1.17
C ILE A 96 -7.63 -8.70 2.31
N ASN A 97 -7.38 -7.39 2.22
CA ASN A 97 -6.61 -6.69 3.23
C ASN A 97 -7.53 -5.85 4.14
N TYR A 98 -7.34 -5.98 5.44
CA TYR A 98 -8.13 -5.24 6.42
C TYR A 98 -7.22 -4.77 7.55
N TYR A 99 -7.79 -4.11 8.57
CA TYR A 99 -7.01 -3.63 9.70
C TYR A 99 -7.82 -3.68 11.00
N ASP A 100 -7.13 -3.73 12.13
CA ASP A 100 -7.77 -3.81 13.45
C ASP A 100 -7.31 -2.68 14.36
N MET A 101 -6.89 -1.58 13.75
CA MET A 101 -6.43 -0.41 14.50
C MET A 101 -7.56 0.21 15.32
N ASN A 102 -7.21 0.75 16.48
CA ASN A 102 -8.18 1.40 17.37
C ASN A 102 -8.71 2.68 16.73
N ALA A 103 -9.97 2.99 17.04
CA ALA A 103 -10.63 4.18 16.48
C ALA A 103 -9.93 5.49 16.85
N ALA A 104 -9.13 5.46 17.91
CA ALA A 104 -8.41 6.65 18.35
C ALA A 104 -7.42 7.15 17.29
N ASN A 105 -6.94 6.23 16.46
CA ASN A 105 -5.99 6.58 15.41
C ASN A 105 -6.68 6.70 14.05
N VAL A 106 -8.00 6.57 14.05
CA VAL A 106 -8.78 6.66 12.82
C VAL A 106 -9.69 7.88 12.85
N GLY A 107 -9.17 8.99 12.33
CA GLY A 107 -9.95 10.22 12.29
C GLY A 107 -10.22 10.66 10.86
N TRP A 108 -10.55 11.94 10.69
CA TRP A 108 -10.84 12.47 9.37
C TRP A 108 -10.71 13.99 9.36
N ASN A 109 -10.24 14.51 8.24
CA ASN A 109 -10.06 15.96 8.03
C ASN A 109 -8.99 16.57 8.93
N ASN A 110 -7.80 16.76 8.37
CA ASN A 110 -6.67 17.37 9.07
C ASN A 110 -6.18 16.54 10.27
N SER A 111 -6.73 15.35 10.41
CA SER A 111 -6.37 14.47 11.50
C SER A 111 -5.67 13.20 11.01
N THR A 112 -5.31 12.33 11.95
CA THR A 112 -4.64 11.08 11.62
C THR A 112 -5.60 10.06 11.05
N PHE A 113 -5.08 9.21 10.18
CA PHE A 113 -5.87 8.17 9.55
C PHE A 113 -5.14 6.84 9.68
N ALA A 114 -5.89 5.75 9.69
CA ALA A 114 -5.32 4.41 9.79
C ALA A 114 -6.18 3.41 9.04
N PRO B 1 -4.77 3.15 2.20
CA PRO B 1 -3.53 2.63 1.59
C PRO B 1 -3.52 1.11 1.61
N MET B 2 -3.21 0.50 0.47
CA MET B 2 -3.16 -0.95 0.38
C MET B 2 -1.73 -1.45 0.33
N PHE B 3 -1.52 -2.63 -0.24
CA PHE B 3 -0.18 -3.20 -0.35
C PHE B 3 0.26 -3.28 -1.81
N ILE B 4 1.34 -2.58 -2.14
CA ILE B 4 1.88 -2.57 -3.50
C ILE B 4 3.33 -2.13 -3.49
N VAL B 5 4.12 -2.66 -4.42
CA VAL B 5 5.54 -2.32 -4.50
C VAL B 5 5.84 -1.57 -5.80
N ASN B 6 6.34 -0.36 -5.66
CA ASN B 6 6.71 0.47 -6.80
C ASN B 6 8.17 0.89 -6.67
N THR B 7 8.78 1.32 -7.76
CA THR B 7 10.16 1.76 -7.73
C THR B 7 10.44 2.80 -8.82
N ASN B 8 11.46 3.63 -8.60
CA ASN B 8 11.83 4.67 -9.55
C ASN B 8 12.75 4.13 -10.64
N VAL B 9 12.97 2.82 -10.62
CA VAL B 9 13.82 2.18 -11.62
C VAL B 9 13.00 1.91 -12.88
N PRO B 10 13.52 2.30 -14.06
CA PRO B 10 12.83 2.09 -15.34
C PRO B 10 12.64 0.61 -15.67
N ARG B 11 11.63 0.32 -16.49
CA ARG B 11 11.33 -1.05 -16.88
C ARG B 11 12.44 -1.66 -17.72
N ALA B 12 13.22 -0.80 -18.36
CA ALA B 12 14.32 -1.26 -19.21
C ALA B 12 15.46 -1.85 -18.38
N SER B 13 15.45 -1.59 -17.09
CA SER B 13 16.48 -2.11 -16.20
C SER B 13 16.02 -3.40 -15.53
N VAL B 14 14.80 -3.82 -15.84
CA VAL B 14 14.22 -5.03 -15.27
C VAL B 14 14.50 -6.22 -16.19
N PRO B 15 15.32 -7.17 -15.74
CA PRO B 15 15.68 -8.36 -16.52
C PRO B 15 14.58 -9.42 -16.51
N ASP B 16 14.74 -10.43 -17.36
CA ASP B 16 13.77 -11.51 -17.45
C ASP B 16 14.06 -12.58 -16.41
N GLY B 17 13.02 -13.29 -16.00
CA GLY B 17 13.18 -14.35 -15.01
C GLY B 17 13.20 -13.81 -13.59
N PHE B 18 13.04 -12.50 -13.47
CA PHE B 18 13.05 -11.83 -12.17
C PHE B 18 11.95 -12.36 -11.25
N LEU B 19 10.72 -12.41 -11.74
CA LEU B 19 9.60 -12.90 -10.95
C LEU B 19 9.72 -14.40 -10.66
N SER B 20 10.45 -15.11 -11.51
CA SER B 20 10.63 -16.54 -11.33
C SER B 20 11.61 -16.83 -10.21
N GLU B 21 12.77 -16.17 -10.24
CA GLU B 21 13.79 -16.37 -9.22
C GLU B 21 13.35 -15.80 -7.88
N LEU B 22 12.49 -14.78 -7.93
CA LEU B 22 11.98 -14.16 -6.71
C LEU B 22 11.09 -15.11 -5.94
N THR B 23 10.04 -15.59 -6.60
CA THR B 23 9.10 -16.52 -5.98
C THR B 23 9.79 -17.81 -5.55
N GLN B 24 10.69 -18.31 -6.40
CA GLN B 24 11.42 -19.54 -6.10
C GLN B 24 12.29 -19.36 -4.86
N GLN B 25 12.97 -18.23 -4.77
CA GLN B 25 13.84 -17.94 -3.63
C GLN B 25 13.03 -17.80 -2.36
N LEU B 26 11.96 -17.02 -2.43
CA LEU B 26 11.09 -16.80 -1.27
C LEU B 26 10.48 -18.10 -0.77
N ALA B 27 9.98 -18.91 -1.70
CA ALA B 27 9.36 -20.19 -1.36
C ALA B 27 10.34 -21.10 -0.63
N GLN B 28 11.60 -21.06 -1.02
CA GLN B 28 12.63 -21.88 -0.40
C GLN B 28 13.12 -21.26 0.90
N ALA B 29 13.26 -19.93 0.91
CA ALA B 29 13.73 -19.21 2.08
C ALA B 29 12.82 -19.44 3.28
N THR B 30 11.53 -19.16 3.10
CA THR B 30 10.55 -19.33 4.17
C THR B 30 10.17 -20.80 4.32
N GLY B 31 10.39 -21.58 3.27
CA GLY B 31 10.06 -22.98 3.29
C GLY B 31 8.56 -23.19 3.20
N LYS B 32 7.92 -22.45 2.31
CA LYS B 32 6.48 -22.53 2.11
C LYS B 32 6.16 -22.73 0.64
N PRO B 33 5.04 -23.40 0.33
CA PRO B 33 4.61 -23.64 -1.05
C PRO B 33 4.38 -22.33 -1.82
N PRO B 34 4.92 -22.23 -3.05
CA PRO B 34 4.79 -21.03 -3.89
C PRO B 34 3.37 -20.82 -4.41
N GLN B 35 2.48 -21.75 -4.07
CA GLN B 35 1.09 -21.67 -4.52
C GLN B 35 0.28 -20.73 -3.63
N TYR B 36 0.92 -20.18 -2.61
CA TYR B 36 0.25 -19.28 -1.69
C TYR B 36 0.95 -17.92 -1.64
N ILE B 37 1.79 -17.65 -2.63
CA ILE B 37 2.51 -16.37 -2.69
C ILE B 37 2.49 -15.78 -4.10
N ALA B 38 2.50 -14.46 -4.18
CA ALA B 38 2.48 -13.76 -5.46
C ALA B 38 3.49 -12.63 -5.48
N VAL B 39 3.82 -12.17 -6.67
CA VAL B 39 4.79 -11.08 -6.83
C VAL B 39 4.14 -9.89 -7.55
N HIS B 40 4.56 -8.69 -7.19
CA HIS B 40 4.01 -7.48 -7.80
C HIS B 40 4.96 -6.31 -7.59
N VAL B 41 5.41 -5.73 -8.70
CA VAL B 41 6.31 -4.59 -8.67
C VAL B 41 6.10 -3.70 -9.89
N VAL B 42 5.80 -2.44 -9.65
CA VAL B 42 5.58 -1.48 -10.73
C VAL B 42 6.75 -0.52 -10.84
N PRO B 43 7.54 -0.64 -11.91
CA PRO B 43 8.69 0.23 -12.15
C PRO B 43 8.28 1.53 -12.83
N ASP B 44 9.26 2.41 -13.03
CA ASP B 44 9.05 3.71 -13.66
C ASP B 44 8.09 4.59 -12.84
N GLN B 45 8.48 4.89 -11.61
CA GLN B 45 7.66 5.73 -10.73
C GLN B 45 8.46 6.90 -10.19
N LEU B 46 7.82 7.74 -9.39
CA LEU B 46 8.47 8.90 -8.82
C LEU B 46 8.76 8.70 -7.33
N MET B 47 10.01 8.44 -7.00
CA MET B 47 10.40 8.23 -5.62
C MET B 47 11.83 8.69 -5.36
N ALA B 48 12.12 9.04 -4.12
CA ALA B 48 13.44 9.49 -3.71
C ALA B 48 13.68 9.15 -2.25
N PHE B 49 14.94 9.14 -1.83
CA PHE B 49 15.29 8.82 -0.45
C PHE B 49 16.36 9.78 0.05
N GLY B 50 15.98 10.69 0.94
CA GLY B 50 16.91 11.65 1.49
C GLY B 50 17.37 12.66 0.46
N GLY B 51 16.54 12.88 -0.56
CA GLY B 51 16.89 13.83 -1.60
C GLY B 51 17.60 13.16 -2.76
N SER B 52 18.01 11.92 -2.57
CA SER B 52 18.70 11.15 -3.60
C SER B 52 17.75 10.74 -4.72
N SER B 53 18.12 11.05 -5.95
CA SER B 53 17.31 10.71 -7.12
C SER B 53 17.79 9.41 -7.75
N GLU B 54 18.69 8.72 -7.06
CA GLU B 54 19.24 7.46 -7.53
C GLU B 54 18.23 6.33 -7.26
N PRO B 55 18.45 5.14 -7.83
CA PRO B 55 17.55 3.98 -7.62
C PRO B 55 17.24 3.74 -6.14
N CYS B 56 15.96 3.81 -5.80
CA CYS B 56 15.49 3.59 -4.44
C CYS B 56 14.32 2.62 -4.47
N ALA B 57 14.03 1.97 -3.35
CA ALA B 57 12.93 1.02 -3.29
C ALA B 57 12.38 0.86 -1.88
N LEU B 58 11.19 0.29 -1.80
CA LEU B 58 10.50 0.01 -0.54
C LEU B 58 9.81 -1.33 -0.67
N CYS B 59 10.02 -2.22 0.29
CA CYS B 59 9.42 -3.54 0.23
C CYS B 59 8.72 -3.94 1.52
N SER B 60 7.52 -4.50 1.38
CA SER B 60 6.73 -4.94 2.51
C SER B 60 6.63 -6.45 2.50
N LEU B 61 7.08 -7.08 3.58
CA LEU B 61 7.06 -8.53 3.68
C LEU B 61 5.97 -9.01 4.61
N HIS B 62 4.82 -9.31 4.05
CA HIS B 62 3.69 -9.81 4.83
C HIS B 62 3.57 -11.32 4.66
N SER B 63 3.93 -12.05 5.71
CA SER B 63 3.88 -13.49 5.69
C SER B 63 3.28 -14.03 6.98
N ILE B 64 2.66 -15.20 6.90
CA ILE B 64 2.05 -15.82 8.06
C ILE B 64 3.10 -16.53 8.91
N GLY B 65 3.56 -15.87 9.96
CA GLY B 65 4.55 -16.46 10.84
C GLY B 65 5.94 -16.41 10.26
N LYS B 66 6.86 -17.16 10.88
CA LYS B 66 8.24 -17.22 10.45
C LYS B 66 8.93 -15.86 10.54
N ILE B 67 8.53 -15.06 11.51
CA ILE B 67 9.12 -13.74 11.70
C ILE B 67 9.69 -13.59 13.10
N GLY B 68 11.02 -13.55 13.18
CA GLY B 68 11.69 -13.42 14.45
C GLY B 68 12.74 -12.34 14.38
N GLY B 69 13.14 -11.82 15.54
CA GLY B 69 14.14 -10.77 15.59
C GLY B 69 15.47 -11.16 14.95
N ALA B 70 15.97 -12.33 15.31
CA ALA B 70 17.24 -12.81 14.78
C ALA B 70 17.08 -13.34 13.35
N GLN B 71 15.86 -13.69 12.99
CA GLN B 71 15.58 -14.23 11.66
C GLN B 71 15.38 -13.11 10.64
N ASN B 72 14.77 -12.02 11.08
CA ASN B 72 14.49 -10.88 10.20
C ASN B 72 15.77 -10.34 9.57
N ARG B 73 16.87 -10.41 10.32
CA ARG B 73 18.17 -9.95 9.83
C ARG B 73 18.60 -10.77 8.63
N SER B 74 18.40 -12.09 8.71
CA SER B 74 18.76 -13.00 7.64
C SER B 74 17.90 -12.74 6.41
N TYR B 75 16.62 -12.46 6.62
CA TYR B 75 15.70 -12.19 5.53
C TYR B 75 16.14 -10.96 4.74
N SER B 76 16.44 -9.87 5.47
CA SER B 76 16.88 -8.63 4.84
C SER B 76 18.11 -8.86 3.98
N LYS B 77 19.04 -9.68 4.48
CA LYS B 77 20.26 -9.99 3.76
C LYS B 77 19.95 -10.72 2.46
N LEU B 78 19.09 -11.73 2.55
CA LEU B 78 18.71 -12.52 1.38
C LEU B 78 17.98 -11.68 0.32
N LEU B 79 17.13 -10.78 0.79
CA LEU B 79 16.38 -9.89 -0.10
C LEU B 79 17.29 -9.02 -0.94
N CYS B 80 18.07 -8.17 -0.27
CA CYS B 80 18.99 -7.27 -0.97
C CYS B 80 20.11 -8.03 -1.66
N GLY B 81 20.35 -9.26 -1.20
CA GLY B 81 21.38 -10.10 -1.79
C GLY B 81 21.18 -10.29 -3.27
N LEU B 82 19.99 -10.72 -3.66
CA LEU B 82 19.69 -10.94 -5.07
C LEU B 82 19.24 -9.65 -5.75
N LEU B 83 18.57 -8.79 -4.98
CA LEU B 83 18.07 -7.52 -5.51
C LEU B 83 19.20 -6.64 -6.06
N ALA B 84 20.34 -6.65 -5.39
CA ALA B 84 21.48 -5.85 -5.81
C ALA B 84 22.11 -6.37 -7.09
N GLU B 85 21.95 -7.66 -7.35
CA GLU B 85 22.52 -8.27 -8.55
C GLU B 85 21.53 -8.22 -9.70
N ARG B 86 20.24 -8.14 -9.37
CA ARG B 86 19.19 -8.11 -10.39
C ARG B 86 18.82 -6.68 -10.80
N LEU B 87 18.47 -5.85 -9.83
CA LEU B 87 18.07 -4.47 -10.12
C LEU B 87 19.13 -3.46 -9.73
N ARG B 88 20.24 -3.95 -9.18
CA ARG B 88 21.34 -3.08 -8.75
C ARG B 88 20.89 -2.07 -7.72
N ILE B 89 20.00 -2.52 -6.83
CA ILE B 89 19.48 -1.65 -5.78
C ILE B 89 20.42 -1.61 -4.59
N SER B 90 20.60 -0.42 -4.03
CA SER B 90 21.46 -0.23 -2.88
C SER B 90 20.70 -0.62 -1.61
N PRO B 91 21.31 -1.48 -0.77
CA PRO B 91 20.69 -1.96 0.47
C PRO B 91 20.41 -0.84 1.46
N ASP B 92 21.04 0.32 1.25
CA ASP B 92 20.85 1.47 2.11
C ASP B 92 19.77 2.40 1.56
N ARG B 93 19.20 2.05 0.42
CA ARG B 93 18.17 2.87 -0.20
C ARG B 93 16.86 2.11 -0.35
N VAL B 94 16.77 1.00 0.37
CA VAL B 94 15.58 0.16 0.34
C VAL B 94 15.11 -0.18 1.75
N TYR B 95 13.90 0.24 2.09
CA TYR B 95 13.34 -0.02 3.40
C TYR B 95 12.58 -1.35 3.40
N ILE B 96 12.85 -2.17 4.39
CA ILE B 96 12.21 -3.47 4.52
C ILE B 96 11.39 -3.54 5.80
N ASN B 97 10.11 -3.85 5.67
CA ASN B 97 9.23 -3.96 6.83
C ASN B 97 8.48 -5.28 6.80
N TYR B 98 8.43 -5.97 7.93
CA TYR B 98 7.75 -7.26 8.02
C TYR B 98 6.40 -7.14 8.71
N TYR B 99 5.46 -7.97 8.29
CA TYR B 99 4.12 -7.99 8.86
C TYR B 99 3.73 -9.42 9.21
N ASP B 100 3.56 -9.69 10.50
CA ASP B 100 3.19 -11.02 10.97
C ASP B 100 1.73 -11.03 11.41
N MET B 101 1.02 -12.11 11.08
CA MET B 101 -0.37 -12.25 11.44
C MET B 101 -0.70 -13.65 11.95
N ASN B 102 -1.86 -13.78 12.60
CA ASN B 102 -2.31 -15.06 13.16
C ASN B 102 -2.61 -16.08 12.06
N ALA B 103 -2.60 -17.36 12.43
CA ALA B 103 -2.85 -18.44 11.48
C ALA B 103 -4.27 -18.42 10.91
N ALA B 104 -5.17 -17.75 11.61
CA ALA B 104 -6.56 -17.67 11.18
C ALA B 104 -6.81 -16.41 10.35
N ASN B 105 -5.80 -15.56 10.26
CA ASN B 105 -5.92 -14.32 9.51
C ASN B 105 -5.01 -14.32 8.29
N VAL B 106 -5.41 -15.06 7.28
CA VAL B 106 -4.65 -15.14 6.04
C VAL B 106 -5.47 -14.56 4.90
N GLY B 107 -4.92 -14.61 3.70
CA GLY B 107 -5.64 -14.09 2.55
C GLY B 107 -5.84 -15.14 1.49
N TRP B 108 -6.68 -16.13 1.76
CA TRP B 108 -6.93 -17.19 0.79
C TRP B 108 -8.42 -17.47 0.63
N ASN B 109 -9.10 -16.62 -0.14
CA ASN B 109 -10.53 -16.75 -0.41
C ASN B 109 -11.41 -16.60 0.83
N ASN B 110 -12.18 -15.51 0.88
CA ASN B 110 -13.09 -15.24 2.00
C ASN B 110 -12.38 -15.17 3.35
N SER B 111 -11.18 -14.62 3.34
CA SER B 111 -10.40 -14.50 4.56
C SER B 111 -9.97 -13.05 4.75
N THR B 112 -9.84 -12.63 6.01
CA THR B 112 -9.46 -11.25 6.30
C THR B 112 -8.01 -11.16 6.78
N PHE B 113 -7.15 -10.61 5.94
CA PHE B 113 -5.73 -10.47 6.26
C PHE B 113 -5.45 -9.07 6.78
N ALA B 114 -4.99 -8.99 8.03
CA ALA B 114 -4.70 -7.71 8.66
C ALA B 114 -3.20 -7.44 8.70
N PRO C 1 -1.47 -3.59 5.54
CA PRO C 1 -1.20 -2.74 4.38
C PRO C 1 0.21 -2.16 4.49
N MET C 2 0.51 -1.17 3.65
CA MET C 2 1.81 -0.52 3.67
C MET C 2 1.67 0.99 3.52
N PHE C 3 2.79 1.68 3.37
CA PHE C 3 2.80 3.13 3.26
C PHE C 3 2.90 3.58 1.80
N ILE C 4 1.89 4.32 1.35
CA ILE C 4 1.87 4.83 -0.02
C ILE C 4 0.83 5.95 -0.15
N VAL C 5 1.09 6.89 -1.06
CA VAL C 5 0.19 8.00 -1.27
C VAL C 5 -0.43 7.94 -2.67
N ASN C 6 -1.60 8.52 -2.83
CA ASN C 6 -2.30 8.53 -4.12
C ASN C 6 -3.08 9.82 -4.30
N THR C 7 -3.49 10.10 -5.52
CA THR C 7 -4.26 11.29 -5.82
C THR C 7 -4.91 11.20 -7.20
N ASN C 8 -6.06 11.86 -7.35
CA ASN C 8 -6.77 11.87 -8.62
C ASN C 8 -6.19 12.94 -9.53
N VAL C 9 -5.33 13.78 -8.94
CA VAL C 9 -4.67 14.84 -9.69
C VAL C 9 -3.68 14.25 -10.69
N PRO C 10 -3.82 14.60 -11.97
CA PRO C 10 -2.94 14.11 -13.04
C PRO C 10 -1.49 14.53 -12.84
N ARG C 11 -0.56 13.83 -13.50
CA ARG C 11 0.85 14.14 -13.39
C ARG C 11 1.15 15.51 -13.98
N ALA C 12 0.32 15.93 -14.93
CA ALA C 12 0.49 17.22 -15.59
C ALA C 12 0.04 18.38 -14.69
N SER C 13 -0.27 18.08 -13.44
CA SER C 13 -0.70 19.11 -12.50
C SER C 13 0.09 19.03 -11.19
N VAL C 14 1.21 18.29 -11.21
CA VAL C 14 2.04 18.15 -10.03
C VAL C 14 3.08 19.27 -9.98
N PRO C 15 3.54 19.65 -8.77
CA PRO C 15 4.53 20.72 -8.59
C PRO C 15 5.93 20.27 -9.02
N ASP C 16 6.91 21.12 -8.75
CA ASP C 16 8.30 20.81 -9.08
C ASP C 16 9.14 20.78 -7.82
N GLY C 17 10.08 19.83 -7.76
CA GLY C 17 10.93 19.71 -6.59
C GLY C 17 10.14 19.29 -5.36
N PHE C 18 9.06 18.56 -5.58
CA PHE C 18 8.19 18.10 -4.50
C PHE C 18 8.90 17.11 -3.58
N LEU C 19 9.81 16.32 -4.13
CA LEU C 19 10.56 15.35 -3.35
C LEU C 19 11.45 16.04 -2.33
N SER C 20 12.02 17.17 -2.73
CA SER C 20 12.91 17.93 -1.87
C SER C 20 12.11 18.68 -0.82
N GLU C 21 10.99 19.28 -1.25
CA GLU C 21 10.13 20.04 -0.37
C GLU C 21 9.56 19.19 0.76
N LEU C 22 8.94 18.07 0.39
CA LEU C 22 8.32 17.17 1.36
C LEU C 22 9.34 16.63 2.38
N THR C 23 10.41 16.04 1.89
CA THR C 23 11.45 15.48 2.77
C THR C 23 12.01 16.53 3.73
N GLN C 24 12.26 17.72 3.21
CA GLN C 24 12.80 18.80 4.01
C GLN C 24 11.83 19.21 5.12
N GLN C 25 10.58 19.42 4.76
CA GLN C 25 9.55 19.82 5.71
C GLN C 25 9.30 18.76 6.77
N LEU C 26 9.16 17.51 6.33
CA LEU C 26 8.89 16.40 7.25
C LEU C 26 10.05 16.21 8.24
N ALA C 27 11.28 16.33 7.74
CA ALA C 27 12.45 16.16 8.58
C ALA C 27 12.52 17.23 9.66
N GLN C 28 12.21 18.47 9.27
CA GLN C 28 12.23 19.59 10.21
C GLN C 28 11.07 19.51 11.19
N ALA C 29 9.96 18.94 10.75
CA ALA C 29 8.78 18.81 11.61
C ALA C 29 8.94 17.69 12.63
N THR C 30 9.44 16.54 12.20
CA THR C 30 9.60 15.41 13.08
C THR C 30 10.86 15.55 13.93
N GLY C 31 11.89 16.16 13.36
CA GLY C 31 13.15 16.33 14.06
C GLY C 31 14.08 15.17 13.78
N LYS C 32 13.72 14.37 12.78
CA LYS C 32 14.50 13.22 12.38
C LYS C 32 15.36 13.55 11.18
N PRO C 33 16.49 12.84 11.00
CA PRO C 33 17.39 13.06 9.86
C PRO C 33 16.70 12.81 8.52
N PRO C 34 16.82 13.78 7.59
CA PRO C 34 16.19 13.69 6.26
C PRO C 34 16.66 12.49 5.45
N GLN C 35 17.85 11.97 5.77
CA GLN C 35 18.39 10.82 5.06
C GLN C 35 17.72 9.52 5.46
N TYR C 36 16.75 9.61 6.36
CA TYR C 36 16.00 8.44 6.81
C TYR C 36 14.54 8.56 6.39
N ILE C 37 14.24 9.59 5.61
CA ILE C 37 12.88 9.82 5.13
C ILE C 37 12.82 9.73 3.61
N ALA C 38 11.95 8.84 3.12
CA ALA C 38 11.78 8.66 1.70
C ALA C 38 10.53 9.39 1.23
N VAL C 39 10.39 9.51 -0.08
CA VAL C 39 9.24 10.18 -0.67
C VAL C 39 8.82 9.50 -1.97
N HIS C 40 7.69 8.82 -1.91
CA HIS C 40 7.16 8.12 -3.07
C HIS C 40 5.73 8.59 -3.34
N VAL C 41 5.53 9.26 -4.46
CA VAL C 41 4.21 9.78 -4.82
C VAL C 41 3.74 9.21 -6.15
N VAL C 42 2.51 8.71 -6.16
CA VAL C 42 1.92 8.15 -7.37
C VAL C 42 0.65 8.92 -7.73
N PRO C 43 0.77 9.92 -8.61
CA PRO C 43 -0.36 10.72 -9.05
C PRO C 43 -0.99 10.10 -10.29
N ASP C 44 -1.97 10.81 -10.87
CA ASP C 44 -2.67 10.34 -12.08
C ASP C 44 -3.35 8.99 -11.84
N GLN C 45 -4.34 8.99 -10.95
CA GLN C 45 -5.09 7.78 -10.63
C GLN C 45 -6.58 8.07 -10.50
N LEU C 46 -7.39 7.22 -11.12
CA LEU C 46 -8.85 7.37 -11.08
C LEU C 46 -9.41 6.92 -9.73
N MET C 47 -9.91 7.88 -8.96
CA MET C 47 -10.47 7.61 -7.65
C MET C 47 -11.67 8.53 -7.40
N ALA C 48 -12.52 8.13 -6.46
CA ALA C 48 -13.71 8.91 -6.13
C ALA C 48 -14.08 8.72 -4.67
N PHE C 49 -14.76 9.71 -4.10
CA PHE C 49 -15.19 9.67 -2.71
C PHE C 49 -16.56 10.33 -2.56
N GLY C 50 -17.49 9.62 -1.96
CA GLY C 50 -18.83 10.16 -1.77
C GLY C 50 -19.61 10.18 -3.07
N GLY C 51 -19.33 9.22 -3.94
CA GLY C 51 -20.02 9.13 -5.22
C GLY C 51 -19.40 10.03 -6.27
N SER C 52 -19.21 11.30 -5.92
CA SER C 52 -18.62 12.28 -6.83
C SER C 52 -17.18 11.92 -7.19
N SER C 53 -16.85 12.12 -8.46
CA SER C 53 -15.51 11.81 -8.95
C SER C 53 -14.58 13.02 -8.84
N GLU C 54 -14.74 13.78 -7.76
CA GLU C 54 -13.92 14.95 -7.52
C GLU C 54 -12.48 14.53 -7.26
N PRO C 55 -11.51 15.36 -7.70
CA PRO C 55 -10.08 15.07 -7.53
C PRO C 55 -9.65 14.98 -6.06
N CYS C 56 -9.76 13.79 -5.49
CA CYS C 56 -9.39 13.56 -4.11
C CYS C 56 -7.94 13.09 -4.02
N ALA C 57 -7.44 12.94 -2.79
CA ALA C 57 -6.07 12.50 -2.57
C ALA C 57 -5.89 11.98 -1.16
N LEU C 58 -5.00 11.01 -1.01
CA LEU C 58 -4.72 10.42 0.29
C LEU C 58 -3.22 10.31 0.51
N CYS C 59 -2.75 10.75 1.68
CA CYS C 59 -1.33 10.72 1.99
C CYS C 59 -1.07 9.79 3.16
N SER C 60 0.11 9.19 3.19
CA SER C 60 0.49 8.27 4.25
C SER C 60 1.97 8.46 4.62
N LEU C 61 2.35 7.94 5.78
CA LEU C 61 3.74 8.03 6.23
C LEU C 61 4.01 6.96 7.29
N HIS C 62 5.25 6.47 7.32
CA HIS C 62 5.65 5.46 8.29
C HIS C 62 6.63 6.06 9.27
N SER C 63 6.64 5.52 10.49
CA SER C 63 7.55 6.00 11.53
C SER C 63 7.81 4.92 12.57
N ILE C 64 8.80 5.15 13.43
CA ILE C 64 9.14 4.20 14.48
C ILE C 64 8.85 4.82 15.85
N GLY C 65 7.57 5.00 16.11
CA GLY C 65 7.14 5.58 17.37
C GLY C 65 6.66 7.00 17.17
N LYS C 66 6.49 7.73 18.27
CA LYS C 66 6.04 9.12 18.23
C LYS C 66 4.67 9.27 17.57
N ILE C 67 3.65 8.72 18.21
CA ILE C 67 2.29 8.79 17.68
C ILE C 67 1.32 9.16 18.79
N GLY C 68 0.12 9.57 18.40
CA GLY C 68 -0.88 9.95 19.38
C GLY C 68 -2.01 10.73 18.74
N GLY C 69 -3.11 10.88 19.45
CA GLY C 69 -4.24 11.63 18.91
C GLY C 69 -3.87 13.05 18.57
N ALA C 70 -3.40 13.79 19.55
CA ALA C 70 -3.01 15.18 19.34
C ALA C 70 -1.68 15.27 18.61
N GLN C 71 -0.81 14.31 18.86
CA GLN C 71 0.51 14.27 18.24
C GLN C 71 0.38 14.16 16.72
N ASN C 72 -0.33 13.13 16.26
CA ASN C 72 -0.52 12.90 14.83
C ASN C 72 -1.22 14.08 14.18
N ARG C 73 -2.23 14.61 14.86
CA ARG C 73 -3.01 15.74 14.35
C ARG C 73 -2.11 16.97 14.11
N SER C 74 -1.15 17.18 15.01
CA SER C 74 -0.25 18.31 14.89
C SER C 74 0.65 18.19 13.67
N TYR C 75 0.83 16.96 13.19
CA TYR C 75 1.64 16.71 12.01
C TYR C 75 0.80 16.75 10.75
N SER C 76 -0.38 16.13 10.80
CA SER C 76 -1.28 16.09 9.65
C SER C 76 -1.76 17.49 9.29
N LYS C 77 -2.00 18.32 10.30
CA LYS C 77 -2.47 19.68 10.10
C LYS C 77 -1.53 20.46 9.17
N LEU C 78 -0.23 20.29 9.39
CA LEU C 78 0.78 20.97 8.58
C LEU C 78 0.73 20.50 7.14
N LEU C 79 0.60 19.20 6.94
CA LEU C 79 0.55 18.62 5.61
C LEU C 79 -0.69 19.08 4.85
N CYS C 80 -1.84 19.03 5.51
CA CYS C 80 -3.10 19.44 4.90
C CYS C 80 -3.07 20.90 4.48
N GLY C 81 -2.54 21.75 5.35
CA GLY C 81 -2.46 23.17 5.06
C GLY C 81 -1.57 23.46 3.87
N LEU C 82 -0.49 22.70 3.76
CA LEU C 82 0.46 22.87 2.67
C LEU C 82 -0.10 22.31 1.36
N LEU C 83 -0.66 21.11 1.43
CA LEU C 83 -1.21 20.44 0.26
C LEU C 83 -2.33 21.24 -0.38
N ALA C 84 -3.24 21.75 0.43
CA ALA C 84 -4.37 22.52 -0.06
C ALA C 84 -3.92 23.77 -0.81
N GLU C 85 -2.78 24.32 -0.39
CA GLU C 85 -2.24 25.51 -1.01
C GLU C 85 -1.44 25.18 -2.25
N ARG C 86 -0.62 24.14 -2.17
CA ARG C 86 0.22 23.72 -3.28
C ARG C 86 -0.55 23.09 -4.43
N LEU C 87 -1.57 22.30 -4.11
CA LEU C 87 -2.33 21.62 -5.14
C LEU C 87 -3.67 22.30 -5.45
N ARG C 88 -3.98 23.38 -4.73
CA ARG C 88 -5.25 24.10 -4.92
C ARG C 88 -6.43 23.16 -4.75
N ILE C 89 -6.35 22.31 -3.74
CA ILE C 89 -7.39 21.34 -3.46
C ILE C 89 -8.17 21.71 -2.21
N SER C 90 -9.24 20.96 -1.94
CA SER C 90 -10.08 21.21 -0.79
C SER C 90 -9.45 20.62 0.48
N PRO C 91 -9.14 21.47 1.46
CA PRO C 91 -8.52 21.04 2.71
C PRO C 91 -9.53 20.42 3.68
N ASP C 92 -10.80 20.43 3.29
CA ASP C 92 -11.86 19.89 4.13
C ASP C 92 -12.02 18.38 3.95
N ARG C 93 -11.09 17.75 3.24
CA ARG C 93 -11.16 16.32 3.01
C ARG C 93 -9.76 15.70 2.94
N VAL C 94 -8.82 16.29 3.65
CA VAL C 94 -7.46 15.78 3.66
C VAL C 94 -7.21 14.92 4.88
N TYR C 95 -6.69 13.72 4.67
CA TYR C 95 -6.39 12.80 5.76
C TYR C 95 -5.03 12.13 5.55
N ILE C 96 -4.18 12.21 6.57
CA ILE C 96 -2.85 11.62 6.48
C ILE C 96 -2.76 10.35 7.32
N ASN C 97 -2.48 9.23 6.65
CA ASN C 97 -2.37 7.94 7.31
C ASN C 97 -1.01 7.79 7.97
N TYR C 98 -1.00 7.71 9.29
CA TYR C 98 0.25 7.57 10.04
C TYR C 98 0.33 6.20 10.70
N TYR C 99 1.33 5.42 10.32
CA TYR C 99 1.51 4.10 10.90
C TYR C 99 2.91 3.91 11.44
N ASP C 100 2.99 3.33 12.64
CA ASP C 100 4.26 3.07 13.29
C ASP C 100 4.66 1.60 13.11
N MET C 101 5.93 1.37 12.83
CA MET C 101 6.42 0.01 12.60
C MET C 101 7.25 -0.50 13.78
N ASN C 102 7.20 -1.81 13.99
CA ASN C 102 7.95 -2.45 15.05
C ASN C 102 9.44 -2.44 14.72
N ALA C 103 10.25 -2.00 15.66
CA ALA C 103 11.71 -1.92 15.48
C ALA C 103 12.32 -3.26 15.09
N ALA C 104 11.74 -4.34 15.60
CA ALA C 104 12.24 -5.68 15.31
C ALA C 104 11.92 -6.09 13.88
N ASN C 105 11.04 -5.33 13.23
CA ASN C 105 10.64 -5.62 11.86
C ASN C 105 11.18 -4.57 10.88
N VAL C 106 12.08 -3.71 11.37
CA VAL C 106 12.66 -2.68 10.52
C VAL C 106 14.00 -3.16 9.95
N GLY C 107 13.98 -3.57 8.69
CA GLY C 107 15.18 -4.03 8.03
C GLY C 107 15.76 -2.94 7.15
N TRP C 108 17.00 -2.57 7.39
CA TRP C 108 17.65 -1.55 6.60
C TRP C 108 19.15 -1.81 6.52
N ASN C 109 19.63 -2.12 5.32
CA ASN C 109 21.04 -2.41 5.07
C ASN C 109 21.49 -3.68 5.78
N ASN C 110 20.85 -4.80 5.43
CA ASN C 110 21.15 -6.12 6.00
C ASN C 110 20.70 -6.29 7.45
N SER C 111 21.15 -5.39 8.31
CA SER C 111 20.83 -5.45 9.73
C SER C 111 19.51 -4.77 10.06
N THR C 112 18.92 -5.19 11.18
CA THR C 112 17.66 -4.65 11.64
C THR C 112 17.89 -3.40 12.50
N PHE C 113 16.94 -2.47 12.46
CA PHE C 113 17.05 -1.23 13.21
C PHE C 113 16.49 -1.40 14.63
N ALA C 114 17.05 -2.36 15.35
CA ALA C 114 16.62 -2.63 16.72
C ALA C 114 17.75 -2.41 17.72
C00 VIU D . -15.12 7.41 8.41
C01 VIU D . -14.38 6.93 7.33
C02 VIU D . -14.13 7.75 6.24
N0K VIU D . -13.41 7.29 5.21
C0M VIU D . -12.84 5.94 5.14
C0N VIU D . -11.79 6.12 4.03
C0P VIU D . -13.08 8.07 4.01
C0O VIU D . -12.61 6.97 3.06
C05 VIU D . -15.61 8.71 8.39
C04 VIU D . -15.36 9.52 7.30
C03 VIU D . -14.62 9.05 6.24
S09 VIU D . -15.96 11.17 7.20
N06 VIU D . -16.36 9.12 9.51
C07 VIU D . -16.92 10.39 9.67
C08 VIU D . -16.81 11.40 8.71
C0A VIU D . -17.39 12.64 8.94
C0D VIU D . -17.62 10.63 10.83
C0C VIU D . -18.20 11.88 11.07
C0B VIU D . -18.09 12.88 10.12
N0F VIU D . -18.64 14.08 10.33
C0G VIU D . -19.40 14.44 11.54
C0H VIU D . -20.11 15.72 11.08
C0J VIU D . -18.57 15.22 9.40
C0I VIU D . -18.97 16.38 10.31
C0E VIU D . -17.76 9.53 11.88
C0Q VIU D . -15.33 6.44 9.58
C0R VIU D . -14.19 6.52 10.58
H0S VIU D . -13.99 5.92 7.37
H18 VIU D . -12.34 5.59 6.05
H17 VIU D . -13.61 5.22 4.85
H19 VIU D . -11.42 5.18 3.61
H1A VIU D . -10.92 6.69 4.37
H1D VIU D . -13.96 8.58 3.62
H1E VIU D . -12.30 8.81 4.22
H1B VIU D . -13.44 6.42 2.62
H1C VIU D . -11.99 7.32 2.22
H0T VIU D . -14.45 9.70 5.38
H0U VIU D . -17.28 13.41 8.18
H0V VIU D . -18.76 12.04 11.99
H0Z VIU D . -18.71 14.65 12.37
H10 VIU D . -20.14 13.71 11.86
H11 VIU D . -20.51 16.32 11.90
H12 VIU D . -20.94 15.50 10.39
H16 VIU D . -19.26 15.09 8.56
H15 VIU D . -17.56 15.35 9.01
H14 VIU D . -19.32 17.27 9.78
H13 VIU D . -18.15 16.69 10.96
H0Y VIU D . -17.31 9.85 12.83
H0W VIU D . -17.26 8.62 11.57
H0X VIU D . -18.82 9.29 12.05
H1F VIU D . -15.41 5.42 9.19
H1G VIU D . -16.29 6.62 10.09
H1J VIU D . -13.43 7.24 10.27
H1H VIU D . -13.70 5.55 10.69
H1I VIU D . -14.56 6.82 11.56
#